data_3TSN
#
_entry.id   3TSN
#
_cell.length_a   141.938
_cell.length_b   141.938
_cell.length_c   121.004
_cell.angle_alpha   90.00
_cell.angle_beta   90.00
_cell.angle_gamma   90.00
#
_symmetry.space_group_name_H-M   'P 43'
#
loop_
_entity.id
_entity.type
_entity.pdbx_description
1 polymer '4-hydroxythreonine-4-phosphate dehydrogenase'
2 non-polymer 'NICKEL (II) ION'
3 non-polymer 'UNKNOWN LIGAND'
4 water water
#
_entity_poly.entity_id   1
_entity_poly.type   'polypeptide(L)'
_entity_poly.pdbx_seq_one_letter_code
;SNA(MSE)KKLAISIGDINSIGLEILVRSHEELSKICTPFYFIHESLLNKALKLLNLKLFNAKIVAFKDDKDYEFNFIKK
ENSLEIYSFCLPLGFKVDENFEIQAGEIDAKSGLYGFLSFKAASYFVYEKHAHALLTLPIHKKAWEDAGLKYKGHTDALR
DFFKKNAI(MSE)(MSE)LGCKELFVGLFSEHIPLAKVSKKITFKNLSIFLKDFYKETHFKK(MSE)GLLGFNPHAGDYG
VIGGEEEKI(MSE)EKAIAFVNAFLHSKKDEKFFKKALKDENLQKELLLNFKGKGVYLPYPLVADTAFTKTGLKNCNRLV
A(MSE)YHDLALAPLKALYFDKSINVSLNLPIIRVSVDHGTAFDKAYKNAKINTKSYFEAAKFAINLHSKA
;
_entity_poly.pdbx_strand_id   A,B,C,D
#
loop_
_chem_comp.id
_chem_comp.type
_chem_comp.name
_chem_comp.formula
NI non-polymer 'NICKEL (II) ION' 'Ni 2'
UNL non-polymer 'UNKNOWN LIGAND' ?
#
# COMPACT_ATOMS: atom_id res chain seq x y z
N ALA A 3 15.21 3.13 -3.26
CA ALA A 3 14.68 3.53 -4.61
C ALA A 3 13.16 3.83 -4.57
N MSE A 4 12.39 3.03 -3.82
CA MSE A 4 10.90 3.04 -3.89
C MSE A 4 10.23 3.98 -2.88
O MSE A 4 10.39 3.83 -1.67
CB MSE A 4 10.29 1.63 -3.70
CG MSE A 4 10.73 0.58 -4.71
SE MSE A 4 10.05 0.78 -6.53
CE MSE A 4 11.49 1.85 -7.33
N LYS A 5 9.48 4.93 -3.41
CA LYS A 5 8.76 5.86 -2.60
C LYS A 5 7.28 5.43 -2.51
N LYS A 6 6.69 5.67 -1.34
CA LYS A 6 5.31 5.32 -1.13
C LYS A 6 4.46 6.45 -1.66
N LEU A 7 3.50 6.10 -2.51
CA LEU A 7 2.57 7.04 -3.13
C LEU A 7 1.13 6.78 -2.65
N ALA A 8 0.49 7.80 -2.07
CA ALA A 8 -0.89 7.62 -1.59
C ALA A 8 -1.88 8.01 -2.69
N ILE A 9 -2.80 7.12 -3.03
CA ILE A 9 -3.71 7.40 -4.12
C ILE A 9 -5.14 7.35 -3.63
N SER A 10 -5.83 8.50 -3.63
CA SER A 10 -7.24 8.57 -3.31
C SER A 10 -8.06 8.27 -4.57
N ILE A 11 -9.14 7.49 -4.43
CA ILE A 11 -9.77 6.86 -5.60
C ILE A 11 -10.76 7.69 -6.41
N GLY A 12 -11.08 8.88 -5.89
CA GLY A 12 -12.01 9.77 -6.59
C GLY A 12 -13.45 9.31 -6.50
N ASP A 13 -14.25 9.65 -7.51
CA ASP A 13 -15.60 9.14 -7.54
C ASP A 13 -15.56 7.73 -8.14
N ILE A 14 -15.92 6.75 -7.34
CA ILE A 14 -15.94 5.37 -7.80
C ILE A 14 -16.90 5.18 -8.98
N ASN A 15 -17.87 6.08 -9.15
CA ASN A 15 -18.78 5.96 -10.32
C ASN A 15 -18.19 6.40 -11.64
N SER A 16 -16.96 6.89 -11.61
CA SER A 16 -16.28 7.33 -12.82
C SER A 16 -15.18 6.37 -13.28
N ILE A 17 -14.48 6.79 -14.32
CA ILE A 17 -13.34 6.08 -14.86
C ILE A 17 -12.09 6.06 -13.95
N GLY A 18 -12.20 6.67 -12.78
CA GLY A 18 -11.09 6.62 -11.82
C GLY A 18 -10.59 5.21 -11.53
N LEU A 19 -11.46 4.33 -11.05
CA LEU A 19 -11.03 2.97 -10.72
C LEU A 19 -10.36 2.21 -11.88
N GLU A 20 -10.88 2.38 -13.10
CA GLU A 20 -10.35 1.65 -14.25
C GLU A 20 -8.92 2.05 -14.48
N ILE A 21 -8.68 3.36 -14.47
CA ILE A 21 -7.32 3.91 -14.56
C ILE A 21 -6.47 3.21 -13.52
N LEU A 22 -6.92 3.22 -12.28
CA LEU A 22 -6.13 2.67 -11.19
C LEU A 22 -5.67 1.23 -11.47
N VAL A 23 -6.61 0.40 -11.88
CA VAL A 23 -6.43 -1.03 -12.02
C VAL A 23 -5.60 -1.39 -13.23
N ARG A 24 -5.96 -0.84 -14.38
CA ARG A 24 -5.20 -1.10 -15.58
C ARG A 24 -3.75 -0.67 -15.43
N SER A 25 -3.53 0.39 -14.65
CA SER A 25 -2.19 0.95 -14.50
C SER A 25 -1.37 0.28 -13.42
N HIS A 26 -1.99 -0.54 -12.59
CA HIS A 26 -1.30 -1.04 -11.39
C HIS A 26 0.04 -1.73 -11.63
N GLU A 27 0.07 -2.72 -12.53
CA GLU A 27 1.28 -3.49 -12.79
C GLU A 27 2.48 -2.59 -13.18
N GLU A 28 2.29 -1.67 -14.12
CA GLU A 28 3.39 -0.79 -14.48
C GLU A 28 3.72 0.20 -13.36
N LEU A 29 2.73 0.61 -12.59
CA LEU A 29 2.97 1.65 -11.57
C LEU A 29 3.76 1.09 -10.37
N SER A 30 3.48 -0.17 -10.01
CA SER A 30 4.22 -0.81 -8.91
C SER A 30 5.70 -1.02 -9.22
N LYS A 31 6.12 -0.72 -10.46
CA LYS A 31 7.50 -0.93 -10.83
C LYS A 31 8.33 0.31 -10.58
N ILE A 32 7.66 1.43 -10.29
CA ILE A 32 8.33 2.71 -10.12
C ILE A 32 8.12 3.35 -8.74
N CYS A 33 7.18 2.81 -7.98
CA CYS A 33 6.91 3.31 -6.64
C CYS A 33 6.00 2.32 -5.96
N THR A 34 5.79 2.50 -4.66
CA THR A 34 4.89 1.61 -3.91
C THR A 34 3.57 2.33 -3.68
N PRO A 35 2.51 1.95 -4.42
CA PRO A 35 1.26 2.72 -4.28
C PRO A 35 0.38 2.17 -3.18
N PHE A 36 -0.22 3.03 -2.35
CA PHE A 36 -1.27 2.66 -1.40
C PHE A 36 -2.63 3.23 -1.84
N TYR A 37 -3.65 2.38 -2.01
CA TYR A 37 -4.93 2.85 -2.52
C TYR A 37 -5.98 2.96 -1.43
N PHE A 38 -6.55 4.14 -1.32
CA PHE A 38 -7.49 4.37 -0.26
C PHE A 38 -8.88 3.88 -0.65
N ILE A 39 -9.13 2.62 -0.34
CA ILE A 39 -10.37 1.96 -0.72
C ILE A 39 -10.55 0.68 0.10
N HIS A 40 -11.79 0.42 0.53
CA HIS A 40 -12.10 -0.83 1.25
C HIS A 40 -12.28 -1.99 0.27
N GLU A 41 -11.90 -3.18 0.69
CA GLU A 41 -12.05 -4.37 -0.14
C GLU A 41 -13.44 -4.59 -0.74
N SER A 42 -14.52 -4.48 0.05
CA SER A 42 -15.87 -4.74 -0.48
C SER A 42 -16.14 -3.90 -1.72
N LEU A 43 -15.74 -2.64 -1.70
CA LEU A 43 -15.93 -1.77 -2.85
C LEU A 43 -14.96 -2.09 -3.97
N LEU A 44 -13.73 -2.38 -3.62
CA LEU A 44 -12.75 -2.72 -4.63
C LEU A 44 -13.30 -3.84 -5.49
N ASN A 45 -13.84 -4.88 -4.84
CA ASN A 45 -14.38 -6.06 -5.53
C ASN A 45 -15.59 -5.76 -6.41
N LYS A 46 -16.43 -4.81 -5.97
CA LYS A 46 -17.59 -4.41 -6.76
C LYS A 46 -17.18 -3.82 -8.08
N ALA A 47 -16.11 -3.02 -8.06
CA ALA A 47 -15.60 -2.43 -9.28
C ALA A 47 -14.86 -3.45 -10.14
N LEU A 48 -14.03 -4.27 -9.52
CA LEU A 48 -13.34 -5.34 -10.20
C LEU A 48 -14.33 -6.18 -11.01
N LYS A 49 -15.33 -6.74 -10.34
CA LYS A 49 -16.30 -7.58 -11.01
C LYS A 49 -16.98 -6.81 -12.15
N LEU A 50 -17.30 -5.55 -11.90
CA LEU A 50 -17.99 -4.75 -12.89
C LEU A 50 -17.11 -4.41 -14.11
N LEU A 51 -15.81 -4.28 -13.88
CA LEU A 51 -14.85 -4.04 -14.97
C LEU A 51 -14.39 -5.31 -15.66
N ASN A 52 -14.54 -6.44 -14.95
CA ASN A 52 -14.01 -7.73 -15.35
C ASN A 52 -12.49 -7.71 -15.50
N LEU A 53 -11.83 -7.14 -14.50
CA LEU A 53 -10.38 -7.14 -14.37
C LEU A 53 -9.97 -7.76 -13.04
N LYS A 54 -8.68 -8.10 -12.92
CA LYS A 54 -8.16 -8.66 -11.67
C LYS A 54 -7.06 -7.73 -11.16
N LEU A 55 -6.66 -7.86 -9.90
CA LEU A 55 -5.65 -6.98 -9.34
C LEU A 55 -4.71 -7.74 -8.44
N PHE A 56 -3.44 -7.81 -8.83
CA PHE A 56 -2.42 -8.56 -8.09
C PHE A 56 -1.48 -7.64 -7.32
N ASN A 57 -1.09 -8.10 -6.13
CA ASN A 57 -0.02 -7.51 -5.33
C ASN A 57 -0.20 -6.01 -5.14
N ALA A 58 -1.33 -5.64 -4.55
CA ALA A 58 -1.64 -4.22 -4.34
C ALA A 58 -1.88 -3.94 -2.87
N LYS A 59 -1.47 -2.76 -2.40
CA LYS A 59 -1.70 -2.43 -1.00
C LYS A 59 -2.90 -1.51 -0.92
N ILE A 60 -3.96 -1.92 -0.22
CA ILE A 60 -5.14 -1.06 -0.05
C ILE A 60 -5.32 -0.64 1.41
N VAL A 61 -5.84 0.56 1.58
CA VAL A 61 -5.96 1.10 2.93
C VAL A 61 -7.45 1.34 3.28
N ALA A 62 -7.98 0.56 4.21
CA ALA A 62 -9.36 0.81 4.72
C ALA A 62 -9.28 1.97 5.72
N PHE A 63 -9.95 3.07 5.44
CA PHE A 63 -9.84 4.22 6.33
C PHE A 63 -11.07 4.25 7.23
N LYS A 64 -10.91 4.76 8.45
CA LYS A 64 -12.00 4.78 9.40
C LYS A 64 -11.93 6.05 10.20
N ASP A 65 -13.09 6.51 10.67
CA ASP A 65 -13.22 7.66 11.57
C ASP A 65 -12.90 7.24 13.03
N ASP A 66 -11.89 7.86 13.64
CA ASP A 66 -11.54 7.63 15.04
C ASP A 66 -11.06 8.93 15.61
N LYS A 67 -10.98 9.06 16.92
CA LYS A 67 -10.40 10.29 17.47
C LYS A 67 -8.88 10.36 17.35
N ASP A 68 -8.22 9.22 17.24
CA ASP A 68 -6.75 9.15 17.19
C ASP A 68 -6.22 8.72 15.80
N TYR A 69 -4.97 9.07 15.48
CA TYR A 69 -4.27 8.52 14.30
C TYR A 69 -3.72 7.15 14.59
N GLU A 70 -3.91 6.21 13.67
CA GLU A 70 -3.32 4.87 13.81
C GLU A 70 -3.27 4.15 12.46
N PHE A 71 -2.10 3.60 12.14
CA PHE A 71 -1.85 2.94 10.86
C PHE A 71 -1.31 1.54 11.07
N ASN A 72 -2.01 0.53 10.59
CA ASN A 72 -1.55 -0.85 10.79
C ASN A 72 -1.78 -1.70 9.59
N PHE A 73 -0.81 -2.56 9.31
CA PHE A 73 -1.03 -3.65 8.40
C PHE A 73 -1.98 -4.61 9.09
N ILE A 74 -2.95 -5.16 8.36
CA ILE A 74 -3.89 -6.10 8.95
C ILE A 74 -3.68 -7.52 8.45
N LYS A 75 -3.86 -7.77 7.17
CA LYS A 75 -3.64 -9.12 6.62
C LYS A 75 -3.45 -9.07 5.11
N LYS A 76 -2.95 -10.18 4.54
CA LYS A 76 -2.98 -10.40 3.10
C LYS A 76 -4.25 -11.20 2.77
N GLU A 77 -4.74 -11.07 1.54
CA GLU A 77 -5.84 -11.91 1.02
C GLU A 77 -5.54 -12.40 -0.41
N ASN A 78 -6.40 -12.01 -1.36
CA ASN A 78 -6.24 -12.35 -2.77
C ASN A 78 -5.10 -11.55 -3.40
N SER A 79 -3.84 -11.88 -3.06
CA SER A 79 -2.65 -11.08 -3.41
C SER A 79 -2.87 -9.60 -3.09
N LEU A 80 -3.69 -9.38 -2.08
CA LEU A 80 -4.15 -8.07 -1.68
C LEU A 80 -3.58 -7.82 -0.29
N GLU A 81 -2.99 -6.65 -0.06
CA GLU A 81 -2.48 -6.31 1.28
C GLU A 81 -3.34 -5.23 1.87
N ILE A 82 -4.02 -5.57 2.94
CA ILE A 82 -5.01 -4.71 3.52
C ILE A 82 -4.45 -3.97 4.74
N TYR A 83 -4.57 -2.65 4.75
CA TYR A 83 -4.18 -1.90 5.92
C TYR A 83 -5.35 -1.10 6.47
N SER A 84 -5.21 -0.62 7.70
CA SER A 84 -6.22 0.30 8.19
C SER A 84 -5.52 1.57 8.61
N PHE A 85 -6.19 2.68 8.33
CA PHE A 85 -5.77 3.95 8.82
C PHE A 85 -6.97 4.59 9.52
N CYS A 86 -6.85 4.74 10.83
CA CYS A 86 -7.83 5.46 11.67
C CYS A 86 -7.40 6.91 11.81
N LEU A 87 -8.35 7.82 11.66
CA LEU A 87 -8.03 9.25 11.83
C LEU A 87 -9.32 10.02 12.06
N PRO A 88 -9.22 11.24 12.64
CA PRO A 88 -10.37 12.14 12.81
C PRO A 88 -10.86 12.68 11.47
N LEU A 89 -11.91 12.08 10.91
CA LEU A 89 -12.41 12.52 9.60
C LEU A 89 -13.57 13.49 9.79
N GLY A 90 -14.37 13.22 10.81
CA GLY A 90 -15.53 14.04 11.05
C GLY A 90 -16.78 13.53 10.39
N PHE A 91 -16.68 12.39 9.69
CA PHE A 91 -17.83 11.77 9.04
C PHE A 91 -17.67 10.31 9.25
N LYS A 92 -18.77 9.57 9.30
CA LYS A 92 -18.68 8.14 9.43
C LYS A 92 -18.51 7.56 8.03
N VAL A 93 -17.42 6.81 7.83
CA VAL A 93 -17.18 6.14 6.58
C VAL A 93 -18.33 5.16 6.35
N ASP A 94 -18.88 5.15 5.15
CA ASP A 94 -19.90 4.17 4.77
C ASP A 94 -19.53 3.56 3.43
N GLU A 95 -19.02 2.34 3.45
CA GLU A 95 -18.59 1.71 2.21
C GLU A 95 -19.70 0.87 1.56
N ASN A 96 -20.76 0.56 2.31
CA ASN A 96 -21.84 -0.31 1.82
C ASN A 96 -22.90 0.46 1.00
N PHE A 97 -22.57 0.70 -0.27
CA PHE A 97 -23.50 1.17 -1.28
C PHE A 97 -23.06 0.49 -2.59
N GLU A 98 -23.87 0.56 -3.66
CA GLU A 98 -23.57 -0.11 -4.94
C GLU A 98 -22.95 0.85 -5.92
N ILE A 99 -22.18 0.36 -6.88
CA ILE A 99 -21.68 1.26 -7.91
C ILE A 99 -22.80 1.56 -8.88
N GLN A 100 -22.89 2.82 -9.32
CA GLN A 100 -23.88 3.28 -10.32
C GLN A 100 -23.16 4.04 -11.44
N ALA A 101 -22.73 3.30 -12.44
CA ALA A 101 -21.83 3.84 -13.45
C ALA A 101 -22.24 5.20 -13.98
N GLY A 102 -21.27 6.11 -14.02
CA GLY A 102 -21.44 7.45 -14.56
C GLY A 102 -22.51 8.33 -13.92
N GLU A 103 -22.92 8.05 -12.69
CA GLU A 103 -24.01 8.80 -12.06
C GLU A 103 -23.58 9.60 -10.83
N ILE A 104 -24.29 10.69 -10.58
CA ILE A 104 -24.03 11.51 -9.41
C ILE A 104 -24.85 11.00 -8.23
N ASP A 105 -24.15 10.75 -7.13
CA ASP A 105 -24.66 10.01 -5.97
C ASP A 105 -24.01 10.50 -4.67
N ALA A 106 -24.85 10.84 -3.70
CA ALA A 106 -24.41 11.24 -2.35
C ALA A 106 -23.47 10.22 -1.71
N LYS A 107 -23.78 8.93 -1.86
CA LYS A 107 -22.96 7.91 -1.23
C LYS A 107 -21.54 7.95 -1.80
N SER A 108 -21.42 7.84 -3.11
CA SER A 108 -20.09 7.67 -3.63
C SER A 108 -19.36 9.00 -3.55
N GLY A 109 -20.12 10.09 -3.63
CA GLY A 109 -19.61 11.43 -3.37
C GLY A 109 -18.88 11.52 -2.03
N LEU A 110 -19.58 11.16 -0.95
CA LEU A 110 -19.00 11.28 0.39
C LEU A 110 -17.83 10.35 0.54
N TYR A 111 -18.00 9.15 0.00
CA TYR A 111 -16.98 8.16 0.12
C TYR A 111 -15.68 8.69 -0.51
N GLY A 112 -15.76 9.25 -1.71
CA GLY A 112 -14.58 9.73 -2.39
C GLY A 112 -13.99 10.92 -1.68
N PHE A 113 -14.84 11.77 -1.10
CA PHE A 113 -14.29 12.89 -0.35
C PHE A 113 -13.42 12.32 0.81
N LEU A 114 -13.91 11.24 1.41
CA LEU A 114 -13.25 10.64 2.57
C LEU A 114 -11.93 9.91 2.24
N SER A 115 -11.92 9.23 1.08
CA SER A 115 -10.77 8.58 0.52
C SER A 115 -9.64 9.62 0.40
N PHE A 116 -9.99 10.75 -0.16
CA PHE A 116 -9.08 11.88 -0.30
C PHE A 116 -8.64 12.49 1.03
N LYS A 117 -9.59 12.65 1.96
CA LYS A 117 -9.22 13.26 3.22
C LYS A 117 -8.30 12.32 3.98
N ALA A 118 -8.62 11.04 3.93
CA ALA A 118 -7.78 10.07 4.57
C ALA A 118 -6.41 10.03 3.91
N ALA A 119 -6.38 10.15 2.60
CA ALA A 119 -5.08 9.98 1.99
C ALA A 119 -4.23 11.21 2.24
N SER A 120 -4.87 12.38 2.28
CA SER A 120 -4.15 13.62 2.48
C SER A 120 -3.47 13.61 3.82
N TYR A 121 -4.16 13.12 4.84
CA TYR A 121 -3.52 13.16 6.17
C TYR A 121 -2.54 12.02 6.34
N PHE A 122 -2.74 10.95 5.59
CA PHE A 122 -1.81 9.87 5.57
C PHE A 122 -0.47 10.45 5.13
N VAL A 123 -0.49 11.30 4.08
CA VAL A 123 0.74 11.86 3.52
C VAL A 123 1.26 12.91 4.50
N TYR A 124 0.34 13.61 5.14
CA TYR A 124 0.76 14.62 6.11
C TYR A 124 1.47 13.99 7.31
N GLU A 125 1.03 12.81 7.74
CA GLU A 125 1.63 12.14 8.86
C GLU A 125 2.92 11.44 8.39
N LYS A 126 3.29 11.65 7.13
CA LYS A 126 4.53 11.09 6.56
C LYS A 126 4.57 9.57 6.36
N HIS A 127 3.41 8.93 6.33
CA HIS A 127 3.35 7.51 6.00
C HIS A 127 3.60 7.28 4.55
N ALA A 128 3.27 8.25 3.70
CA ALA A 128 3.70 8.21 2.28
C ALA A 128 4.35 9.50 1.87
N HIS A 129 4.98 9.47 0.69
CA HIS A 129 5.79 10.56 0.18
C HIS A 129 4.97 11.64 -0.52
N ALA A 130 3.81 11.26 -1.07
CA ALA A 130 3.02 12.19 -1.84
C ALA A 130 1.64 11.66 -2.07
N LEU A 131 0.74 12.59 -2.39
CA LEU A 131 -0.64 12.31 -2.64
C LEU A 131 -0.93 12.44 -4.12
N LEU A 132 -1.56 11.43 -4.71
CA LEU A 132 -2.15 11.56 -6.03
C LEU A 132 -3.66 11.38 -5.90
N THR A 133 -4.43 12.35 -6.35
CA THR A 133 -5.88 12.26 -6.28
C THR A 133 -6.48 12.01 -7.65
N LEU A 134 -7.31 11.00 -7.75
CA LEU A 134 -8.09 10.78 -8.96
C LEU A 134 -9.28 11.75 -8.92
N PRO A 135 -9.85 12.07 -10.08
CA PRO A 135 -10.82 13.18 -10.13
C PRO A 135 -12.17 12.86 -9.43
N ILE A 136 -12.85 13.90 -8.95
CA ILE A 136 -14.12 13.76 -8.24
C ILE A 136 -15.14 14.63 -8.97
N HIS A 137 -16.44 14.43 -8.72
CA HIS A 137 -17.46 15.32 -9.24
C HIS A 137 -18.05 16.17 -8.15
N LYS A 138 -17.71 17.46 -8.15
CA LYS A 138 -18.21 18.44 -7.15
C LYS A 138 -19.73 18.38 -6.83
N LYS A 139 -20.53 18.06 -7.84
CA LYS A 139 -21.96 17.94 -7.65
C LYS A 139 -22.37 16.77 -6.74
N ALA A 140 -21.54 15.72 -6.65
CA ALA A 140 -21.86 14.65 -5.68
C ALA A 140 -21.43 15.05 -4.27
N TRP A 141 -20.34 15.82 -4.17
CA TRP A 141 -20.00 16.45 -2.92
C TRP A 141 -21.15 17.32 -2.41
N GLU A 142 -21.66 18.20 -3.30
CA GLU A 142 -22.77 19.08 -2.99
C GLU A 142 -23.97 18.28 -2.50
N ASP A 143 -24.26 17.18 -3.17
CA ASP A 143 -25.44 16.37 -2.82
C ASP A 143 -25.25 15.66 -1.50
N ALA A 144 -24.00 15.54 -1.08
CA ALA A 144 -23.68 14.84 0.15
C ALA A 144 -23.75 15.85 1.28
N GLY A 145 -24.03 17.10 0.90
CA GLY A 145 -24.11 18.18 1.85
C GLY A 145 -22.74 18.62 2.35
N LEU A 146 -21.68 18.41 1.56
CA LEU A 146 -20.38 18.98 1.91
C LEU A 146 -20.33 20.43 1.48
N LYS A 147 -19.58 21.25 2.22
CA LYS A 147 -19.46 22.67 1.86
C LYS A 147 -18.31 23.01 0.90
N TYR A 148 -17.50 22.01 0.54
CA TYR A 148 -16.34 22.25 -0.29
C TYR A 148 -16.68 22.23 -1.76
N LYS A 149 -15.92 23.01 -2.51
CA LYS A 149 -16.13 23.12 -3.95
C LYS A 149 -15.21 22.24 -4.79
N GLY A 150 -14.19 21.62 -4.18
CA GLY A 150 -13.22 20.80 -4.90
C GLY A 150 -12.05 20.50 -3.98
N HIS A 151 -11.06 19.78 -4.48
CA HIS A 151 -9.91 19.39 -3.69
C HIS A 151 -9.20 20.56 -3.02
N THR A 152 -9.04 21.62 -3.78
CA THR A 152 -8.22 22.77 -3.40
C THR A 152 -8.83 23.46 -2.19
N ASP A 153 -10.13 23.67 -2.26
CA ASP A 153 -10.88 24.22 -1.17
C ASP A 153 -10.76 23.35 0.10
N ALA A 154 -10.71 22.03 -0.08
CA ALA A 154 -10.68 21.17 1.04
C ALA A 154 -9.24 21.18 1.62
N LEU A 155 -8.25 21.23 0.73
CA LEU A 155 -6.89 21.29 1.16
C LEU A 155 -6.58 22.60 1.91
N ARG A 156 -7.22 23.70 1.52
CA ARG A 156 -7.06 24.95 2.20
C ARG A 156 -7.59 24.82 3.63
N ASP A 157 -8.75 24.18 3.76
CA ASP A 157 -9.33 23.95 5.07
C ASP A 157 -8.53 22.99 5.94
N PHE A 158 -8.06 21.89 5.37
CA PHE A 158 -7.29 20.92 6.14
C PHE A 158 -6.01 21.54 6.66
N PHE A 159 -5.28 22.24 5.79
CA PHE A 159 -3.87 22.63 6.05
C PHE A 159 -3.64 24.14 6.27
N LYS A 160 -4.72 24.91 6.17
CA LYS A 160 -4.68 26.38 6.26
C LYS A 160 -3.65 27.10 5.37
N LYS A 161 -3.45 26.61 4.14
CA LYS A 161 -2.60 27.27 3.17
C LYS A 161 -3.35 27.38 1.88
N ASN A 162 -3.07 28.42 1.07
CA ASN A 162 -3.72 28.50 -0.21
C ASN A 162 -2.80 27.94 -1.26
N ALA A 163 -3.17 26.81 -1.86
CA ALA A 163 -2.31 26.18 -2.84
C ALA A 163 -2.12 27.07 -4.07
N ILE A 164 -0.95 27.00 -4.69
CA ILE A 164 -0.75 27.56 -6.01
C ILE A 164 -0.91 26.43 -7.03
N MSE A 165 -1.71 26.63 -8.05
CA MSE A 165 -1.86 25.62 -9.08
C MSE A 165 -0.78 25.76 -10.16
O MSE A 165 -0.51 26.87 -10.65
CB MSE A 165 -3.27 25.72 -9.70
CG MSE A 165 -3.56 24.61 -10.72
SE MSE A 165 -3.62 22.82 -9.92
CE MSE A 165 -5.21 23.03 -8.83
N MSE A 166 -0.14 24.68 -10.54
CA MSE A 166 0.76 24.69 -11.67
C MSE A 166 0.32 23.58 -12.61
O MSE A 166 0.16 22.45 -12.18
CB MSE A 166 2.21 24.49 -11.22
CG MSE A 166 3.20 24.18 -12.31
SE MSE A 166 4.99 24.23 -11.64
CE MSE A 166 5.24 22.37 -11.07
N LEU A 167 0.18 23.88 -13.89
CA LEU A 167 -0.30 22.86 -14.82
C LEU A 167 0.73 22.51 -15.87
N GLY A 168 0.62 21.31 -16.44
CA GLY A 168 1.43 20.99 -17.60
C GLY A 168 2.27 19.77 -17.40
N CYS A 169 3.51 19.84 -17.86
CA CYS A 169 4.45 18.70 -17.87
C CYS A 169 5.87 19.23 -18.14
N LYS A 170 6.83 18.33 -18.33
CA LYS A 170 8.26 18.71 -18.39
C LYS A 170 8.56 19.75 -19.52
N GLU A 171 7.93 19.58 -20.69
CA GLU A 171 8.10 20.54 -21.77
C GLU A 171 7.58 21.96 -21.49
N LEU A 172 6.66 22.08 -20.53
CA LEU A 172 5.97 23.34 -20.27
C LEU A 172 5.14 23.25 -19.02
N PHE A 173 5.46 24.07 -18.03
CA PHE A 173 4.65 24.24 -16.82
C PHE A 173 4.26 25.70 -16.73
N VAL A 174 3.04 25.92 -16.25
CA VAL A 174 2.50 27.25 -16.11
C VAL A 174 1.87 27.31 -14.74
N GLY A 175 2.28 28.29 -13.93
CA GLY A 175 1.58 28.63 -12.69
C GLY A 175 0.38 29.50 -12.98
N LEU A 176 -0.70 29.38 -12.21
CA LEU A 176 -1.89 30.20 -12.41
C LEU A 176 -2.08 31.26 -11.27
N PHE A 177 -1.90 32.54 -11.61
CA PHE A 177 -2.08 33.59 -10.63
C PHE A 177 -3.54 33.64 -10.19
N SER A 178 -4.46 33.22 -11.04
CA SER A 178 -5.86 33.17 -10.65
C SER A 178 -6.46 32.00 -11.40
N GLU A 179 -7.55 31.44 -10.84
CA GLU A 179 -8.08 30.18 -11.34
C GLU A 179 -9.51 30.19 -11.82
N HIS A 180 -10.43 29.62 -11.05
CA HIS A 180 -11.84 29.68 -11.40
C HIS A 180 -12.53 30.91 -10.81
N ILE A 181 -12.19 32.09 -11.35
CA ILE A 181 -12.94 33.34 -11.12
C ILE A 181 -13.31 33.97 -12.49
N PRO A 182 -14.39 34.75 -12.57
CA PRO A 182 -14.76 35.31 -13.86
C PRO A 182 -13.64 36.17 -14.43
N LEU A 183 -13.50 36.21 -15.76
CA LEU A 183 -12.36 36.87 -16.37
C LEU A 183 -12.44 38.39 -16.16
N ALA A 184 -13.65 38.90 -15.97
CA ALA A 184 -13.81 40.34 -15.74
C ALA A 184 -13.31 40.71 -14.34
N LYS A 185 -13.05 39.73 -13.50
CA LYS A 185 -12.58 40.05 -12.18
C LYS A 185 -11.08 40.08 -12.07
N VAL A 186 -10.36 39.60 -13.09
CA VAL A 186 -8.91 39.29 -12.94
C VAL A 186 -8.04 40.53 -12.84
N SER A 187 -8.31 41.50 -13.69
CA SER A 187 -7.65 42.80 -13.65
C SER A 187 -7.44 43.36 -12.23
N LYS A 188 -8.52 43.48 -11.45
CA LYS A 188 -8.40 44.19 -10.15
C LYS A 188 -7.59 43.36 -9.15
N LYS A 189 -7.45 42.06 -9.41
CA LYS A 189 -6.65 41.17 -8.61
C LYS A 189 -5.15 41.34 -8.92
N ILE A 190 -4.79 41.97 -10.03
CA ILE A 190 -3.40 42.06 -10.33
C ILE A 190 -2.85 43.30 -9.66
N THR A 191 -2.37 43.15 -8.42
CA THR A 191 -1.84 44.29 -7.68
C THR A 191 -0.42 43.96 -7.31
N PHE A 192 0.39 44.99 -7.12
CA PHE A 192 1.74 44.82 -6.65
C PHE A 192 1.87 43.86 -5.44
N LYS A 193 1.08 44.07 -4.39
CA LYS A 193 1.16 43.21 -3.22
C LYS A 193 0.88 41.79 -3.59
N ASN A 194 -0.22 41.52 -4.29
CA ASN A 194 -0.63 40.12 -4.50
C ASN A 194 0.32 39.39 -5.42
N LEU A 195 0.78 40.10 -6.43
CA LEU A 195 1.60 39.49 -7.40
C LEU A 195 2.97 39.25 -6.81
N SER A 196 3.47 40.17 -6.00
CA SER A 196 4.74 39.88 -5.37
C SER A 196 4.73 38.62 -4.47
N ILE A 197 3.72 38.51 -3.61
CA ILE A 197 3.63 37.35 -2.75
C ILE A 197 3.58 36.08 -3.60
N PHE A 198 2.81 36.10 -4.68
CA PHE A 198 2.68 34.93 -5.53
C PHE A 198 3.98 34.52 -6.20
N LEU A 199 4.73 35.51 -6.71
CA LEU A 199 5.97 35.26 -7.39
C LEU A 199 7.07 34.80 -6.42
N LYS A 200 7.05 35.30 -5.21
CA LYS A 200 7.96 34.80 -4.18
C LYS A 200 7.63 33.33 -3.83
N ASP A 201 6.35 33.05 -3.59
CA ASP A 201 5.98 31.71 -3.17
C ASP A 201 6.19 30.72 -4.32
N PHE A 202 5.89 31.13 -5.54
CA PHE A 202 6.05 30.27 -6.66
C PHE A 202 7.52 29.92 -6.89
N TYR A 203 8.41 30.88 -6.73
CA TYR A 203 9.81 30.55 -6.84
C TYR A 203 10.19 29.60 -5.71
N LYS A 204 9.80 29.92 -4.48
CA LYS A 204 10.25 29.09 -3.37
C LYS A 204 9.75 27.67 -3.56
N GLU A 205 8.59 27.54 -4.18
CA GLU A 205 7.99 26.22 -4.30
C GLU A 205 8.58 25.39 -5.43
N THR A 206 9.26 26.03 -6.37
CA THR A 206 9.70 25.32 -7.58
C THR A 206 11.18 25.39 -7.90
N HIS A 207 11.81 26.47 -7.47
CA HIS A 207 13.20 26.78 -7.80
C HIS A 207 13.52 26.84 -9.28
N PHE A 208 12.53 27.16 -10.14
CA PHE A 208 12.84 27.36 -11.56
C PHE A 208 13.86 28.52 -11.75
N LYS A 209 14.75 28.41 -12.74
CA LYS A 209 15.85 29.36 -12.82
C LYS A 209 15.59 30.52 -13.79
N LYS A 210 14.61 30.33 -14.66
CA LYS A 210 14.29 31.24 -15.72
C LYS A 210 12.79 31.12 -15.92
N MSE A 211 12.02 32.06 -15.39
CA MSE A 211 10.57 32.04 -15.52
C MSE A 211 10.06 33.32 -16.17
O MSE A 211 10.63 34.42 -15.98
CB MSE A 211 9.92 31.94 -14.15
CG MSE A 211 10.07 30.61 -13.44
SE MSE A 211 9.50 30.73 -11.58
CE MSE A 211 10.99 31.75 -10.93
N GLY A 212 8.95 33.20 -16.90
CA GLY A 212 8.40 34.36 -17.55
C GLY A 212 6.95 34.56 -17.24
N LEU A 213 6.55 35.81 -16.99
CA LEU A 213 5.15 36.21 -16.91
C LEU A 213 4.51 36.50 -18.26
N LEU A 214 3.29 36.01 -18.45
CA LEU A 214 2.54 36.33 -19.66
C LEU A 214 1.83 37.65 -19.55
N GLY A 215 1.98 38.47 -20.57
CA GLY A 215 1.13 39.65 -20.68
C GLY A 215 -0.31 39.33 -20.39
N PHE A 216 -0.96 40.25 -19.69
CA PHE A 216 -2.42 40.23 -19.46
C PHE A 216 -3.13 40.80 -20.66
N ASN A 217 -2.59 41.88 -21.24
CA ASN A 217 -3.20 42.54 -22.38
C ASN A 217 -2.63 41.98 -23.70
N PRO A 218 -3.33 42.17 -24.82
CA PRO A 218 -2.76 41.81 -26.12
C PRO A 218 -1.36 42.38 -26.36
N HIS A 219 -0.47 41.55 -26.85
CA HIS A 219 0.88 42.01 -27.18
C HIS A 219 1.49 42.64 -25.92
N ALA A 220 1.25 42.00 -24.76
CA ALA A 220 1.70 42.50 -23.45
C ALA A 220 1.47 44.00 -23.33
N GLY A 221 0.42 44.51 -23.96
CA GLY A 221 -0.01 45.91 -23.84
C GLY A 221 0.56 46.81 -24.90
N ASP A 222 1.54 46.28 -25.62
CA ASP A 222 2.22 46.98 -26.72
C ASP A 222 2.83 48.35 -26.34
N TYR A 223 3.73 48.31 -25.36
CA TYR A 223 4.38 49.54 -24.89
C TYR A 223 3.33 50.59 -24.60
N GLY A 224 2.34 50.20 -23.80
CA GLY A 224 1.38 51.13 -23.21
C GLY A 224 0.25 51.59 -24.10
N VAL A 225 0.20 51.10 -25.36
CA VAL A 225 -0.85 51.53 -26.30
C VAL A 225 -2.15 50.70 -26.24
N ILE A 226 -2.06 49.45 -25.76
CA ILE A 226 -3.21 48.57 -25.53
C ILE A 226 -3.32 48.36 -24.02
N GLY A 227 -3.68 49.46 -23.35
CA GLY A 227 -3.76 49.52 -21.89
C GLY A 227 -2.39 49.58 -21.24
N GLY A 228 -1.85 48.41 -20.90
CA GLY A 228 -0.54 48.36 -20.32
C GLY A 228 -0.46 48.62 -18.82
N GLU A 229 -1.56 48.97 -18.17
CA GLU A 229 -1.50 49.24 -16.72
C GLU A 229 -1.09 48.02 -15.87
N GLU A 230 -1.68 46.85 -16.15
CA GLU A 230 -1.33 45.59 -15.50
C GLU A 230 0.14 45.24 -15.70
N GLU A 231 0.61 45.37 -16.93
CA GLU A 231 2.01 45.12 -17.23
C GLU A 231 3.03 46.03 -16.52
N LYS A 232 2.64 47.23 -16.14
CA LYS A 232 3.52 48.09 -15.35
C LYS A 232 3.66 47.48 -13.96
N ILE A 233 2.53 47.08 -13.38
CA ILE A 233 2.49 46.37 -12.13
C ILE A 233 3.33 45.09 -12.20
N MSE A 234 3.14 44.28 -13.25
CA MSE A 234 3.95 43.06 -13.39
C MSE A 234 5.44 43.38 -13.33
O MSE A 234 6.23 42.70 -12.64
CB MSE A 234 3.64 42.32 -14.69
CG MSE A 234 2.33 41.62 -14.61
SE MSE A 234 1.61 40.86 -16.25
CE MSE A 234 0.00 41.82 -16.05
N GLU A 235 5.83 44.43 -14.05
CA GLU A 235 7.23 44.79 -14.13
C GLU A 235 7.79 45.15 -12.77
N LYS A 236 7.04 45.95 -12.05
CA LYS A 236 7.42 46.42 -10.74
C LYS A 236 7.58 45.24 -9.80
N ALA A 237 6.63 44.31 -9.85
CA ALA A 237 6.71 43.08 -9.06
C ALA A 237 7.87 42.15 -9.39
N ILE A 238 8.18 42.02 -10.67
CA ILE A 238 9.32 41.20 -11.07
C ILE A 238 10.61 41.79 -10.53
N ALA A 239 10.80 43.08 -10.72
CA ALA A 239 12.07 43.65 -10.33
C ALA A 239 12.26 43.42 -8.79
N PHE A 240 11.20 43.66 -8.04
CA PHE A 240 11.29 43.63 -6.62
C PHE A 240 11.47 42.20 -6.14
N VAL A 241 10.64 41.27 -6.62
CA VAL A 241 10.88 39.87 -6.27
C VAL A 241 12.32 39.43 -6.69
N ASN A 242 12.75 39.80 -7.89
CA ASN A 242 14.06 39.36 -8.36
C ASN A 242 15.12 39.77 -7.37
N ALA A 243 15.02 41.01 -6.92
CA ALA A 243 16.06 41.59 -6.10
C ALA A 243 16.01 41.00 -4.69
N PHE A 244 14.80 40.65 -4.26
CA PHE A 244 14.62 40.15 -2.91
C PHE A 244 15.09 38.72 -2.76
N LEU A 245 14.79 37.87 -3.76
CA LEU A 245 15.32 36.49 -3.77
C LEU A 245 16.85 36.49 -3.86
N HIS A 246 17.39 37.46 -4.59
CA HIS A 246 18.81 37.48 -4.71
C HIS A 246 19.48 37.86 -3.39
N SER A 247 18.82 38.68 -2.58
CA SER A 247 19.43 39.24 -1.38
C SER A 247 19.44 38.26 -0.20
N LYS A 248 18.65 37.19 -0.30
CA LYS A 248 18.59 36.17 0.72
C LYS A 248 18.02 36.61 2.08
N LYS A 249 17.35 37.76 2.11
CA LYS A 249 16.68 38.21 3.34
C LYS A 249 15.39 37.44 3.60
N ASP A 250 14.82 37.63 4.79
CA ASP A 250 13.75 36.75 5.32
C ASP A 250 12.34 37.32 5.12
N GLU A 251 11.31 36.55 5.47
CA GLU A 251 9.89 36.92 5.28
C GLU A 251 9.50 38.18 6.01
N LYS A 252 10.14 38.37 7.16
CA LYS A 252 9.96 39.57 7.96
C LYS A 252 10.38 40.81 7.16
N PHE A 253 11.51 40.73 6.43
CA PHE A 253 11.95 41.86 5.63
C PHE A 253 10.99 42.12 4.45
N PHE A 254 10.54 41.03 3.85
CA PHE A 254 9.61 41.10 2.75
C PHE A 254 8.30 41.84 3.09
N LYS A 255 7.68 41.42 4.16
CA LYS A 255 6.43 41.97 4.62
C LYS A 255 6.59 43.48 4.88
N LYS A 256 7.78 43.86 5.34
CA LYS A 256 8.07 45.23 5.67
C LYS A 256 8.34 46.09 4.42
N ALA A 257 9.05 45.49 3.46
CA ALA A 257 9.44 46.15 2.24
C ALA A 257 8.29 46.26 1.26
N LEU A 258 7.34 45.33 1.32
CA LEU A 258 6.12 45.45 0.52
C LEU A 258 5.40 46.79 0.70
N LYS A 259 5.57 47.42 1.86
CA LYS A 259 4.85 48.65 2.14
C LYS A 259 5.65 49.93 1.94
N ASP A 260 6.95 49.82 1.67
CA ASP A 260 7.82 50.99 1.73
C ASP A 260 8.59 51.15 0.44
N GLU A 261 8.25 52.15 -0.36
CA GLU A 261 8.86 52.27 -1.68
C GLU A 261 10.34 52.59 -1.63
N ASN A 262 10.69 53.49 -0.74
CA ASN A 262 12.07 53.77 -0.46
C ASN A 262 12.87 52.53 -0.07
N LEU A 263 12.25 51.54 0.57
CA LEU A 263 12.97 50.36 0.93
C LEU A 263 13.09 49.41 -0.26
N GLN A 264 12.02 49.29 -1.04
CA GLN A 264 12.06 48.58 -2.31
C GLN A 264 13.19 49.14 -3.19
N LYS A 265 13.21 50.46 -3.34
CA LYS A 265 14.24 51.19 -4.05
C LYS A 265 15.64 50.85 -3.54
N GLU A 266 15.82 50.82 -2.22
CA GLU A 266 17.13 50.47 -1.69
C GLU A 266 17.45 49.04 -2.11
N LEU A 267 16.45 48.18 -2.09
CA LEU A 267 16.69 46.81 -2.51
C LEU A 267 17.14 46.71 -3.98
N LEU A 268 16.50 47.46 -4.87
CA LEU A 268 16.77 47.39 -6.31
C LEU A 268 18.15 47.92 -6.70
N LEU A 269 18.59 48.97 -6.02
CA LEU A 269 19.90 49.58 -6.23
C LEU A 269 21.05 48.66 -5.81
N ASN A 270 20.79 47.70 -4.92
CA ASN A 270 21.85 46.85 -4.39
C ASN A 270 21.89 45.53 -5.11
N PHE A 271 20.93 45.32 -6.01
CA PHE A 271 20.75 44.05 -6.73
C PHE A 271 21.59 43.89 -7.99
N LYS A 272 22.64 43.09 -7.83
CA LYS A 272 23.70 42.95 -8.83
C LYS A 272 23.62 41.63 -9.65
N GLY A 273 22.40 41.08 -9.77
CA GLY A 273 22.21 39.85 -10.54
C GLY A 273 21.30 39.93 -11.77
N LYS A 274 21.38 38.87 -12.57
CA LYS A 274 20.27 38.45 -13.42
C LYS A 274 19.36 37.79 -12.38
N GLY A 275 18.06 38.03 -12.45
CA GLY A 275 17.14 37.41 -11.51
C GLY A 275 16.52 36.20 -12.15
N VAL A 276 15.66 35.52 -11.41
CA VAL A 276 15.02 34.28 -11.87
C VAL A 276 13.84 34.51 -12.80
N TYR A 277 13.20 35.66 -12.68
CA TYR A 277 12.09 35.99 -13.59
C TYR A 277 12.54 36.91 -14.70
N LEU A 278 12.08 36.65 -15.92
CA LEU A 278 12.37 37.53 -17.04
C LEU A 278 11.84 38.92 -16.73
N PRO A 279 12.54 39.98 -17.14
CA PRO A 279 12.06 41.26 -16.62
C PRO A 279 10.75 41.79 -17.27
N TYR A 280 10.37 41.30 -18.43
CA TYR A 280 9.25 41.93 -19.06
C TYR A 280 8.32 40.85 -19.47
N PRO A 281 7.02 41.13 -19.38
CA PRO A 281 6.02 40.17 -19.77
C PRO A 281 6.22 39.69 -21.20
N LEU A 282 5.90 38.43 -21.41
CA LEU A 282 5.91 37.83 -22.74
C LEU A 282 4.65 38.09 -23.54
N VAL A 283 4.81 38.29 -24.82
CA VAL A 283 3.68 38.34 -25.73
C VAL A 283 3.23 36.91 -25.92
N ALA A 284 1.93 36.67 -25.76
CA ALA A 284 1.38 35.34 -25.90
C ALA A 284 1.50 34.82 -27.32
N ASP A 285 1.48 35.67 -28.34
CA ASP A 285 1.61 35.18 -29.74
C ASP A 285 2.84 34.32 -29.97
N THR A 286 3.96 34.68 -29.30
CA THR A 286 5.26 34.03 -29.45
C THR A 286 5.49 32.97 -28.37
N ALA A 287 4.76 33.05 -27.25
CA ALA A 287 5.13 32.29 -26.07
C ALA A 287 5.04 30.75 -26.18
N PHE A 288 4.18 30.26 -27.04
CA PHE A 288 3.91 28.82 -27.09
C PHE A 288 4.30 28.26 -28.42
N THR A 289 5.04 29.01 -29.20
CA THR A 289 5.67 28.46 -30.39
C THR A 289 6.91 27.68 -29.97
N LYS A 290 7.49 26.94 -30.91
CA LYS A 290 8.68 26.13 -30.59
C LYS A 290 9.80 27.09 -30.12
N THR A 291 10.03 28.18 -30.85
CA THR A 291 11.14 29.05 -30.51
C THR A 291 10.86 29.78 -29.21
N GLY A 292 9.59 30.10 -28.96
CA GLY A 292 9.20 30.70 -27.68
C GLY A 292 9.50 29.76 -26.52
N LEU A 293 9.06 28.51 -26.63
CA LEU A 293 9.24 27.49 -25.59
C LEU A 293 10.69 27.23 -25.25
N LYS A 294 11.54 27.28 -26.27
CA LYS A 294 12.99 27.17 -26.07
C LYS A 294 13.56 28.37 -25.32
N ASN A 295 13.02 29.58 -25.55
CA ASN A 295 13.44 30.76 -24.77
C ASN A 295 12.98 30.64 -23.33
N CYS A 296 11.72 30.27 -23.11
CA CYS A 296 11.20 30.14 -21.78
C CYS A 296 10.11 29.13 -21.75
N ASN A 297 10.18 28.16 -20.87
CA ASN A 297 9.12 27.17 -20.78
C ASN A 297 8.60 26.94 -19.36
N ARG A 298 8.80 27.96 -18.53
CA ARG A 298 8.23 28.00 -17.20
C ARG A 298 7.51 29.34 -17.11
N LEU A 299 6.19 29.30 -17.22
CA LEU A 299 5.42 30.50 -17.39
C LEU A 299 4.50 30.74 -16.21
N VAL A 300 4.12 32.01 -16.01
CA VAL A 300 3.08 32.38 -15.08
C VAL A 300 1.99 33.10 -15.82
N ALA A 301 0.76 32.63 -15.69
CA ALA A 301 -0.34 33.24 -16.44
C ALA A 301 -1.25 33.94 -15.47
N MSE A 302 -1.71 35.15 -15.82
CA MSE A 302 -2.61 35.88 -14.92
C MSE A 302 -3.99 35.23 -14.88
O MSE A 302 -4.74 35.48 -13.92
CB MSE A 302 -2.73 37.38 -15.26
CG MSE A 302 -1.43 38.15 -15.36
SE MSE A 302 -0.49 38.16 -13.67
CE MSE A 302 0.83 36.83 -14.05
N TYR A 303 -4.34 34.38 -15.87
CA TYR A 303 -5.69 33.83 -15.85
C TYR A 303 -5.88 32.43 -16.50
N HIS A 304 -7.00 31.80 -16.13
CA HIS A 304 -7.18 30.39 -16.36
C HIS A 304 -6.97 29.99 -17.82
N ASP A 305 -7.76 30.55 -18.73
CA ASP A 305 -7.69 30.14 -20.11
C ASP A 305 -6.38 30.42 -20.88
N LEU A 306 -5.67 31.48 -20.53
CA LEU A 306 -4.40 31.72 -21.17
C LEU A 306 -3.54 30.51 -20.98
N ALA A 307 -3.67 29.81 -19.86
CA ALA A 307 -2.89 28.62 -19.64
C ALA A 307 -3.51 27.41 -20.31
N LEU A 308 -4.78 27.13 -19.96
CA LEU A 308 -5.47 25.95 -20.50
C LEU A 308 -5.48 25.87 -22.03
N ALA A 309 -5.72 26.96 -22.74
CA ALA A 309 -6.01 26.75 -24.16
C ALA A 309 -4.79 26.21 -24.93
N PRO A 310 -3.66 26.90 -24.86
CA PRO A 310 -2.43 26.48 -25.50
C PRO A 310 -1.86 25.20 -24.93
N LEU A 311 -1.99 25.04 -23.61
CA LEU A 311 -1.48 23.87 -22.92
C LEU A 311 -2.15 22.58 -23.36
N LYS A 312 -3.48 22.58 -23.43
CA LYS A 312 -4.18 21.38 -23.85
C LYS A 312 -4.10 21.21 -25.34
N ALA A 313 -3.68 22.23 -26.06
CA ALA A 313 -3.58 22.05 -27.49
C ALA A 313 -2.30 21.29 -27.79
N LEU A 314 -1.31 21.45 -26.94
CA LEU A 314 -0.05 20.74 -27.11
C LEU A 314 0.03 19.41 -26.36
N TYR A 315 -0.42 19.40 -25.11
CA TYR A 315 -0.17 18.26 -24.21
C TYR A 315 -1.45 17.73 -23.55
N PHE A 316 -2.39 17.36 -24.39
CA PHE A 316 -3.68 16.81 -23.97
C PHE A 316 -3.54 15.61 -23.05
N ASP A 317 -2.50 14.83 -23.30
CA ASP A 317 -2.35 13.54 -22.70
C ASP A 317 -1.61 13.54 -21.42
N LYS A 318 -0.49 14.26 -21.38
CA LYS A 318 0.50 14.09 -20.34
C LYS A 318 0.45 15.22 -19.28
N SER A 319 -0.56 16.04 -19.42
CA SER A 319 -0.68 17.26 -18.68
C SER A 319 -1.18 16.98 -17.25
N ILE A 320 -0.39 17.38 -16.25
CA ILE A 320 -0.74 17.11 -14.86
C ILE A 320 -1.14 18.37 -14.12
N ASN A 321 -1.75 18.23 -12.94
CA ASN A 321 -2.04 19.40 -12.06
C ASN A 321 -1.28 19.22 -10.76
N VAL A 322 -0.58 20.28 -10.32
CA VAL A 322 0.36 20.16 -9.23
C VAL A 322 -0.03 21.25 -8.24
N SER A 323 -0.36 20.87 -7.01
CA SER A 323 -0.73 21.86 -6.00
C SER A 323 0.50 22.25 -5.23
N LEU A 324 0.97 23.46 -5.45
CA LEU A 324 2.14 23.87 -4.73
C LEU A 324 1.74 24.59 -3.46
N ASN A 325 2.72 24.84 -2.60
CA ASN A 325 2.53 25.67 -1.44
C ASN A 325 1.75 25.00 -0.29
N LEU A 326 1.64 23.68 -0.30
CA LEU A 326 1.02 23.01 0.85
C LEU A 326 2.10 22.23 1.58
N PRO A 327 1.80 21.74 2.80
CA PRO A 327 2.69 20.89 3.59
C PRO A 327 2.82 19.47 3.00
N ILE A 328 2.01 19.11 2.02
CA ILE A 328 2.23 17.85 1.32
C ILE A 328 2.45 18.13 -0.13
N ILE A 329 3.14 17.21 -0.79
CA ILE A 329 3.16 17.14 -2.23
C ILE A 329 1.87 16.52 -2.61
N ARG A 330 1.12 17.22 -3.46
CA ARG A 330 -0.14 16.72 -4.01
C ARG A 330 -0.19 16.90 -5.52
N VAL A 331 -0.53 15.83 -6.25
CA VAL A 331 -0.70 15.94 -7.71
C VAL A 331 -2.08 15.46 -8.10
N SER A 332 -2.45 15.68 -9.37
CA SER A 332 -3.75 15.34 -9.89
C SER A 332 -3.78 15.22 -11.42
N VAL A 333 -4.91 14.78 -11.96
CA VAL A 333 -5.12 14.79 -13.40
C VAL A 333 -6.52 15.32 -13.70
N ASP A 334 -6.76 15.72 -14.94
CA ASP A 334 -8.07 16.25 -15.33
C ASP A 334 -8.94 15.14 -15.81
N HIS A 335 -10.18 15.14 -15.34
CA HIS A 335 -11.18 14.17 -15.75
C HIS A 335 -10.88 13.76 -17.22
N GLY A 336 -11.03 14.70 -18.18
CA GLY A 336 -10.55 14.50 -19.58
C GLY A 336 -11.55 13.94 -20.60
N THR A 337 -12.34 12.97 -20.13
CA THR A 337 -13.45 12.35 -20.87
C THR A 337 -14.82 12.83 -20.25
N ALA A 338 -15.96 12.29 -20.69
CA ALA A 338 -17.26 12.53 -20.00
C ALA A 338 -17.53 11.60 -18.78
N PHE A 339 -17.74 12.23 -17.63
CA PHE A 339 -18.00 11.54 -16.36
C PHE A 339 -18.94 10.37 -16.57
N ASP A 340 -20.13 10.69 -17.07
CA ASP A 340 -21.22 9.77 -17.43
C ASP A 340 -20.88 8.58 -18.36
N LYS A 341 -19.69 8.59 -18.96
CA LYS A 341 -19.28 7.59 -19.97
C LYS A 341 -18.21 6.60 -19.44
N ALA A 342 -18.62 5.79 -18.46
CA ALA A 342 -17.67 4.97 -17.66
C ALA A 342 -18.16 3.55 -17.39
N TYR A 343 -17.22 2.63 -17.18
CA TYR A 343 -17.44 1.17 -17.03
C TYR A 343 -18.00 0.55 -18.29
N LYS A 344 -17.71 1.16 -19.44
CA LYS A 344 -18.25 0.73 -20.74
C LYS A 344 -17.15 0.22 -21.68
N ASN A 345 -16.01 -0.22 -21.13
CA ASN A 345 -14.80 -0.41 -21.94
C ASN A 345 -14.52 0.70 -22.96
N ALA A 346 -14.98 1.93 -22.70
CA ALA A 346 -14.52 3.05 -23.50
C ALA A 346 -13.01 3.10 -23.37
N LYS A 347 -12.32 3.50 -24.42
CA LYS A 347 -10.87 3.54 -24.30
C LYS A 347 -10.43 4.74 -23.43
N ILE A 348 -9.31 4.55 -22.74
CA ILE A 348 -8.88 5.40 -21.63
C ILE A 348 -7.44 5.81 -21.83
N ASN A 349 -7.12 7.03 -21.44
CA ASN A 349 -5.75 7.46 -21.45
C ASN A 349 -5.18 7.44 -20.04
N THR A 350 -4.20 6.60 -19.79
CA THR A 350 -3.53 6.58 -18.51
C THR A 350 -2.22 7.35 -18.53
N LYS A 351 -1.92 8.03 -19.61
CA LYS A 351 -0.67 8.77 -19.72
C LYS A 351 -0.47 9.80 -18.63
N SER A 352 -1.46 10.64 -18.39
CA SER A 352 -1.32 11.65 -17.33
C SER A 352 -1.24 11.06 -15.90
N TYR A 353 -1.89 9.94 -15.64
CA TYR A 353 -1.76 9.31 -14.37
C TYR A 353 -0.30 8.98 -14.10
N PHE A 354 0.36 8.42 -15.11
CA PHE A 354 1.76 8.08 -14.99
C PHE A 354 2.63 9.33 -14.85
N GLU A 355 2.29 10.38 -15.59
CA GLU A 355 3.08 11.60 -15.51
C GLU A 355 3.03 12.21 -14.14
N ALA A 356 1.86 12.11 -13.52
CA ALA A 356 1.63 12.77 -12.28
C ALA A 356 2.41 12.02 -11.23
N ALA A 357 2.25 10.70 -11.22
CA ALA A 357 3.08 9.84 -10.41
C ALA A 357 4.57 10.18 -10.55
N LYS A 358 5.12 10.20 -11.77
CA LYS A 358 6.59 10.33 -11.92
C LYS A 358 7.02 11.69 -11.41
N PHE A 359 6.19 12.68 -11.65
CA PHE A 359 6.49 13.97 -11.12
C PHE A 359 6.66 13.91 -9.57
N ALA A 360 5.62 13.47 -8.85
CA ALA A 360 5.68 13.36 -7.40
C ALA A 360 6.86 12.52 -6.88
N ILE A 361 7.11 11.40 -7.53
CA ILE A 361 8.20 10.51 -7.13
C ILE A 361 9.50 11.25 -7.22
N ASN A 362 9.67 12.02 -8.29
CA ASN A 362 10.90 12.74 -8.51
C ASN A 362 11.23 13.86 -7.53
N LEU A 363 10.24 14.42 -6.86
CA LEU A 363 10.52 15.46 -5.85
C LEU A 363 11.24 14.95 -4.60
N HIS A 364 11.82 15.88 -3.87
CA HIS A 364 12.45 15.53 -2.61
C HIS A 364 11.40 15.50 -1.50
N SER A 365 11.68 14.70 -0.49
CA SER A 365 10.85 14.57 0.70
C SER A 365 10.52 15.91 1.33
N LYS A 366 9.25 16.10 1.65
CA LYS A 366 8.79 17.28 2.40
C LYS A 366 9.14 17.14 3.88
N ALA B 3 -6.69 30.13 -66.88
CA ALA B 3 -7.24 29.65 -65.56
C ALA B 3 -6.85 30.53 -64.34
N MSE B 4 -5.86 31.41 -64.51
CA MSE B 4 -5.27 32.19 -63.39
C MSE B 4 -6.07 33.45 -63.01
O MSE B 4 -6.49 34.20 -63.90
CB MSE B 4 -3.83 32.61 -63.72
CG MSE B 4 -2.93 31.51 -64.33
SE MSE B 4 -2.07 30.34 -63.00
CE MSE B 4 -3.55 29.11 -62.59
N LYS B 5 -6.25 33.68 -61.71
CA LYS B 5 -6.77 34.95 -61.18
C LYS B 5 -5.66 35.98 -60.84
N LYS B 6 -6.01 37.26 -60.88
CA LYS B 6 -5.04 38.35 -60.70
C LYS B 6 -4.98 38.78 -59.23
N LEU B 7 -3.77 38.84 -58.68
CA LEU B 7 -3.60 39.05 -57.25
C LEU B 7 -2.72 40.24 -56.91
N ALA B 8 -3.33 41.37 -56.57
CA ALA B 8 -2.60 42.58 -56.15
C ALA B 8 -1.83 42.36 -54.86
N ILE B 9 -0.57 42.78 -54.84
CA ILE B 9 0.28 42.58 -53.68
C ILE B 9 1.00 43.86 -53.31
N SER B 10 0.71 44.40 -52.13
CA SER B 10 1.38 45.62 -51.66
C SER B 10 2.58 45.22 -50.84
N ILE B 11 3.67 45.97 -50.97
CA ILE B 11 4.98 45.49 -50.53
C ILE B 11 5.30 45.68 -49.04
N GLY B 12 4.40 46.33 -48.30
CA GLY B 12 4.62 46.64 -46.88
C GLY B 12 5.78 47.61 -46.70
N ASP B 13 6.52 47.46 -45.59
CA ASP B 13 7.68 48.33 -45.34
C ASP B 13 8.96 47.80 -46.03
N ILE B 14 9.42 48.48 -47.08
CA ILE B 14 10.53 47.96 -47.86
C ILE B 14 11.76 47.68 -47.01
N ASN B 15 11.83 48.33 -45.84
CA ASN B 15 12.97 48.15 -44.95
C ASN B 15 12.92 46.82 -44.17
N SER B 16 11.86 46.03 -44.34
CA SER B 16 11.79 44.74 -43.69
C SER B 16 11.89 43.58 -44.68
N ILE B 17 11.56 42.38 -44.21
CA ILE B 17 11.76 41.11 -44.94
C ILE B 17 10.72 40.84 -46.06
N GLY B 18 9.69 41.69 -46.12
CA GLY B 18 8.68 41.62 -47.17
C GLY B 18 9.22 41.43 -48.57
N LEU B 19 10.10 42.31 -49.01
CA LEU B 19 10.66 42.14 -50.35
C LEU B 19 11.22 40.75 -50.59
N GLU B 20 12.05 40.27 -49.68
CA GLU B 20 12.70 38.99 -49.88
C GLU B 20 11.67 37.88 -50.03
N ILE B 21 10.67 37.87 -49.16
CA ILE B 21 9.58 36.91 -49.26
C ILE B 21 8.99 36.95 -50.67
N LEU B 22 8.73 38.17 -51.14
CA LEU B 22 8.05 38.38 -52.38
C LEU B 22 8.87 37.75 -53.53
N VAL B 23 10.18 38.02 -53.48
CA VAL B 23 11.13 37.66 -54.51
C VAL B 23 11.48 36.18 -54.46
N ARG B 24 11.72 35.65 -53.26
CA ARG B 24 12.01 34.23 -53.12
C ARG B 24 10.81 33.38 -53.55
N SER B 25 9.60 33.92 -53.38
CA SER B 25 8.35 33.20 -53.68
C SER B 25 7.81 33.32 -55.11
N HIS B 26 8.25 34.32 -55.85
CA HIS B 26 7.61 34.66 -57.11
C HIS B 26 7.47 33.50 -58.13
N GLU B 27 8.56 32.76 -58.39
CA GLU B 27 8.49 31.68 -59.37
C GLU B 27 7.34 30.71 -59.08
N GLU B 28 7.26 30.26 -57.82
CA GLU B 28 6.28 29.25 -57.45
C GLU B 28 4.83 29.77 -57.39
N LEU B 29 4.68 31.06 -57.12
CA LEU B 29 3.37 31.74 -57.02
C LEU B 29 2.74 31.97 -58.38
N SER B 30 3.57 32.30 -59.38
CA SER B 30 3.17 32.54 -60.75
C SER B 30 2.60 31.30 -61.41
N LYS B 31 2.80 30.15 -60.76
CA LYS B 31 2.22 28.89 -61.20
C LYS B 31 0.76 28.71 -60.79
N ILE B 32 0.29 29.51 -59.82
CA ILE B 32 -1.12 29.42 -59.35
C ILE B 32 -1.95 30.68 -59.55
N CYS B 33 -1.29 31.78 -59.91
CA CYS B 33 -1.96 33.07 -60.07
C CYS B 33 -1.07 34.06 -60.77
N THR B 34 -1.63 35.25 -61.00
CA THR B 34 -0.90 36.28 -61.71
C THR B 34 -0.65 37.47 -60.77
N PRO B 35 0.59 37.55 -60.22
CA PRO B 35 0.87 38.58 -59.23
C PRO B 35 1.14 39.93 -59.86
N PHE B 36 0.54 40.95 -59.29
CA PHE B 36 0.84 42.31 -59.65
C PHE B 36 1.41 43.00 -58.44
N TYR B 37 2.70 43.29 -58.49
CA TYR B 37 3.34 43.91 -57.34
C TYR B 37 3.34 45.44 -57.45
N PHE B 38 3.05 46.11 -56.32
CA PHE B 38 2.94 47.57 -56.29
C PHE B 38 4.19 48.25 -55.80
N ILE B 39 5.09 48.51 -56.75
CA ILE B 39 6.43 49.07 -56.52
C ILE B 39 7.01 49.76 -57.77
N HIS B 40 7.65 50.90 -57.57
CA HIS B 40 8.40 51.54 -58.65
C HIS B 40 9.73 50.83 -58.94
N GLU B 41 10.15 50.91 -60.20
CA GLU B 41 11.28 50.16 -60.74
C GLU B 41 12.60 50.41 -60.00
N SER B 42 12.91 51.68 -59.73
CA SER B 42 14.19 52.08 -59.15
C SER B 42 14.37 51.57 -57.72
N LEU B 43 13.27 51.50 -56.99
CA LEU B 43 13.24 51.02 -55.62
C LEU B 43 13.30 49.49 -55.58
N LEU B 44 12.57 48.84 -56.49
CA LEU B 44 12.70 47.39 -56.68
C LEU B 44 14.14 46.95 -56.89
N ASN B 45 14.86 47.67 -57.77
CA ASN B 45 16.24 47.35 -58.09
C ASN B 45 17.20 47.50 -56.91
N LYS B 46 16.96 48.52 -56.08
CA LYS B 46 17.76 48.73 -54.87
C LYS B 46 17.60 47.55 -53.94
N ALA B 47 16.39 46.98 -53.92
CA ALA B 47 16.09 45.80 -53.11
C ALA B 47 16.72 44.54 -53.68
N LEU B 48 16.52 44.30 -54.98
CA LEU B 48 17.15 43.19 -55.70
C LEU B 48 18.67 43.17 -55.48
N LYS B 49 19.31 44.32 -55.68
CA LYS B 49 20.73 44.50 -55.45
C LYS B 49 21.08 44.15 -54.00
N LEU B 50 20.47 44.86 -53.06
CA LEU B 50 20.74 44.66 -51.65
C LEU B 50 20.49 43.20 -51.17
N LEU B 51 19.48 42.53 -51.75
CA LEU B 51 19.22 41.12 -51.49
C LEU B 51 20.16 40.21 -52.29
N ASN B 52 20.67 40.73 -53.40
CA ASN B 52 21.41 39.94 -54.40
C ASN B 52 20.62 38.76 -54.97
N LEU B 53 19.40 39.05 -55.42
CA LEU B 53 18.60 38.09 -56.19
C LEU B 53 18.11 38.72 -57.48
N LYS B 54 17.63 37.89 -58.39
CA LYS B 54 17.11 38.36 -59.67
C LYS B 54 15.60 38.13 -59.70
N LEU B 55 14.90 38.62 -60.72
CA LEU B 55 13.43 38.47 -60.75
C LEU B 55 12.83 38.34 -62.15
N PHE B 56 12.23 37.19 -62.43
CA PHE B 56 11.88 36.81 -63.80
C PHE B 56 10.39 36.66 -64.07
N ASN B 57 9.93 37.40 -65.09
CA ASN B 57 8.57 37.29 -65.62
C ASN B 57 7.57 37.70 -64.54
N ALA B 58 7.83 38.90 -64.03
CA ALA B 58 7.05 39.51 -62.97
C ALA B 58 6.38 40.79 -63.45
N LYS B 59 5.15 41.01 -63.01
CA LYS B 59 4.35 42.17 -63.38
C LYS B 59 4.34 43.22 -62.26
N ILE B 60 4.88 44.42 -62.52
CA ILE B 60 4.91 45.50 -61.52
C ILE B 60 4.13 46.76 -61.90
N VAL B 61 3.49 47.36 -60.90
CA VAL B 61 2.57 48.45 -61.13
C VAL B 61 3.08 49.67 -60.39
N ALA B 62 3.67 50.61 -61.13
CA ALA B 62 3.97 51.91 -60.59
C ALA B 62 2.66 52.64 -60.30
N PHE B 63 2.63 53.39 -59.21
CA PHE B 63 1.41 54.09 -58.82
C PHE B 63 1.67 55.59 -58.57
N LYS B 64 0.67 56.42 -58.89
CA LYS B 64 0.84 57.87 -58.94
C LYS B 64 -0.39 58.56 -58.35
N ASP B 65 -0.20 59.70 -57.68
CA ASP B 65 -1.33 60.55 -57.27
C ASP B 65 -1.94 61.23 -58.53
N ASP B 66 -3.25 61.53 -58.51
CA ASP B 66 -4.00 62.02 -59.69
C ASP B 66 -5.46 62.27 -59.29
N LYS B 67 -6.24 62.94 -60.14
CA LYS B 67 -7.70 63.07 -59.95
C LYS B 67 -8.47 61.82 -60.43
N ASP B 68 -8.01 61.23 -61.52
CA ASP B 68 -8.69 60.11 -62.16
C ASP B 68 -8.07 58.74 -61.91
N TYR B 69 -8.92 57.72 -62.01
CA TYR B 69 -8.47 56.33 -61.99
C TYR B 69 -8.16 55.86 -63.43
N GLU B 70 -6.90 55.52 -63.68
CA GLU B 70 -6.48 55.00 -64.98
C GLU B 70 -5.40 53.94 -64.79
N PHE B 71 -5.56 52.82 -65.48
CA PHE B 71 -4.64 51.69 -65.32
C PHE B 71 -4.06 51.30 -66.69
N ASN B 72 -2.75 51.47 -66.84
CA ASN B 72 -2.06 51.27 -68.13
C ASN B 72 -0.91 50.26 -68.15
N PHE B 73 -0.67 49.64 -69.33
CA PHE B 73 0.56 48.92 -69.62
C PHE B 73 1.57 49.98 -70.10
N ILE B 74 2.87 49.74 -69.95
CA ILE B 74 3.88 50.69 -70.47
C ILE B 74 4.99 50.02 -71.30
N LYS B 75 5.83 49.21 -70.68
CA LYS B 75 6.93 48.56 -71.39
C LYS B 75 7.26 47.21 -70.79
N LYS B 76 7.85 46.33 -71.59
CA LYS B 76 8.52 45.16 -71.05
C LYS B 76 9.98 45.53 -70.96
N GLU B 77 10.72 44.93 -70.02
CA GLU B 77 12.14 45.27 -69.83
C GLU B 77 12.95 44.02 -69.48
N ASN B 78 13.45 43.96 -68.25
CA ASN B 78 14.22 42.81 -67.77
C ASN B 78 13.29 41.63 -67.41
N SER B 79 12.59 41.09 -68.43
CA SER B 79 11.44 40.21 -68.21
C SER B 79 10.53 40.77 -67.09
N LEU B 80 10.14 42.03 -67.28
CA LEU B 80 9.57 42.83 -66.21
C LEU B 80 8.52 43.79 -66.74
N GLU B 81 7.28 43.32 -66.85
CA GLU B 81 6.24 44.13 -67.42
C GLU B 81 5.86 45.27 -66.46
N ILE B 82 6.08 46.50 -66.90
CA ILE B 82 5.82 47.68 -66.06
C ILE B 82 4.50 48.32 -66.44
N TYR B 83 3.68 48.58 -65.42
CA TYR B 83 2.38 49.21 -65.62
C TYR B 83 2.27 50.52 -64.86
N SER B 84 1.21 51.26 -65.15
CA SER B 84 0.89 52.51 -64.49
C SER B 84 -0.48 52.38 -63.81
N PHE B 85 -0.60 52.93 -62.61
CA PHE B 85 -1.90 53.10 -61.99
C PHE B 85 -1.92 54.45 -61.33
N CYS B 86 -2.78 55.32 -61.83
CA CYS B 86 -2.90 56.66 -61.30
C CYS B 86 -4.18 56.66 -60.49
N LEU B 87 -4.23 57.44 -59.40
CA LEU B 87 -5.43 57.55 -58.59
C LEU B 87 -5.34 58.63 -57.50
N PRO B 88 -6.51 59.05 -56.95
CA PRO B 88 -6.57 60.05 -55.89
C PRO B 88 -5.96 59.53 -54.59
N LEU B 89 -4.64 59.63 -54.47
CA LEU B 89 -3.92 59.11 -53.32
C LEU B 89 -3.95 60.00 -52.09
N GLY B 90 -3.77 61.30 -52.29
CA GLY B 90 -3.78 62.27 -51.20
C GLY B 90 -2.41 62.81 -50.79
N PHE B 91 -1.34 62.13 -51.20
CA PHE B 91 0.03 62.48 -50.84
C PHE B 91 0.82 62.25 -52.09
N LYS B 92 1.91 62.99 -52.26
CA LYS B 92 2.73 62.79 -53.44
C LYS B 92 3.67 61.58 -53.21
N VAL B 93 3.51 60.55 -54.03
CA VAL B 93 4.41 59.40 -54.05
C VAL B 93 5.82 59.90 -54.17
N ASP B 94 6.75 59.15 -53.58
CA ASP B 94 8.16 59.51 -53.56
C ASP B 94 9.00 58.26 -53.40
N GLU B 95 9.55 57.77 -54.50
CA GLU B 95 10.40 56.58 -54.48
C GLU B 95 11.88 56.91 -54.31
N ASN B 96 12.23 58.20 -54.31
CA ASN B 96 13.63 58.61 -54.25
C ASN B 96 14.19 58.64 -52.82
N PHE B 97 14.44 57.44 -52.30
CA PHE B 97 15.00 57.23 -50.96
C PHE B 97 15.74 55.90 -50.89
N GLU B 98 16.77 55.84 -50.06
CA GLU B 98 17.59 54.63 -49.96
C GLU B 98 17.01 53.67 -48.92
N ILE B 99 17.17 52.37 -49.15
CA ILE B 99 16.67 51.36 -48.19
C ILE B 99 17.54 51.35 -46.93
N GLN B 100 16.89 51.32 -45.76
CA GLN B 100 17.60 51.23 -44.49
C GLN B 100 17.25 49.93 -43.74
N ALA B 101 18.14 48.96 -43.89
CA ALA B 101 17.91 47.60 -43.42
C ALA B 101 17.36 47.56 -42.01
N GLY B 102 16.10 47.16 -41.91
CA GLY B 102 15.44 46.98 -40.63
C GLY B 102 15.19 48.21 -39.77
N GLU B 103 14.95 49.37 -40.38
CA GLU B 103 14.84 50.63 -39.65
C GLU B 103 13.50 51.34 -39.80
N ILE B 104 13.05 52.02 -38.76
CA ILE B 104 11.86 52.86 -38.92
C ILE B 104 12.21 54.18 -39.60
N ASP B 105 11.47 54.49 -40.67
CA ASP B 105 11.78 55.61 -41.57
C ASP B 105 10.47 56.20 -42.11
N ALA B 106 10.37 57.53 -42.14
CA ALA B 106 9.14 58.18 -42.64
C ALA B 106 8.90 57.84 -44.10
N LYS B 107 9.98 57.78 -44.87
CA LYS B 107 9.88 57.67 -46.33
C LYS B 107 9.48 56.27 -46.80
N SER B 108 10.05 55.21 -46.21
CA SER B 108 9.60 53.89 -46.62
C SER B 108 8.26 53.55 -45.98
N GLY B 109 8.04 54.11 -44.79
CA GLY B 109 6.74 54.11 -44.13
C GLY B 109 5.67 54.71 -45.01
N LEU B 110 5.86 55.96 -45.46
CA LEU B 110 4.87 56.63 -46.34
C LEU B 110 4.73 55.93 -47.68
N TYR B 111 5.85 55.50 -48.25
CA TYR B 111 5.81 54.76 -49.48
C TYR B 111 4.96 53.51 -49.35
N GLY B 112 5.24 52.73 -48.30
CA GLY B 112 4.53 51.48 -48.02
C GLY B 112 3.05 51.69 -47.79
N PHE B 113 2.67 52.78 -47.12
CA PHE B 113 1.25 53.10 -47.00
C PHE B 113 0.64 53.33 -48.39
N LEU B 114 1.37 54.05 -49.22
CA LEU B 114 0.88 54.42 -50.53
C LEU B 114 0.77 53.19 -51.44
N SER B 115 1.70 52.25 -51.28
CA SER B 115 1.67 51.01 -52.06
C SER B 115 0.36 50.28 -51.77
N PHE B 116 -0.03 50.31 -50.52
CA PHE B 116 -1.20 49.57 -50.05
C PHE B 116 -2.50 50.23 -50.50
N LYS B 117 -2.57 51.56 -50.34
CA LYS B 117 -3.73 52.32 -50.80
C LYS B 117 -3.98 52.06 -52.28
N ALA B 118 -2.91 52.12 -53.08
CA ALA B 118 -3.00 51.86 -54.53
C ALA B 118 -3.46 50.44 -54.78
N ALA B 119 -2.81 49.49 -54.13
CA ALA B 119 -3.16 48.11 -54.34
C ALA B 119 -4.62 47.87 -53.97
N SER B 120 -5.09 48.55 -52.92
CA SER B 120 -6.47 48.37 -52.41
C SER B 120 -7.48 48.87 -53.42
N TYR B 121 -7.23 50.06 -53.98
CA TYR B 121 -8.16 50.59 -54.99
C TYR B 121 -8.08 49.88 -56.32
N PHE B 122 -6.91 49.35 -56.64
CA PHE B 122 -6.73 48.50 -57.79
C PHE B 122 -7.74 47.36 -57.75
N VAL B 123 -7.94 46.78 -56.56
CA VAL B 123 -8.85 45.64 -56.37
C VAL B 123 -10.31 46.08 -56.40
N TYR B 124 -10.59 47.23 -55.84
CA TYR B 124 -11.94 47.75 -55.75
C TYR B 124 -12.47 48.04 -57.15
N GLU B 125 -11.64 48.70 -57.96
CA GLU B 125 -11.93 49.01 -59.37
C GLU B 125 -11.76 47.76 -60.25
N LYS B 126 -11.85 46.58 -59.64
CA LYS B 126 -11.98 45.28 -60.35
C LYS B 126 -10.77 44.83 -61.21
N HIS B 127 -9.70 45.62 -61.24
CA HIS B 127 -8.51 45.30 -62.05
C HIS B 127 -7.81 44.03 -61.57
N ALA B 128 -8.24 43.51 -60.43
CA ALA B 128 -7.70 42.30 -59.81
C ALA B 128 -8.72 41.67 -58.84
N HIS B 129 -8.48 40.42 -58.48
CA HIS B 129 -9.44 39.59 -57.77
C HIS B 129 -9.37 39.82 -56.25
N ALA B 130 -8.15 40.00 -55.74
CA ALA B 130 -7.90 40.04 -54.30
C ALA B 130 -6.68 40.90 -53.97
N LEU B 131 -6.55 41.27 -52.68
CA LEU B 131 -5.42 42.02 -52.20
C LEU B 131 -4.63 41.22 -51.16
N LEU B 132 -3.31 41.20 -51.30
CA LEU B 132 -2.45 40.58 -50.30
C LEU B 132 -1.48 41.64 -49.74
N THR B 133 -1.58 41.95 -48.46
CA THR B 133 -0.75 43.01 -47.92
C THR B 133 0.43 42.36 -47.21
N LEU B 134 1.64 42.77 -47.56
CA LEU B 134 2.83 42.44 -46.77
C LEU B 134 2.90 43.35 -45.53
N PRO B 135 3.49 42.87 -44.42
CA PRO B 135 3.34 43.69 -43.19
C PRO B 135 4.05 45.07 -43.26
N ILE B 136 3.47 46.01 -42.52
CA ILE B 136 3.97 47.38 -42.42
C ILE B 136 4.46 47.56 -40.98
N HIS B 137 5.07 48.70 -40.66
CA HIS B 137 5.38 48.99 -39.26
C HIS B 137 4.71 50.29 -38.83
N LYS B 138 3.75 50.15 -37.92
CA LYS B 138 2.89 51.26 -37.54
C LYS B 138 3.64 52.53 -37.11
N LYS B 139 4.89 52.36 -36.67
CA LYS B 139 5.69 53.45 -36.15
CA LYS B 139 5.69 53.46 -36.16
C LYS B 139 6.33 54.24 -37.28
N ALA B 140 6.64 53.55 -38.39
CA ALA B 140 7.13 54.28 -39.54
C ALA B 140 5.96 55.07 -40.17
N TRP B 141 4.75 54.54 -40.04
CA TRP B 141 3.55 55.27 -40.48
C TRP B 141 3.29 56.51 -39.65
N GLU B 142 3.51 56.38 -38.35
CA GLU B 142 3.31 57.46 -37.42
C GLU B 142 4.26 58.62 -37.73
N ASP B 143 5.55 58.30 -37.84
CA ASP B 143 6.60 59.28 -38.18
C ASP B 143 6.41 59.99 -39.51
N ALA B 144 5.68 59.36 -40.44
CA ALA B 144 5.35 59.97 -41.74
C ALA B 144 4.16 60.91 -41.61
N GLY B 145 3.62 60.98 -40.40
CA GLY B 145 2.54 61.89 -40.08
C GLY B 145 1.18 61.34 -40.39
N LEU B 146 1.10 60.07 -40.81
CA LEU B 146 -0.20 59.44 -41.07
C LEU B 146 -0.99 59.33 -39.78
N LYS B 147 -2.32 59.34 -39.91
CA LYS B 147 -3.18 59.25 -38.74
C LYS B 147 -3.57 57.82 -38.40
N TYR B 148 -3.41 56.91 -39.36
CA TYR B 148 -3.81 55.51 -39.18
C TYR B 148 -2.88 54.68 -38.32
N LYS B 149 -3.46 53.77 -37.53
CA LYS B 149 -2.65 52.90 -36.69
C LYS B 149 -2.30 51.57 -37.39
N GLY B 150 -2.93 51.27 -38.52
CA GLY B 150 -2.65 50.03 -39.23
C GLY B 150 -3.55 49.80 -40.40
N HIS B 151 -3.36 48.69 -41.11
CA HIS B 151 -4.15 48.33 -42.27
C HIS B 151 -5.66 48.46 -42.06
N THR B 152 -6.18 47.79 -41.04
CA THR B 152 -7.61 47.82 -40.66
C THR B 152 -8.17 49.23 -40.41
N ASP B 153 -7.37 50.02 -39.72
CA ASP B 153 -7.72 51.38 -39.48
C ASP B 153 -7.95 52.11 -40.83
N ALA B 154 -6.99 51.98 -41.74
CA ALA B 154 -7.06 52.63 -43.05
C ALA B 154 -8.18 52.06 -43.90
N LEU B 155 -8.35 50.75 -43.87
CA LEU B 155 -9.38 50.10 -44.69
C LEU B 155 -10.79 50.51 -44.29
N ARG B 156 -10.95 50.96 -43.05
CA ARG B 156 -12.23 51.47 -42.54
C ARG B 156 -12.44 52.85 -43.15
N ASP B 157 -11.39 53.67 -43.10
CA ASP B 157 -11.48 54.98 -43.75
C ASP B 157 -11.67 54.92 -45.26
N PHE B 158 -11.07 53.94 -45.93
CA PHE B 158 -11.20 53.87 -47.38
C PHE B 158 -12.63 53.53 -47.73
N PHE B 159 -13.17 52.52 -47.04
CA PHE B 159 -14.36 51.84 -47.52
C PHE B 159 -15.61 51.97 -46.64
N LYS B 160 -15.45 52.66 -45.50
CA LYS B 160 -16.55 52.92 -44.56
C LYS B 160 -17.23 51.61 -44.14
N LYS B 161 -16.39 50.64 -43.76
CA LYS B 161 -16.84 49.35 -43.26
C LYS B 161 -15.92 48.95 -42.16
N ASN B 162 -16.47 48.37 -41.10
CA ASN B 162 -15.65 47.75 -40.05
C ASN B 162 -15.32 46.27 -40.37
N ALA B 163 -14.05 46.04 -40.73
CA ALA B 163 -13.56 44.73 -41.04
C ALA B 163 -13.74 43.79 -39.85
N ILE B 164 -14.09 42.54 -40.12
CA ILE B 164 -14.06 41.49 -39.14
C ILE B 164 -12.82 40.70 -39.46
N MSE B 165 -12.05 40.37 -38.42
CA MSE B 165 -10.77 39.71 -38.57
C MSE B 165 -10.84 38.21 -38.30
O MSE B 165 -11.42 37.80 -37.30
CB MSE B 165 -9.77 40.34 -37.62
CG MSE B 165 -8.42 39.68 -37.66
SE MSE B 165 -7.41 39.95 -39.30
CE MSE B 165 -7.18 41.85 -39.15
N MSE B 166 -10.23 37.43 -39.17
CA MSE B 166 -10.23 35.98 -39.00
C MSE B 166 -8.84 35.40 -39.23
O MSE B 166 -8.24 35.60 -40.29
CB MSE B 166 -11.21 35.33 -39.95
CG MSE B 166 -11.25 33.84 -39.84
SE MSE B 166 -12.52 33.13 -41.10
CE MSE B 166 -11.42 33.18 -42.75
N LEU B 167 -8.37 34.65 -38.25
CA LEU B 167 -7.03 34.10 -38.25
C LEU B 167 -7.12 32.61 -38.41
N GLY B 168 -6.10 32.02 -39.05
CA GLY B 168 -5.96 30.56 -39.09
C GLY B 168 -5.63 29.92 -40.43
N CYS B 169 -6.07 28.69 -40.61
CA CYS B 169 -5.82 27.96 -41.84
C CYS B 169 -6.90 26.89 -41.91
N LYS B 170 -6.90 26.06 -42.95
CA LYS B 170 -8.04 25.16 -43.18
C LYS B 170 -8.31 24.20 -42.00
N GLU B 171 -7.27 23.79 -41.28
CA GLU B 171 -7.47 23.00 -40.06
C GLU B 171 -8.23 23.74 -38.93
N LEU B 172 -8.13 25.08 -38.90
CA LEU B 172 -8.68 25.88 -37.80
C LEU B 172 -8.79 27.37 -38.09
N PHE B 173 -10.01 27.92 -38.04
CA PHE B 173 -10.21 29.37 -38.21
C PHE B 173 -10.86 29.98 -36.99
N VAL B 174 -10.36 31.14 -36.55
CA VAL B 174 -11.02 31.82 -35.44
C VAL B 174 -11.38 33.21 -35.86
N GLY B 175 -12.66 33.58 -35.74
CA GLY B 175 -13.09 34.99 -35.89
C GLY B 175 -12.83 35.77 -34.62
N LEU B 176 -12.52 37.05 -34.68
CA LEU B 176 -12.25 37.79 -33.42
C LEU B 176 -13.27 38.83 -33.11
N PHE B 177 -13.97 38.65 -32.00
CA PHE B 177 -15.02 39.60 -31.69
C PHE B 177 -14.44 40.92 -31.26
N SER B 178 -13.27 40.89 -30.63
CA SER B 178 -12.49 42.09 -30.36
C SER B 178 -11.01 41.83 -30.61
N GLU B 179 -10.23 42.90 -30.78
CA GLU B 179 -8.81 42.75 -31.14
C GLU B 179 -7.96 43.52 -30.17
N HIS B 180 -7.26 44.55 -30.62
CA HIS B 180 -6.32 45.22 -29.77
C HIS B 180 -7.00 46.22 -28.83
N ILE B 181 -7.80 45.69 -27.91
CA ILE B 181 -8.40 46.46 -26.83
C ILE B 181 -7.96 45.85 -25.51
N PRO B 182 -7.84 46.68 -24.46
CA PRO B 182 -7.34 46.14 -23.18
C PRO B 182 -8.26 45.04 -22.67
N LEU B 183 -7.72 43.97 -22.09
CA LEU B 183 -8.57 42.82 -21.75
C LEU B 183 -9.62 43.20 -20.73
N ALA B 184 -9.30 44.08 -19.78
CA ALA B 184 -10.28 44.50 -18.80
C ALA B 184 -11.46 45.18 -19.47
N LYS B 185 -11.41 45.39 -20.76
CA LYS B 185 -12.48 46.15 -21.38
C LYS B 185 -13.35 45.28 -22.25
N VAL B 186 -12.95 44.04 -22.42
CA VAL B 186 -13.69 43.17 -23.27
C VAL B 186 -15.06 42.84 -22.74
N SER B 187 -15.18 42.56 -21.46
CA SER B 187 -16.46 42.20 -20.96
C SER B 187 -17.60 43.15 -21.34
N LYS B 188 -17.45 44.47 -21.14
CA LYS B 188 -18.57 45.38 -21.30
C LYS B 188 -18.99 45.43 -22.74
N LYS B 189 -18.06 45.05 -23.60
CA LYS B 189 -18.28 45.05 -25.03
C LYS B 189 -19.08 43.82 -25.50
N ILE B 190 -19.33 42.86 -24.61
CA ILE B 190 -20.14 41.70 -25.01
C ILE B 190 -21.61 41.99 -24.69
N THR B 191 -22.31 42.51 -25.68
CA THR B 191 -23.71 42.86 -25.53
C THR B 191 -24.48 42.10 -26.60
N PHE B 192 -25.76 41.88 -26.32
CA PHE B 192 -26.63 41.26 -27.26
C PHE B 192 -26.57 41.93 -28.62
N LYS B 193 -26.80 43.24 -28.69
CA LYS B 193 -26.73 43.99 -29.95
C LYS B 193 -25.43 43.70 -30.75
N ASN B 194 -24.28 43.95 -30.13
CA ASN B 194 -22.99 43.92 -30.80
C ASN B 194 -22.60 42.53 -31.21
N LEU B 195 -22.92 41.55 -30.38
CA LEU B 195 -22.56 40.19 -30.69
C LEU B 195 -23.44 39.64 -31.82
N SER B 196 -24.72 39.99 -31.83
CA SER B 196 -25.60 39.49 -32.90
C SER B 196 -25.18 40.02 -34.26
N ILE B 197 -24.86 41.30 -34.31
CA ILE B 197 -24.40 41.88 -35.58
C ILE B 197 -23.13 41.15 -36.02
N PHE B 198 -22.22 40.99 -35.08
CA PHE B 198 -21.00 40.32 -35.38
C PHE B 198 -21.24 38.96 -35.97
N LEU B 199 -21.99 38.10 -35.26
CA LEU B 199 -22.24 36.75 -35.73
C LEU B 199 -23.03 36.70 -37.05
N LYS B 200 -23.92 37.66 -37.28
CA LYS B 200 -24.63 37.72 -38.55
C LYS B 200 -23.62 38.00 -39.64
N ASP B 201 -22.79 39.02 -39.46
CA ASP B 201 -21.86 39.41 -40.52
C ASP B 201 -20.83 38.32 -40.69
N PHE B 202 -20.39 37.74 -39.58
CA PHE B 202 -19.41 36.67 -39.69
C PHE B 202 -19.94 35.54 -40.56
N TYR B 203 -21.22 35.19 -40.40
CA TYR B 203 -21.73 34.09 -41.19
C TYR B 203 -21.85 34.44 -42.71
N LYS B 204 -22.59 35.51 -43.02
CA LYS B 204 -22.69 36.07 -44.36
C LYS B 204 -21.36 36.13 -45.07
N GLU B 205 -20.28 36.40 -44.32
CA GLU B 205 -18.99 36.54 -44.96
C GLU B 205 -18.22 35.25 -45.19
N THR B 206 -18.68 34.13 -44.65
CA THR B 206 -17.86 32.92 -44.67
C THR B 206 -18.65 31.68 -45.08
N HIS B 207 -19.96 31.71 -44.84
CA HIS B 207 -20.85 30.61 -45.16
C HIS B 207 -20.59 29.28 -44.42
N PHE B 208 -19.70 29.31 -43.43
CA PHE B 208 -19.40 28.12 -42.62
C PHE B 208 -20.68 27.50 -42.08
N LYS B 209 -20.77 26.19 -42.19
CA LYS B 209 -22.01 25.53 -41.81
C LYS B 209 -22.06 25.12 -40.32
N LYS B 210 -20.93 25.16 -39.61
CA LYS B 210 -20.89 24.76 -38.19
C LYS B 210 -19.82 25.51 -37.40
N MSE B 211 -20.23 26.50 -36.61
CA MSE B 211 -19.33 27.35 -35.84
C MSE B 211 -19.61 27.31 -34.33
O MSE B 211 -20.74 27.15 -33.92
CB MSE B 211 -19.47 28.78 -36.33
CG MSE B 211 -19.01 29.01 -37.75
SE MSE B 211 -19.56 30.78 -38.42
CE MSE B 211 -21.46 30.48 -38.58
N GLY B 212 -18.58 27.45 -33.49
CA GLY B 212 -18.78 27.53 -32.06
C GLY B 212 -18.23 28.84 -31.47
N LEU B 213 -18.87 29.34 -30.42
CA LEU B 213 -18.34 30.47 -29.66
C LEU B 213 -17.57 29.93 -28.47
N LEU B 214 -16.41 30.50 -28.19
CA LEU B 214 -15.63 30.05 -27.05
C LEU B 214 -16.04 30.82 -25.81
N GLY B 215 -16.18 30.12 -24.69
CA GLY B 215 -16.55 30.81 -23.48
C GLY B 215 -15.62 31.96 -23.17
N PHE B 216 -16.15 33.01 -22.55
CA PHE B 216 -15.37 34.11 -22.02
C PHE B 216 -14.83 33.78 -20.62
N ASN B 217 -15.69 33.23 -19.77
CA ASN B 217 -15.27 32.83 -18.43
C ASN B 217 -14.67 31.44 -18.41
N PRO B 218 -13.76 31.14 -17.46
CA PRO B 218 -13.26 29.74 -17.45
C PRO B 218 -14.40 28.71 -17.49
N HIS B 219 -14.15 27.59 -18.18
CA HIS B 219 -15.13 26.48 -18.28
C HIS B 219 -16.51 26.93 -18.74
N ALA B 220 -16.52 27.94 -19.61
CA ALA B 220 -17.74 28.58 -20.11
C ALA B 220 -18.68 29.04 -18.98
N GLY B 221 -18.06 29.50 -17.91
CA GLY B 221 -18.79 29.96 -16.74
C GLY B 221 -19.33 28.85 -15.85
N ASP B 222 -19.14 27.60 -16.27
CA ASP B 222 -19.53 26.41 -15.51
C ASP B 222 -20.97 26.52 -14.95
N TYR B 223 -21.92 26.62 -15.87
CA TYR B 223 -23.35 26.72 -15.51
C TYR B 223 -23.65 27.80 -14.48
N GLY B 224 -23.06 28.96 -14.67
CA GLY B 224 -23.37 30.12 -13.87
C GLY B 224 -22.59 30.22 -12.58
N VAL B 225 -21.66 29.30 -12.32
CA VAL B 225 -20.86 29.36 -11.07
C VAL B 225 -19.58 30.21 -11.18
N ILE B 226 -19.11 30.47 -12.39
CA ILE B 226 -17.93 31.28 -12.59
C ILE B 226 -18.35 32.40 -13.52
N GLY B 227 -19.07 33.36 -12.97
CA GLY B 227 -19.60 34.45 -13.74
C GLY B 227 -20.82 33.98 -14.49
N GLY B 228 -20.62 33.64 -15.74
CA GLY B 228 -21.71 33.15 -16.55
C GLY B 228 -22.55 34.20 -17.23
N GLU B 229 -22.50 35.45 -16.77
CA GLU B 229 -23.31 36.54 -17.37
C GLU B 229 -23.03 36.69 -18.87
N GLU B 230 -21.75 36.84 -19.22
CA GLU B 230 -21.35 36.89 -20.62
C GLU B 230 -21.90 35.74 -21.46
N GLU B 231 -21.89 34.52 -20.91
CA GLU B 231 -22.37 33.32 -21.60
C GLU B 231 -23.86 33.33 -21.84
N LYS B 232 -24.65 33.91 -20.92
CA LYS B 232 -26.09 34.02 -21.15
C LYS B 232 -26.35 34.86 -22.39
N ILE B 233 -25.62 35.97 -22.48
CA ILE B 233 -25.66 36.82 -23.64
C ILE B 233 -25.21 36.13 -24.92
N MSE B 234 -24.17 35.31 -24.85
CA MSE B 234 -23.82 34.54 -26.04
C MSE B 234 -25.00 33.67 -26.47
O MSE B 234 -25.37 33.67 -27.62
CB MSE B 234 -22.54 33.72 -25.88
CG MSE B 234 -21.39 34.64 -25.60
SE MSE B 234 -19.71 33.85 -25.09
CE MSE B 234 -19.41 35.24 -23.85
N GLU B 235 -25.61 32.96 -25.52
CA GLU B 235 -26.64 32.01 -25.86
C GLU B 235 -27.79 32.71 -26.56
N LYS B 236 -28.10 33.90 -26.06
CA LYS B 236 -29.25 34.66 -26.46
C LYS B 236 -29.05 35.12 -27.91
N ALA B 237 -27.82 35.59 -28.20
CA ALA B 237 -27.39 35.95 -29.56
C ALA B 237 -27.32 34.75 -30.48
N ILE B 238 -26.70 33.65 -30.04
CA ILE B 238 -26.66 32.48 -30.89
C ILE B 238 -28.08 32.08 -31.28
N ALA B 239 -29.01 32.08 -30.33
CA ALA B 239 -30.32 31.54 -30.62
C ALA B 239 -31.06 32.42 -31.64
N PHE B 240 -30.83 33.72 -31.54
CA PHE B 240 -31.49 34.72 -32.34
C PHE B 240 -30.89 34.78 -33.75
N VAL B 241 -29.57 34.83 -33.85
CA VAL B 241 -28.96 34.87 -35.16
C VAL B 241 -29.28 33.61 -35.98
N ASN B 242 -29.06 32.44 -35.37
CA ASN B 242 -29.42 31.16 -35.99
C ASN B 242 -30.81 31.21 -36.60
N ALA B 243 -31.74 31.72 -35.82
CA ALA B 243 -33.13 31.74 -36.23
C ALA B 243 -33.32 32.71 -37.38
N PHE B 244 -32.67 33.88 -37.29
CA PHE B 244 -32.75 34.90 -38.34
C PHE B 244 -32.23 34.33 -39.64
N LEU B 245 -31.11 33.63 -39.59
CA LEU B 245 -30.50 33.07 -40.79
C LEU B 245 -31.34 32.01 -41.49
N HIS B 246 -32.08 31.20 -40.73
CA HIS B 246 -33.04 30.26 -41.32
C HIS B 246 -34.15 31.02 -42.01
N SER B 247 -34.60 32.12 -41.40
CA SER B 247 -35.82 32.80 -41.85
C SER B 247 -35.63 33.39 -43.24
N LYS B 248 -34.37 33.67 -43.56
CA LYS B 248 -34.01 34.27 -44.84
C LYS B 248 -34.43 35.74 -44.93
N LYS B 249 -34.89 36.32 -43.81
CA LYS B 249 -35.34 37.72 -43.77
C LYS B 249 -34.17 38.69 -43.92
N ASP B 250 -34.43 39.97 -44.13
CA ASP B 250 -33.38 40.90 -44.54
C ASP B 250 -32.81 41.75 -43.41
N GLU B 251 -31.85 42.61 -43.80
CA GLU B 251 -31.16 43.57 -42.94
C GLU B 251 -32.07 44.55 -42.19
N LYS B 252 -33.08 45.06 -42.89
CA LYS B 252 -34.02 46.01 -42.32
C LYS B 252 -34.79 45.33 -41.17
N PHE B 253 -35.23 44.11 -41.40
CA PHE B 253 -35.89 43.38 -40.37
C PHE B 253 -34.98 43.11 -39.17
N PHE B 254 -33.75 42.74 -39.48
CA PHE B 254 -32.81 42.47 -38.48
C PHE B 254 -32.59 43.67 -37.56
N LYS B 255 -32.50 44.87 -38.13
CA LYS B 255 -32.23 46.04 -37.32
C LYS B 255 -33.46 46.31 -36.42
N LYS B 256 -34.63 45.97 -36.93
CA LYS B 256 -35.87 46.14 -36.22
C LYS B 256 -35.98 45.08 -35.07
N ALA B 257 -35.57 43.85 -35.35
CA ALA B 257 -35.79 42.78 -34.41
C ALA B 257 -34.82 42.87 -33.27
N LEU B 258 -33.68 43.53 -33.49
CA LEU B 258 -32.69 43.72 -32.43
C LEU B 258 -33.25 44.58 -31.28
N LYS B 259 -34.24 45.40 -31.55
CA LYS B 259 -34.68 46.33 -30.53
C LYS B 259 -35.90 45.86 -29.77
N ASP B 260 -36.44 44.69 -30.16
CA ASP B 260 -37.79 44.24 -29.75
C ASP B 260 -37.85 42.75 -29.40
N GLU B 261 -38.07 42.49 -28.11
CA GLU B 261 -38.06 41.14 -27.55
C GLU B 261 -39.17 40.28 -28.12
N ASN B 262 -40.31 40.87 -28.46
CA ASN B 262 -41.41 40.06 -28.94
C ASN B 262 -41.20 39.61 -30.36
N LEU B 263 -40.68 40.50 -31.18
CA LEU B 263 -40.28 40.15 -32.51
C LEU B 263 -39.27 39.02 -32.49
N GLN B 264 -38.30 39.10 -31.59
CA GLN B 264 -37.32 38.02 -31.36
C GLN B 264 -37.97 36.69 -30.98
N LYS B 265 -38.97 36.75 -30.10
CA LYS B 265 -39.67 35.55 -29.63
C LYS B 265 -40.36 34.89 -30.82
N GLU B 266 -41.02 35.70 -31.64
CA GLU B 266 -41.77 35.23 -32.79
C GLU B 266 -40.83 34.52 -33.78
N LEU B 267 -39.64 35.07 -33.92
CA LEU B 267 -38.71 34.50 -34.86
C LEU B 267 -38.23 33.15 -34.30
N LEU B 268 -37.99 33.12 -32.98
CA LEU B 268 -37.53 31.92 -32.29
C LEU B 268 -38.60 30.83 -32.28
N LEU B 269 -39.87 31.17 -32.10
CA LEU B 269 -40.92 30.16 -32.20
C LEU B 269 -41.04 29.55 -33.59
N ASN B 270 -40.84 30.35 -34.64
CA ASN B 270 -41.07 29.92 -36.03
C ASN B 270 -39.90 29.21 -36.68
N PHE B 271 -38.70 29.44 -36.17
CA PHE B 271 -37.50 28.89 -36.76
C PHE B 271 -36.64 28.25 -35.70
N LYS B 272 -37.27 27.48 -34.83
CA LYS B 272 -36.56 26.56 -33.92
C LYS B 272 -35.75 25.65 -34.80
N GLY B 273 -34.63 25.19 -34.27
CA GLY B 273 -33.86 24.19 -34.97
C GLY B 273 -32.38 24.44 -34.84
N LYS B 274 -31.60 23.41 -35.16
CA LYS B 274 -30.15 23.54 -35.17
C LYS B 274 -29.81 24.51 -36.29
N GLY B 275 -29.00 25.50 -35.94
CA GLY B 275 -28.54 26.53 -36.86
C GLY B 275 -27.09 26.31 -37.17
N VAL B 276 -26.44 27.36 -37.65
CA VAL B 276 -25.06 27.21 -38.10
C VAL B 276 -24.11 27.43 -36.94
N TYR B 277 -24.59 28.14 -35.92
CA TYR B 277 -23.87 28.25 -34.65
C TYR B 277 -24.34 27.21 -33.65
N LEU B 278 -23.38 26.54 -33.04
CA LEU B 278 -23.63 25.64 -31.93
C LEU B 278 -24.33 26.41 -30.81
N PRO B 279 -25.27 25.76 -30.11
CA PRO B 279 -26.09 26.56 -29.20
C PRO B 279 -25.37 27.03 -27.93
N TYR B 280 -24.30 26.37 -27.51
CA TYR B 280 -23.67 26.76 -26.21
C TYR B 280 -22.22 27.10 -26.34
N PRO B 281 -21.75 28.10 -25.59
CA PRO B 281 -20.33 28.40 -25.73
C PRO B 281 -19.51 27.16 -25.37
N LEU B 282 -18.32 27.06 -25.97
CA LEU B 282 -17.45 25.92 -25.82
C LEU B 282 -16.39 26.18 -24.76
N VAL B 283 -15.98 25.12 -24.07
CA VAL B 283 -14.94 25.25 -23.09
C VAL B 283 -13.56 25.33 -23.77
N ALA B 284 -12.76 26.30 -23.40
CA ALA B 284 -11.43 26.42 -23.95
C ALA B 284 -10.52 25.26 -23.57
N ASP B 285 -10.76 24.59 -22.46
CA ASP B 285 -9.97 23.40 -22.17
C ASP B 285 -10.02 22.39 -23.32
N THR B 286 -11.21 22.12 -23.82
CA THR B 286 -11.40 21.08 -24.81
C THR B 286 -11.30 21.60 -26.26
N ALA B 287 -11.51 22.90 -26.46
CA ALA B 287 -11.75 23.38 -27.83
C ALA B 287 -10.61 23.18 -28.82
N PHE B 288 -9.36 23.09 -28.34
CA PHE B 288 -8.18 23.10 -29.21
C PHE B 288 -7.41 21.78 -29.28
N THR B 289 -8.02 20.74 -28.76
CA THR B 289 -7.49 19.39 -28.82
C THR B 289 -7.91 18.68 -30.12
N LYS B 290 -7.31 17.51 -30.39
CA LYS B 290 -7.68 16.72 -31.55
C LYS B 290 -9.20 16.60 -31.62
N THR B 291 -9.77 15.92 -30.63
CA THR B 291 -11.21 15.63 -30.60
C THR B 291 -12.05 16.92 -30.66
N GLY B 292 -11.62 17.96 -29.97
CA GLY B 292 -12.32 19.23 -30.02
C GLY B 292 -12.38 19.78 -31.42
N LEU B 293 -11.22 19.91 -32.04
CA LEU B 293 -11.14 20.34 -33.43
C LEU B 293 -11.96 19.48 -34.39
N LYS B 294 -11.99 18.17 -34.14
CA LYS B 294 -12.84 17.24 -34.89
C LYS B 294 -14.31 17.57 -34.72
N ASN B 295 -14.70 17.98 -33.52
CA ASN B 295 -16.07 18.43 -33.24
C ASN B 295 -16.35 19.74 -33.99
N CYS B 296 -15.48 20.73 -33.80
CA CYS B 296 -15.72 22.02 -34.42
C CYS B 296 -14.44 22.73 -34.60
N ASN B 297 -14.22 23.27 -35.80
CA ASN B 297 -12.93 23.88 -36.14
C ASN B 297 -13.08 25.25 -36.80
N ARG B 298 -14.23 25.86 -36.57
CA ARG B 298 -14.52 27.19 -37.02
C ARG B 298 -15.06 27.92 -35.81
N LEU B 299 -14.24 28.74 -35.16
CA LEU B 299 -14.57 29.30 -33.85
C LEU B 299 -14.64 30.83 -33.84
N VAL B 300 -15.23 31.40 -32.79
CA VAL B 300 -15.32 32.82 -32.63
C VAL B 300 -14.85 33.08 -31.22
N ALA B 301 -13.85 33.93 -31.05
CA ALA B 301 -13.28 34.21 -29.70
C ALA B 301 -13.61 35.62 -29.30
N MSE B 302 -13.85 35.79 -28.02
CA MSE B 302 -14.29 37.08 -27.53
C MSE B 302 -13.08 37.99 -27.44
O MSE B 302 -13.22 39.24 -27.47
CB MSE B 302 -15.00 36.91 -26.19
CG MSE B 302 -16.35 36.21 -26.23
SE MSE B 302 -17.75 36.87 -27.53
CE MSE B 302 -17.46 35.45 -28.80
N TYR B 303 -11.88 37.42 -27.34
CA TYR B 303 -10.72 38.31 -27.14
C TYR B 303 -9.50 37.78 -27.77
N HIS B 304 -8.65 38.72 -28.18
CA HIS B 304 -7.40 38.48 -28.88
C HIS B 304 -6.63 37.23 -28.44
N ASP B 305 -6.22 37.12 -27.18
CA ASP B 305 -5.27 36.07 -26.84
C ASP B 305 -5.86 34.67 -26.81
N LEU B 306 -7.15 34.57 -26.54
CA LEU B 306 -7.79 33.28 -26.58
C LEU B 306 -7.63 32.68 -27.98
N ALA B 307 -7.52 33.53 -28.98
CA ALA B 307 -7.35 33.04 -30.34
C ALA B 307 -5.88 32.82 -30.62
N LEU B 308 -5.09 33.89 -30.43
CA LEU B 308 -3.68 33.85 -30.80
C LEU B 308 -2.86 32.75 -30.15
N ALA B 309 -3.04 32.51 -28.86
CA ALA B 309 -2.10 31.66 -28.13
C ALA B 309 -2.17 30.18 -28.55
N PRO B 310 -3.38 29.59 -28.68
CA PRO B 310 -3.44 28.17 -29.13
C PRO B 310 -3.20 27.99 -30.63
N LEU B 311 -3.52 29.02 -31.38
CA LEU B 311 -3.46 28.92 -32.82
C LEU B 311 -2.02 29.02 -33.30
N LYS B 312 -1.25 29.92 -32.67
CA LYS B 312 0.20 29.99 -32.85
C LYS B 312 0.92 28.81 -32.20
N ALA B 313 0.33 28.17 -31.21
CA ALA B 313 0.97 26.92 -30.74
C ALA B 313 0.81 25.78 -31.76
N LEU B 314 -0.32 25.75 -32.47
CA LEU B 314 -0.55 24.71 -33.44
C LEU B 314 -0.02 25.06 -34.85
N TYR B 315 -0.28 26.28 -35.31
CA TYR B 315 -0.05 26.66 -36.71
C TYR B 315 0.82 27.92 -36.88
N PHE B 316 1.99 27.89 -36.27
CA PHE B 316 2.93 28.98 -36.27
C PHE B 316 3.32 29.41 -37.70
N ASP B 317 3.64 28.42 -38.53
CA ASP B 317 4.19 28.64 -39.86
C ASP B 317 3.14 28.99 -40.89
N LYS B 318 1.95 28.40 -40.79
CA LYS B 318 0.95 28.40 -41.86
C LYS B 318 -0.25 29.34 -41.65
N SER B 319 -0.30 30.00 -40.50
CA SER B 319 -1.48 30.76 -40.12
C SER B 319 -1.59 32.15 -40.78
N ILE B 320 -2.76 32.44 -41.37
CA ILE B 320 -2.94 33.72 -42.05
C ILE B 320 -3.89 34.69 -41.37
N ASN B 321 -3.96 35.91 -41.90
CA ASN B 321 -4.91 36.89 -41.40
C ASN B 321 -5.85 37.30 -42.53
N VAL B 322 -7.16 37.20 -42.31
CA VAL B 322 -8.15 37.51 -43.35
C VAL B 322 -9.04 38.64 -42.87
N SER B 323 -9.26 39.63 -43.73
CA SER B 323 -10.16 40.73 -43.42
C SER B 323 -11.46 40.50 -44.15
N LEU B 324 -12.46 40.15 -43.37
CA LEU B 324 -13.82 40.01 -43.83
C LEU B 324 -14.55 41.36 -43.73
N ASN B 325 -15.69 41.43 -44.44
CA ASN B 325 -16.66 42.52 -44.34
C ASN B 325 -16.24 43.82 -45.02
N LEU B 326 -15.39 43.70 -46.04
CA LEU B 326 -14.95 44.84 -46.83
C LEU B 326 -15.43 44.66 -48.24
N PRO B 327 -15.49 45.75 -49.04
CA PRO B 327 -15.94 45.62 -50.41
C PRO B 327 -14.94 44.91 -51.30
N ILE B 328 -13.82 44.47 -50.74
CA ILE B 328 -12.79 43.75 -51.49
C ILE B 328 -12.29 42.55 -50.68
N ILE B 329 -11.69 41.57 -51.34
CA ILE B 329 -11.02 40.50 -50.63
C ILE B 329 -9.63 40.97 -50.25
N ARG B 330 -9.27 40.75 -48.99
CA ARG B 330 -7.99 41.18 -48.49
C ARG B 330 -7.44 40.23 -47.46
N VAL B 331 -6.23 39.76 -47.71
CA VAL B 331 -5.60 38.86 -46.77
C VAL B 331 -4.24 39.44 -46.38
N SER B 332 -3.59 38.79 -45.40
CA SER B 332 -2.30 39.20 -44.90
C SER B 332 -1.59 38.11 -44.12
N VAL B 333 -0.35 38.37 -43.71
CA VAL B 333 0.37 37.48 -42.80
C VAL B 333 1.06 38.26 -41.71
N ASP B 334 1.38 37.57 -40.62
CA ASP B 334 2.16 38.17 -39.55
C ASP B 334 3.66 38.14 -39.83
N HIS B 335 4.31 39.28 -39.60
CA HIS B 335 5.76 39.32 -39.36
C HIS B 335 6.37 38.01 -38.78
N GLY B 336 7.10 37.25 -39.59
CA GLY B 336 7.84 36.08 -39.07
C GLY B 336 8.88 36.43 -38.00
N THR B 337 10.05 36.90 -38.46
CA THR B 337 11.13 37.44 -37.61
C THR B 337 10.80 38.75 -36.89
N ALA B 338 11.74 39.20 -36.05
CA ALA B 338 11.77 40.59 -35.64
C ALA B 338 11.98 41.46 -36.89
N PHE B 339 11.30 42.61 -36.89
CA PHE B 339 11.41 43.61 -37.97
C PHE B 339 12.88 43.98 -38.25
N ASP B 340 13.59 44.20 -37.15
CA ASP B 340 14.99 44.59 -37.10
CA ASP B 340 15.00 44.61 -37.16
C ASP B 340 15.87 43.76 -38.07
N LYS B 341 15.60 42.46 -38.14
CA LYS B 341 16.52 41.52 -38.83
C LYS B 341 16.23 41.23 -40.33
N ALA B 342 16.15 42.29 -41.11
CA ALA B 342 15.88 42.18 -42.55
C ALA B 342 17.18 42.30 -43.31
N TYR B 343 17.24 41.64 -44.47
CA TYR B 343 18.38 41.71 -45.41
C TYR B 343 19.68 41.17 -44.81
N LYS B 344 19.55 40.16 -43.96
CA LYS B 344 20.69 39.63 -43.22
C LYS B 344 21.10 38.25 -43.71
N ASN B 345 20.26 37.64 -44.55
CA ASN B 345 20.40 36.22 -44.88
C ASN B 345 19.97 35.26 -43.74
N ALA B 346 19.11 35.75 -42.84
CA ALA B 346 18.40 34.88 -41.89
C ALA B 346 17.40 34.03 -42.69
N LYS B 347 17.12 32.82 -42.21
CA LYS B 347 16.19 31.92 -42.90
C LYS B 347 14.78 32.53 -42.85
N ILE B 348 14.10 32.50 -43.99
CA ILE B 348 12.83 33.19 -44.10
C ILE B 348 11.70 32.24 -44.45
N ASN B 349 10.68 32.19 -43.60
CA ASN B 349 9.51 31.36 -43.84
C ASN B 349 8.46 31.93 -44.82
N THR B 350 8.17 31.19 -45.89
CA THR B 350 7.24 31.68 -46.92
C THR B 350 5.92 30.93 -46.88
N LYS B 351 5.86 29.92 -46.04
CA LYS B 351 4.70 29.03 -45.96
C LYS B 351 3.35 29.75 -45.79
N SER B 352 3.32 30.84 -45.04
CA SER B 352 2.04 31.55 -44.83
C SER B 352 1.68 32.51 -45.96
N TYR B 353 2.70 33.09 -46.60
CA TYR B 353 2.51 33.88 -47.80
C TYR B 353 1.74 33.06 -48.84
N PHE B 354 2.23 31.85 -49.15
CA PHE B 354 1.51 30.92 -49.99
C PHE B 354 0.09 30.63 -49.52
N GLU B 355 -0.07 30.25 -48.25
CA GLU B 355 -1.38 29.91 -47.77
C GLU B 355 -2.35 31.07 -47.99
N ALA B 356 -1.88 32.28 -47.70
CA ALA B 356 -2.73 33.46 -47.81
C ALA B 356 -3.19 33.65 -49.25
N ALA B 357 -2.24 33.63 -50.17
CA ALA B 357 -2.55 33.69 -51.59
C ALA B 357 -3.47 32.55 -52.02
N LYS B 358 -3.20 31.34 -51.53
CA LYS B 358 -3.99 30.18 -51.88
C LYS B 358 -5.45 30.39 -51.49
N PHE B 359 -5.65 30.86 -50.26
CA PHE B 359 -6.99 31.15 -49.73
C PHE B 359 -7.77 32.19 -50.54
N ALA B 360 -7.11 33.25 -51.00
CA ALA B 360 -7.76 34.28 -51.82
C ALA B 360 -8.23 33.76 -53.19
N ILE B 361 -7.34 33.06 -53.89
CA ILE B 361 -7.66 32.46 -55.19
C ILE B 361 -8.90 31.58 -55.05
N ASN B 362 -8.88 30.70 -54.06
CA ASN B 362 -9.90 29.71 -53.85
C ASN B 362 -11.25 30.34 -53.47
N LEU B 363 -11.35 31.66 -53.54
CA LEU B 363 -12.60 32.36 -53.26
C LEU B 363 -13.31 32.83 -54.52
N HIS B 364 -14.64 32.87 -54.46
CA HIS B 364 -15.49 33.44 -55.54
C HIS B 364 -15.23 34.96 -55.65
N SER B 365 -15.60 35.56 -56.78
CA SER B 365 -15.46 37.00 -57.01
C SER B 365 -16.38 37.87 -56.13
N LYS B 366 -16.19 39.18 -56.23
CA LYS B 366 -16.97 40.14 -55.45
C LYS B 366 -17.54 41.25 -56.35
N ALA C 3 -34.82 -40.00 19.50
CA ALA C 3 -33.52 -39.52 18.96
C ALA C 3 -32.37 -39.74 19.95
N MSE C 4 -32.75 -40.13 21.18
CA MSE C 4 -31.80 -40.51 22.25
C MSE C 4 -30.99 -41.74 21.82
O MSE C 4 -31.56 -42.76 21.44
CB MSE C 4 -32.53 -40.84 23.55
CG MSE C 4 -33.46 -39.75 24.11
SE MSE C 4 -32.49 -38.48 25.22
CE MSE C 4 -31.82 -37.26 23.82
N LYS C 5 -29.68 -41.65 21.87
CA LYS C 5 -28.93 -42.84 21.60
C LYS C 5 -28.65 -43.54 22.92
N LYS C 6 -28.46 -44.87 22.89
CA LYS C 6 -28.19 -45.62 24.12
C LYS C 6 -26.70 -45.68 24.38
N LEU C 7 -26.30 -45.20 25.56
CA LEU C 7 -24.90 -45.15 25.95
C LEU C 7 -24.54 -46.27 26.96
N ALA C 8 -23.50 -47.08 26.71
CA ALA C 8 -23.10 -48.09 27.72
C ALA C 8 -21.98 -47.60 28.60
N ILE C 9 -22.17 -47.68 29.91
CA ILE C 9 -21.13 -47.23 30.82
C ILE C 9 -20.66 -48.36 31.73
N SER C 10 -19.34 -48.57 31.73
CA SER C 10 -18.68 -49.46 32.69
C SER C 10 -18.12 -48.62 33.84
N ILE C 11 -18.26 -49.13 35.05
CA ILE C 11 -18.11 -48.31 36.25
C ILE C 11 -16.68 -48.12 36.74
N GLY C 12 -15.72 -48.76 36.08
CA GLY C 12 -14.31 -48.62 36.42
C GLY C 12 -14.05 -49.33 37.72
N ASP C 13 -13.10 -48.83 38.51
CA ASP C 13 -12.88 -49.37 39.82
C ASP C 13 -13.85 -48.70 40.84
N ILE C 14 -14.73 -49.50 41.42
CA ILE C 14 -15.70 -48.99 42.36
C ILE C 14 -15.07 -48.29 43.55
N ASN C 15 -13.79 -48.55 43.78
CA ASN C 15 -13.09 -47.95 44.91
C ASN C 15 -12.65 -46.53 44.57
N SER C 16 -12.75 -46.14 43.31
CA SER C 16 -12.37 -44.79 42.90
C SER C 16 -13.58 -43.84 42.91
N ILE C 17 -13.33 -42.61 42.41
CA ILE C 17 -14.32 -41.59 42.25
C ILE C 17 -15.30 -41.78 41.11
N GLY C 18 -15.16 -42.83 40.33
CA GLY C 18 -16.11 -43.12 39.24
C GLY C 18 -17.59 -43.13 39.61
N LEU C 19 -17.98 -43.89 40.64
CA LEU C 19 -19.38 -43.95 40.97
C LEU C 19 -19.94 -42.56 41.33
N GLU C 20 -19.15 -41.76 42.01
CA GLU C 20 -19.62 -40.44 42.40
C GLU C 20 -19.89 -39.58 41.17
N ILE C 21 -18.98 -39.65 40.20
CA ILE C 21 -19.14 -38.93 38.95
C ILE C 21 -20.43 -39.38 38.29
N LEU C 22 -20.56 -40.68 38.16
CA LEU C 22 -21.68 -41.24 37.48
C LEU C 22 -22.97 -40.83 38.15
N VAL C 23 -23.01 -40.96 39.46
CA VAL C 23 -24.23 -40.67 40.21
C VAL C 23 -24.56 -39.20 40.17
N ARG C 24 -23.63 -38.33 40.57
CA ARG C 24 -23.88 -36.91 40.53
C ARG C 24 -24.26 -36.43 39.13
N SER C 25 -23.82 -37.16 38.08
CA SER C 25 -24.02 -36.70 36.69
C SER C 25 -25.23 -37.31 36.00
N HIS C 26 -25.89 -38.27 36.65
CA HIS C 26 -26.90 -39.05 35.95
C HIS C 26 -28.01 -38.19 35.37
N GLU C 27 -28.47 -37.24 36.16
CA GLU C 27 -29.62 -36.46 35.80
C GLU C 27 -29.34 -35.64 34.51
N GLU C 28 -28.20 -34.97 34.45
CA GLU C 28 -27.78 -34.22 33.25
CA GLU C 28 -27.85 -34.23 33.24
C GLU C 28 -27.61 -35.16 32.05
N LEU C 29 -26.92 -36.28 32.29
CA LEU C 29 -26.64 -37.25 31.26
C LEU C 29 -27.92 -37.79 30.62
N SER C 30 -28.92 -38.06 31.45
CA SER C 30 -30.22 -38.50 30.96
C SER C 30 -30.91 -37.53 30.04
N LYS C 31 -30.42 -36.29 29.97
CA LYS C 31 -31.00 -35.24 29.13
C LYS C 31 -30.64 -35.45 27.66
N ILE C 32 -29.42 -35.95 27.43
CA ILE C 32 -28.84 -36.07 26.09
C ILE C 32 -28.66 -37.51 25.60
N CYS C 33 -28.86 -38.49 26.49
CA CYS C 33 -28.84 -39.91 26.09
C CYS C 33 -29.52 -40.85 27.09
N THR C 34 -29.55 -42.14 26.76
CA THR C 34 -30.12 -43.16 27.63
C THR C 34 -28.94 -44.00 28.12
N PRO C 35 -28.54 -43.83 29.41
CA PRO C 35 -27.38 -44.55 29.94
C PRO C 35 -27.72 -45.97 30.43
N PHE C 36 -26.83 -46.91 30.12
CA PHE C 36 -26.91 -48.23 30.70
C PHE C 36 -25.67 -48.49 31.55
N TYR C 37 -25.85 -48.41 32.86
CA TYR C 37 -24.74 -48.55 33.78
C TYR C 37 -24.52 -50.01 34.12
N PHE C 38 -23.32 -50.51 33.86
CA PHE C 38 -22.99 -51.90 34.09
C PHE C 38 -22.55 -52.17 35.51
N ILE C 39 -23.52 -52.59 36.32
CA ILE C 39 -23.33 -52.73 37.77
C ILE C 39 -24.49 -53.53 38.37
N HIS C 40 -24.22 -54.16 39.52
CA HIS C 40 -25.22 -54.90 40.24
C HIS C 40 -25.87 -54.04 41.33
N GLU C 41 -27.18 -54.23 41.49
CA GLU C 41 -27.97 -53.58 42.52
C GLU C 41 -27.29 -53.58 43.89
N SER C 42 -26.90 -54.77 44.35
CA SER C 42 -26.24 -54.92 45.63
C SER C 42 -25.02 -54.00 45.74
N LEU C 43 -24.19 -53.97 44.70
CA LEU C 43 -23.05 -53.05 44.68
C LEU C 43 -23.41 -51.56 44.62
N LEU C 44 -24.42 -51.23 43.84
CA LEU C 44 -24.78 -49.84 43.67
C LEU C 44 -25.22 -49.23 44.99
N ASN C 45 -26.08 -49.95 45.72
CA ASN C 45 -26.55 -49.45 47.00
C ASN C 45 -25.42 -49.28 48.01
N LYS C 46 -24.42 -50.16 47.98
CA LYS C 46 -23.26 -49.96 48.86
C LYS C 46 -22.60 -48.62 48.58
N ALA C 47 -22.45 -48.26 47.30
CA ALA C 47 -21.84 -47.01 46.88
C ALA C 47 -22.70 -45.82 47.26
N LEU C 48 -24.00 -45.93 46.98
CA LEU C 48 -24.98 -44.90 47.29
C LEU C 48 -25.03 -44.59 48.77
N LYS C 49 -25.02 -45.63 49.59
CA LYS C 49 -25.03 -45.47 51.01
C LYS C 49 -23.73 -44.86 51.51
N LEU C 50 -22.62 -45.30 50.95
CA LEU C 50 -21.36 -44.71 51.32
C LEU C 50 -21.23 -43.23 50.88
N LEU C 51 -21.62 -42.92 49.64
CA LEU C 51 -21.59 -41.52 49.16
C LEU C 51 -22.70 -40.67 49.78
N ASN C 52 -23.68 -41.34 50.38
CA ASN C 52 -24.92 -40.70 50.82
C ASN C 52 -25.61 -39.89 49.70
N LEU C 53 -25.96 -40.57 48.61
CA LEU C 53 -26.67 -39.92 47.50
C LEU C 53 -27.78 -40.82 47.03
N LYS C 54 -28.63 -40.29 46.17
CA LYS C 54 -29.71 -41.07 45.52
C LYS C 54 -29.57 -41.14 44.01
N LEU C 55 -30.27 -42.10 43.40
CA LEU C 55 -30.26 -42.28 41.96
C LEU C 55 -31.65 -42.67 41.45
N PHE C 56 -32.22 -41.80 40.62
CA PHE C 56 -33.57 -42.00 40.12
C PHE C 56 -33.58 -42.24 38.63
N ASN C 57 -34.57 -42.97 38.13
CA ASN C 57 -34.75 -43.30 36.70
C ASN C 57 -33.48 -43.74 35.95
N ALA C 58 -32.81 -44.73 36.51
CA ALA C 58 -31.54 -45.23 35.97
C ALA C 58 -31.72 -46.68 35.53
N LYS C 59 -31.04 -47.01 34.44
CA LYS C 59 -31.02 -48.35 33.90
C LYS C 59 -29.71 -48.96 34.29
N ILE C 60 -29.76 -50.07 35.03
CA ILE C 60 -28.53 -50.75 35.39
C ILE C 60 -28.52 -52.14 34.79
N VAL C 61 -27.36 -52.59 34.34
CA VAL C 61 -27.26 -53.91 33.71
C VAL C 61 -26.43 -54.86 34.57
N ALA C 62 -27.06 -55.90 35.11
CA ALA C 62 -26.35 -56.95 35.83
C ALA C 62 -25.85 -58.00 34.86
N PHE C 63 -24.54 -58.04 34.70
CA PHE C 63 -23.88 -58.95 33.75
C PHE C 63 -23.47 -60.26 34.44
N LYS C 64 -23.40 -61.33 33.65
CA LYS C 64 -23.12 -62.65 34.15
C LYS C 64 -22.41 -63.46 33.08
N ASP C 65 -21.41 -64.23 33.52
CA ASP C 65 -20.72 -65.17 32.65
C ASP C 65 -21.62 -66.34 32.29
N ASP C 66 -21.74 -66.58 30.99
CA ASP C 66 -22.51 -67.69 30.45
C ASP C 66 -21.80 -68.12 29.16
N LYS C 67 -22.33 -69.10 28.45
CA LYS C 67 -21.74 -69.48 27.15
C LYS C 67 -22.48 -68.81 25.99
N ASP C 68 -23.71 -68.39 26.28
CA ASP C 68 -24.62 -67.79 25.33
C ASP C 68 -24.83 -66.30 25.60
N TYR C 69 -25.01 -65.53 24.53
CA TYR C 69 -25.45 -64.15 24.63
C TYR C 69 -26.97 -64.08 24.85
N GLU C 70 -27.38 -63.37 25.90
CA GLU C 70 -28.80 -63.02 26.11
C GLU C 70 -29.03 -61.70 26.88
N PHE C 71 -29.93 -60.89 26.37
CA PHE C 71 -30.22 -59.62 27.02
C PHE C 71 -31.70 -59.53 27.40
N ASN C 72 -31.98 -59.39 28.69
CA ASN C 72 -33.36 -59.31 29.16
C ASN C 72 -33.61 -58.15 30.09
N PHE C 73 -34.86 -57.69 30.09
CA PHE C 73 -35.37 -56.79 31.11
C PHE C 73 -35.76 -57.64 32.32
N ILE C 74 -35.72 -57.07 33.52
CA ILE C 74 -36.17 -57.83 34.67
C ILE C 74 -37.29 -57.17 35.44
N LYS C 75 -36.99 -56.07 36.13
CA LYS C 75 -37.95 -55.41 36.98
C LYS C 75 -37.57 -53.94 37.18
N LYS C 76 -38.53 -53.14 37.65
CA LYS C 76 -38.25 -51.82 38.21
C LYS C 76 -38.14 -51.97 39.74
N GLU C 77 -37.15 -51.34 40.36
CA GLU C 77 -37.12 -51.33 41.81
C GLU C 77 -37.45 -49.96 42.39
N ASN C 78 -36.49 -49.39 43.09
CA ASN C 78 -36.64 -48.03 43.60
C ASN C 78 -36.39 -47.02 42.46
N SER C 79 -37.30 -47.06 41.48
CA SER C 79 -37.20 -46.31 40.20
C SER C 79 -36.02 -46.74 39.30
N LEU C 80 -35.44 -47.90 39.62
CA LEU C 80 -34.32 -48.44 38.87
C LEU C 80 -34.77 -49.51 37.93
N GLU C 81 -34.50 -49.34 36.64
CA GLU C 81 -34.78 -50.39 35.67
C GLU C 81 -33.62 -51.38 35.64
N ILE C 82 -33.89 -52.62 36.02
CA ILE C 82 -32.84 -53.63 36.06
C ILE C 82 -32.91 -54.62 34.88
N TYR C 83 -31.81 -54.71 34.13
CA TYR C 83 -31.66 -55.62 33.00
C TYR C 83 -30.59 -56.65 33.30
N SER C 84 -30.51 -57.70 32.48
CA SER C 84 -29.41 -58.65 32.59
C SER C 84 -28.84 -59.01 31.23
N PHE C 85 -27.53 -59.28 31.22
CA PHE C 85 -26.78 -59.57 30.01
C PHE C 85 -25.89 -60.77 30.28
N CYS C 86 -26.26 -61.92 29.74
CA CYS C 86 -25.48 -63.12 29.92
C CYS C 86 -24.49 -63.14 28.76
N LEU C 87 -23.21 -63.38 29.03
CA LEU C 87 -22.23 -63.41 27.95
C LEU C 87 -20.98 -64.18 28.31
N PRO C 88 -20.23 -64.66 27.29
CA PRO C 88 -18.97 -65.37 27.51
C PRO C 88 -17.90 -64.48 28.09
N LEU C 89 -17.82 -64.39 29.41
CA LEU C 89 -16.82 -63.52 30.02
C LEU C 89 -15.44 -64.15 30.15
N GLY C 90 -15.40 -65.44 30.50
CA GLY C 90 -14.15 -66.08 30.86
C GLY C 90 -13.94 -66.16 32.37
N PHE C 91 -14.74 -65.41 33.13
CA PHE C 91 -14.54 -65.35 34.58
C PHE C 91 -15.87 -65.44 35.34
N LYS C 92 -15.80 -65.85 36.59
CA LYS C 92 -17.00 -65.80 37.43
C LYS C 92 -17.18 -64.35 37.98
N VAL C 93 -18.38 -63.79 37.84
CA VAL C 93 -18.65 -62.45 38.33
C VAL C 93 -18.87 -62.56 39.83
N ASP C 94 -18.12 -61.78 40.60
CA ASP C 94 -18.30 -61.77 42.04
C ASP C 94 -18.60 -60.35 42.56
N GLU C 95 -19.85 -60.11 42.92
CA GLU C 95 -20.24 -58.77 43.40
C GLU C 95 -20.28 -58.65 44.91
N ASN C 96 -19.90 -59.71 45.62
CA ASN C 96 -19.93 -59.66 47.07
C ASN C 96 -18.56 -59.39 47.70
N PHE C 97 -18.13 -58.15 47.57
CA PHE C 97 -16.97 -57.63 48.28
C PHE C 97 -17.38 -56.26 48.79
N GLU C 98 -16.70 -55.73 49.80
CA GLU C 98 -17.04 -54.39 50.26
C GLU C 98 -16.18 -53.35 49.60
N ILE C 99 -16.75 -52.20 49.28
CA ILE C 99 -16.00 -51.04 48.77
C ILE C 99 -14.89 -50.64 49.72
N GLN C 100 -13.72 -50.29 49.19
CA GLN C 100 -12.62 -49.81 50.04
C GLN C 100 -11.99 -48.52 49.50
N ALA C 101 -12.45 -47.40 50.06
CA ALA C 101 -12.16 -46.08 49.51
C ALA C 101 -10.68 -45.85 49.17
N GLY C 102 -10.40 -45.84 47.87
CA GLY C 102 -9.09 -45.46 47.35
C GLY C 102 -8.07 -46.57 47.42
N GLU C 103 -8.54 -47.81 47.57
CA GLU C 103 -7.64 -48.93 47.79
C GLU C 103 -7.52 -49.86 46.59
N ILE C 104 -6.32 -50.34 46.32
CA ILE C 104 -6.16 -51.32 45.26
C ILE C 104 -6.63 -52.68 45.80
N ASP C 105 -7.38 -53.43 45.00
CA ASP C 105 -8.05 -54.63 45.49
C ASP C 105 -8.40 -55.57 44.36
N ALA C 106 -8.07 -56.83 44.52
CA ALA C 106 -8.29 -57.80 43.46
C ALA C 106 -9.77 -57.89 43.04
N LYS C 107 -10.66 -57.94 44.04
CA LYS C 107 -12.04 -58.18 43.75
C LYS C 107 -12.72 -57.02 43.05
N SER C 108 -12.32 -55.79 43.40
CA SER C 108 -12.93 -54.65 42.76
C SER C 108 -12.22 -54.39 41.43
N GLY C 109 -10.96 -54.80 41.33
CA GLY C 109 -10.23 -54.82 40.07
C GLY C 109 -10.89 -55.74 39.05
N LEU C 110 -11.07 -56.99 39.44
CA LEU C 110 -11.71 -57.93 38.52
C LEU C 110 -13.13 -57.50 38.13
N TYR C 111 -13.90 -56.99 39.08
CA TYR C 111 -15.27 -56.60 38.80
C TYR C 111 -15.32 -55.45 37.77
N GLY C 112 -14.51 -54.41 37.97
CA GLY C 112 -14.36 -53.31 37.00
C GLY C 112 -14.02 -53.79 35.61
N PHE C 113 -13.10 -54.75 35.52
CA PHE C 113 -12.75 -55.33 34.24
C PHE C 113 -13.97 -56.02 33.60
N LEU C 114 -14.64 -56.90 34.34
CA LEU C 114 -15.77 -57.60 33.76
C LEU C 114 -16.89 -56.64 33.38
N SER C 115 -17.07 -55.58 34.18
CA SER C 115 -18.01 -54.51 33.86
C SER C 115 -17.75 -53.94 32.48
N PHE C 116 -16.47 -53.74 32.21
CA PHE C 116 -16.02 -53.12 30.97
C PHE C 116 -16.09 -54.10 29.83
N LYS C 117 -15.70 -55.34 30.09
CA LYS C 117 -15.77 -56.31 29.03
C LYS C 117 -17.22 -56.51 28.65
N ALA C 118 -18.10 -56.59 29.67
CA ALA C 118 -19.49 -56.87 29.43
C ALA C 118 -20.05 -55.72 28.64
N ALA C 119 -19.72 -54.49 29.05
CA ALA C 119 -20.19 -53.31 28.31
C ALA C 119 -19.62 -53.24 26.87
N SER C 120 -18.35 -53.60 26.68
CA SER C 120 -17.82 -53.61 25.31
C SER C 120 -18.66 -54.51 24.42
N TYR C 121 -18.91 -55.75 24.84
CA TYR C 121 -19.67 -56.65 23.98
C TYR C 121 -21.14 -56.26 23.83
N PHE C 122 -21.73 -55.67 24.86
CA PHE C 122 -23.06 -55.10 24.75
C PHE C 122 -23.18 -54.18 23.56
N VAL C 123 -22.22 -53.26 23.42
CA VAL C 123 -22.15 -52.35 22.27
C VAL C 123 -21.88 -53.10 20.97
N TYR C 124 -20.99 -54.08 21.02
CA TYR C 124 -20.66 -54.88 19.84
C TYR C 124 -21.89 -55.63 19.28
N GLU C 125 -22.66 -56.24 20.18
CA GLU C 125 -23.88 -56.93 19.79
C GLU C 125 -25.00 -55.90 19.53
N LYS C 126 -24.61 -54.64 19.36
CA LYS C 126 -25.49 -53.53 18.92
C LYS C 126 -26.62 -53.16 19.85
N HIS C 127 -26.53 -53.53 21.12
CA HIS C 127 -27.54 -53.14 22.10
C HIS C 127 -27.43 -51.70 22.53
N ALA C 128 -26.31 -51.06 22.19
CA ALA C 128 -26.14 -49.66 22.46
C ALA C 128 -25.17 -49.07 21.43
N HIS C 129 -25.30 -47.76 21.24
CA HIS C 129 -24.55 -47.01 20.24
C HIS C 129 -23.04 -46.90 20.53
N ALA C 130 -22.66 -46.66 21.79
CA ALA C 130 -21.24 -46.43 22.11
C ALA C 130 -20.85 -46.86 23.53
N LEU C 131 -19.55 -47.01 23.79
CA LEU C 131 -19.11 -47.37 25.14
C LEU C 131 -18.44 -46.18 25.82
N LEU C 132 -18.75 -45.94 27.09
CA LEU C 132 -17.92 -45.00 27.85
C LEU C 132 -17.37 -45.70 29.08
N THR C 133 -16.06 -45.64 29.25
CA THR C 133 -15.40 -46.41 30.28
C THR C 133 -15.00 -45.43 31.35
N LEU C 134 -15.41 -45.67 32.58
CA LEU C 134 -14.84 -44.92 33.68
C LEU C 134 -13.46 -45.55 34.02
N PRO C 135 -12.50 -44.75 34.54
CA PRO C 135 -11.12 -45.27 34.66
C PRO C 135 -10.94 -46.36 35.69
N ILE C 136 -10.05 -47.30 35.38
CA ILE C 136 -9.65 -48.43 36.22
C ILE C 136 -8.26 -48.16 36.77
N HIS C 137 -7.86 -48.81 37.87
CA HIS C 137 -6.43 -48.83 38.30
C HIS C 137 -5.73 -50.16 37.87
N LYS C 138 -4.79 -50.07 36.92
CA LYS C 138 -4.16 -51.26 36.33
C LYS C 138 -3.45 -52.16 37.33
N LYS C 139 -3.05 -51.59 38.46
CA LYS C 139 -2.46 -52.37 39.53
C LYS C 139 -3.49 -53.30 40.21
N ALA C 140 -4.77 -52.95 40.14
CA ALA C 140 -5.79 -53.83 40.66
C ALA C 140 -6.11 -54.96 39.65
N TRP C 141 -5.97 -54.67 38.36
CA TRP C 141 -6.07 -55.73 37.36
C TRP C 141 -4.96 -56.77 37.59
N GLU C 142 -3.73 -56.28 37.65
CA GLU C 142 -2.57 -57.11 38.01
C GLU C 142 -2.85 -57.96 39.27
N ASP C 143 -3.33 -57.34 40.34
CA ASP C 143 -3.65 -58.12 41.51
C ASP C 143 -4.68 -59.23 41.27
N ALA C 144 -5.52 -59.06 40.27
CA ALA C 144 -6.62 -60.01 40.08
C ALA C 144 -6.17 -61.19 39.21
N GLY C 145 -4.97 -61.10 38.67
CA GLY C 145 -4.45 -62.16 37.88
C GLY C 145 -4.73 -61.92 36.41
N LEU C 146 -5.06 -60.68 36.06
CA LEU C 146 -5.35 -60.37 34.67
C LEU C 146 -4.09 -60.07 33.86
N LYS C 147 -4.04 -60.63 32.66
CA LYS C 147 -2.87 -60.45 31.84
C LYS C 147 -2.78 -59.07 31.13
N TYR C 148 -3.89 -58.33 31.13
CA TYR C 148 -4.02 -57.02 30.44
C TYR C 148 -3.46 -55.84 31.18
N LYS C 149 -2.94 -54.90 30.41
CA LYS C 149 -2.30 -53.74 30.98
C LYS C 149 -3.20 -52.50 31.01
N GLY C 150 -4.50 -52.64 30.75
CA GLY C 150 -5.38 -51.47 30.59
C GLY C 150 -6.43 -51.64 29.52
N HIS C 151 -7.29 -50.64 29.37
CA HIS C 151 -8.38 -50.75 28.40
C HIS C 151 -7.95 -51.06 26.95
N THR C 152 -6.90 -50.39 26.44
CA THR C 152 -6.48 -50.54 25.04
C THR C 152 -6.02 -51.96 24.74
N ASP C 153 -5.14 -52.44 25.60
CA ASP C 153 -4.67 -53.79 25.59
C ASP C 153 -5.83 -54.77 25.40
N ALA C 154 -6.86 -54.61 26.22
CA ALA C 154 -7.93 -55.59 26.33
C ALA C 154 -8.85 -55.46 25.13
N LEU C 155 -9.00 -54.23 24.66
CA LEU C 155 -9.79 -53.97 23.46
C LEU C 155 -9.16 -54.59 22.21
N ARG C 156 -7.81 -54.60 22.19
CA ARG C 156 -7.06 -55.23 21.12
CA ARG C 156 -7.02 -55.23 21.15
C ARG C 156 -7.32 -56.72 21.17
N ASP C 157 -7.35 -57.29 22.35
CA ASP C 157 -7.59 -58.73 22.44
C ASP C 157 -9.03 -59.09 22.13
N PHE C 158 -9.96 -58.20 22.45
CA PHE C 158 -11.37 -58.46 22.14
C PHE C 158 -11.64 -58.48 20.64
N PHE C 159 -11.11 -57.49 19.95
CA PHE C 159 -11.58 -57.20 18.59
C PHE C 159 -10.51 -57.38 17.54
N LYS C 160 -9.29 -57.71 17.99
CA LYS C 160 -8.12 -57.94 17.11
C LYS C 160 -7.93 -56.72 16.19
N LYS C 161 -7.93 -55.55 16.79
CA LYS C 161 -7.77 -54.30 16.08
C LYS C 161 -6.83 -53.46 16.91
N ASN C 162 -6.01 -52.69 16.23
CA ASN C 162 -5.13 -51.79 16.94
C ASN C 162 -5.76 -50.43 16.90
N ALA C 163 -6.28 -50.06 18.06
CA ALA C 163 -6.91 -48.80 18.31
C ALA C 163 -5.94 -47.67 18.12
N ILE C 164 -6.46 -46.55 17.61
CA ILE C 164 -5.76 -45.29 17.55
C ILE C 164 -6.29 -44.34 18.62
N MSE C 165 -5.40 -43.85 19.48
CA MSE C 165 -5.75 -42.93 20.54
C MSE C 165 -5.76 -41.49 20.07
O MSE C 165 -4.82 -41.04 19.44
CB MSE C 165 -4.78 -43.06 21.71
CG MSE C 165 -5.13 -42.18 22.91
SE MSE C 165 -6.85 -42.66 23.79
CE MSE C 165 -6.50 -44.52 24.29
N MSE C 166 -6.84 -40.77 20.44
CA MSE C 166 -6.99 -39.36 20.16
C MSE C 166 -7.47 -38.59 21.38
O MSE C 166 -8.50 -38.93 21.95
CB MSE C 166 -8.01 -39.17 19.05
CG MSE C 166 -8.37 -37.72 18.85
SE MSE C 166 -9.42 -37.39 17.29
CE MSE C 166 -11.20 -37.77 18.05
N LEU C 167 -6.77 -37.52 21.73
CA LEU C 167 -7.05 -36.74 22.96
C LEU C 167 -7.52 -35.32 22.69
N GLY C 168 -8.14 -34.68 23.66
CA GLY C 168 -8.53 -33.29 23.50
C GLY C 168 -10.03 -33.01 23.59
N CYS C 169 -10.48 -32.03 22.83
CA CYS C 169 -11.84 -31.55 22.87
C CYS C 169 -11.98 -30.70 21.61
N LYS C 170 -13.17 -30.18 21.34
CA LYS C 170 -13.41 -29.50 20.08
C LYS C 170 -12.32 -28.47 19.71
N GLU C 171 -11.68 -27.88 20.70
CA GLU C 171 -10.79 -26.77 20.50
C GLU C 171 -9.42 -27.26 20.06
N LEU C 172 -9.15 -28.55 20.30
CA LEU C 172 -7.88 -29.13 19.95
C LEU C 172 -7.92 -30.62 20.11
N PHE C 173 -7.75 -31.38 19.03
CA PHE C 173 -7.58 -32.85 19.14
C PHE C 173 -6.21 -33.30 18.60
N VAL C 174 -5.60 -34.28 19.28
CA VAL C 174 -4.27 -34.72 18.94
C VAL C 174 -4.34 -36.24 18.86
N GLY C 175 -3.99 -36.82 17.72
CA GLY C 175 -3.87 -38.27 17.60
C GLY C 175 -2.46 -38.66 18.04
N LEU C 176 -2.32 -39.83 18.66
CA LEU C 176 -1.03 -40.30 19.10
C LEU C 176 -0.53 -41.40 18.21
N PHE C 177 0.54 -41.13 17.49
CA PHE C 177 1.13 -42.17 16.68
C PHE C 177 1.86 -43.20 17.57
N SER C 178 2.38 -42.76 18.70
CA SER C 178 2.85 -43.71 19.67
C SER C 178 2.40 -43.26 21.07
N GLU C 179 2.37 -44.21 21.99
CA GLU C 179 1.76 -43.95 23.28
C GLU C 179 2.75 -44.24 24.39
N HIS C 180 2.56 -45.35 25.13
CA HIS C 180 3.37 -45.59 26.32
C HIS C 180 4.53 -46.49 25.97
N ILE C 181 5.46 -45.97 25.17
CA ILE C 181 6.67 -46.69 24.86
C ILE C 181 7.76 -45.69 25.21
N PRO C 182 8.93 -46.16 25.59
CA PRO C 182 10.00 -45.26 25.97
C PRO C 182 10.37 -44.26 24.85
N LEU C 183 10.68 -43.01 25.21
CA LEU C 183 10.97 -42.04 24.16
C LEU C 183 12.10 -42.46 23.20
N ALA C 184 13.13 -43.11 23.73
CA ALA C 184 14.25 -43.47 22.85
C ALA C 184 13.88 -44.46 21.76
N LYS C 185 12.72 -45.08 21.87
CA LYS C 185 12.27 -46.07 20.92
C LYS C 185 11.37 -45.47 19.85
N VAL C 186 11.01 -44.19 19.98
CA VAL C 186 9.99 -43.61 19.09
C VAL C 186 10.56 -43.46 17.72
N SER C 187 11.80 -42.97 17.65
CA SER C 187 12.39 -42.76 16.34
C SER C 187 12.30 -43.91 15.32
N LYS C 188 12.84 -45.08 15.61
CA LYS C 188 12.78 -46.20 14.67
C LYS C 188 11.36 -46.68 14.38
N LYS C 189 10.38 -46.23 15.17
CA LYS C 189 8.98 -46.57 14.91
C LYS C 189 8.38 -45.78 13.75
N ILE C 190 8.97 -44.64 13.44
CA ILE C 190 8.41 -43.72 12.46
C ILE C 190 8.92 -44.17 11.08
N THR C 191 8.16 -45.07 10.43
CA THR C 191 8.57 -45.59 9.14
C THR C 191 7.44 -45.28 8.18
N PHE C 192 7.75 -45.24 6.90
CA PHE C 192 6.80 -44.87 5.89
C PHE C 192 5.61 -45.79 5.91
N LYS C 193 5.86 -47.10 5.96
CA LYS C 193 4.78 -48.10 6.10
C LYS C 193 3.86 -47.78 7.26
N ASN C 194 4.39 -47.71 8.47
CA ASN C 194 3.50 -47.60 9.61
C ASN C 194 2.86 -46.25 9.74
N LEU C 195 3.61 -45.21 9.40
CA LEU C 195 3.05 -43.92 9.46
C LEU C 195 1.90 -43.81 8.44
N SER C 196 2.04 -44.39 7.26
CA SER C 196 1.03 -44.20 6.25
C SER C 196 -0.27 -44.82 6.70
N ILE C 197 -0.19 -46.04 7.20
CA ILE C 197 -1.34 -46.76 7.69
C ILE C 197 -2.04 -45.98 8.80
N PHE C 198 -1.26 -45.43 9.71
CA PHE C 198 -1.85 -44.64 10.77
C PHE C 198 -2.60 -43.47 10.21
N LEU C 199 -2.07 -42.76 9.22
CA LEU C 199 -2.72 -41.53 8.73
C LEU C 199 -3.95 -41.81 7.89
N LYS C 200 -3.95 -42.93 7.18
CA LYS C 200 -5.13 -43.34 6.45
C LYS C 200 -6.26 -43.71 7.44
N ASP C 201 -5.92 -44.56 8.40
CA ASP C 201 -6.86 -45.02 9.42
C ASP C 201 -7.35 -43.84 10.22
N PHE C 202 -6.45 -42.92 10.55
CA PHE C 202 -6.84 -41.77 11.32
C PHE C 202 -7.83 -40.89 10.58
N TYR C 203 -7.62 -40.65 9.29
CA TYR C 203 -8.60 -39.89 8.54
C TYR C 203 -9.93 -40.63 8.42
N LYS C 204 -9.91 -41.93 8.16
CA LYS C 204 -11.12 -42.72 7.94
C LYS C 204 -12.00 -42.76 9.17
N GLU C 205 -11.40 -42.51 10.32
CA GLU C 205 -12.14 -42.55 11.56
C GLU C 205 -12.67 -41.16 11.95
N THR C 206 -12.06 -40.07 11.48
CA THR C 206 -12.47 -38.79 11.99
C THR C 206 -13.12 -37.90 10.97
N HIS C 207 -12.69 -38.05 9.72
CA HIS C 207 -13.10 -37.21 8.61
C HIS C 207 -12.68 -35.71 8.75
N PHE C 208 -11.71 -35.42 9.61
CA PHE C 208 -11.15 -34.05 9.71
C PHE C 208 -10.61 -33.55 8.36
N LYS C 209 -10.86 -32.28 8.06
CA LYS C 209 -10.60 -31.78 6.71
C LYS C 209 -9.25 -31.05 6.62
N LYS C 210 -8.57 -30.88 7.76
CA LYS C 210 -7.34 -30.14 7.84
C LYS C 210 -6.57 -30.54 9.10
N MSE C 211 -5.68 -31.51 8.96
CA MSE C 211 -4.87 -31.97 10.07
C MSE C 211 -3.38 -31.73 9.80
O MSE C 211 -2.95 -31.71 8.65
CB MSE C 211 -5.11 -33.45 10.30
CG MSE C 211 -6.54 -33.82 10.29
SE MSE C 211 -6.73 -35.74 10.22
CE MSE C 211 -6.98 -35.92 8.28
N GLY C 212 -2.59 -31.59 10.85
CA GLY C 212 -1.17 -31.34 10.71
C GLY C 212 -0.35 -32.33 11.51
N LEU C 213 0.80 -32.73 11.00
CA LEU C 213 1.70 -33.58 11.80
C LEU C 213 2.64 -32.69 12.52
N LEU C 214 2.92 -32.96 13.80
CA LEU C 214 3.94 -32.21 14.51
C LEU C 214 5.34 -32.73 14.27
N GLY C 215 6.31 -31.81 14.22
CA GLY C 215 7.70 -32.24 14.05
C GLY C 215 8.12 -33.17 15.16
N PHE C 216 8.98 -34.14 14.82
CA PHE C 216 9.68 -34.95 15.80
C PHE C 216 10.89 -34.24 16.34
N ASN C 217 11.71 -33.67 15.48
CA ASN C 217 12.90 -32.99 15.89
C ASN C 217 12.61 -31.56 16.26
N PRO C 218 13.48 -30.91 17.05
CA PRO C 218 13.10 -29.56 17.38
C PRO C 218 13.02 -28.71 16.12
N HIS C 219 12.17 -27.69 16.14
CA HIS C 219 11.94 -26.83 14.97
C HIS C 219 11.71 -27.69 13.71
N ALA C 220 11.14 -28.89 13.89
CA ALA C 220 10.86 -29.84 12.79
C ALA C 220 12.12 -30.20 12.00
N GLY C 221 13.27 -30.06 12.65
CA GLY C 221 14.56 -30.38 12.06
C GLY C 221 15.18 -29.22 11.30
N ASP C 222 14.50 -28.06 11.29
CA ASP C 222 15.02 -26.83 10.69
C ASP C 222 15.69 -27.09 9.33
N TYR C 223 14.86 -27.58 8.41
CA TYR C 223 15.29 -27.83 7.02
C TYR C 223 16.51 -28.72 6.98
N GLY C 224 16.39 -29.85 7.67
CA GLY C 224 17.49 -30.82 7.76
C GLY C 224 18.73 -30.45 8.57
N VAL C 225 18.72 -29.31 9.27
CA VAL C 225 19.87 -28.97 10.14
C VAL C 225 19.87 -29.67 11.49
N ILE C 226 18.70 -30.04 12.00
CA ILE C 226 18.63 -30.68 13.31
C ILE C 226 17.98 -32.02 13.07
N GLY C 227 18.71 -32.88 12.38
CA GLY C 227 18.22 -34.22 12.07
C GLY C 227 17.41 -34.18 10.78
N GLY C 228 16.09 -34.14 10.91
CA GLY C 228 15.22 -34.11 9.76
C GLY C 228 14.90 -35.42 9.07
N GLU C 229 15.56 -36.51 9.45
CA GLU C 229 15.32 -37.81 8.77
C GLU C 229 13.87 -38.23 8.99
N GLU C 230 13.37 -38.11 10.23
CA GLU C 230 11.99 -38.43 10.56
C GLU C 230 11.03 -37.53 9.77
N GLU C 231 11.39 -36.27 9.61
CA GLU C 231 10.49 -35.36 8.91
C GLU C 231 10.36 -35.64 7.41
N LYS C 232 11.46 -36.06 6.77
CA LYS C 232 11.39 -36.53 5.38
C LYS C 232 10.42 -37.70 5.24
N ILE C 233 10.38 -38.58 6.25
CA ILE C 233 9.47 -39.72 6.25
C ILE C 233 8.03 -39.25 6.43
N MSE C 234 7.83 -38.19 7.21
CA MSE C 234 6.46 -37.73 7.43
C MSE C 234 5.95 -37.14 6.15
O MSE C 234 4.77 -37.21 5.83
CB MSE C 234 6.40 -36.72 8.55
CG MSE C 234 7.11 -37.23 9.79
SE MSE C 234 6.86 -36.13 11.37
CE MSE C 234 8.32 -36.91 12.24
N GLU C 235 6.86 -36.57 5.38
CA GLU C 235 6.46 -35.84 4.20
C GLU C 235 6.03 -36.80 3.12
N LYS C 236 6.78 -37.90 3.05
CA LYS C 236 6.57 -38.89 2.04
C LYS C 236 5.26 -39.65 2.32
N ALA C 237 4.99 -39.94 3.60
CA ALA C 237 3.67 -40.44 4.04
C ALA C 237 2.49 -39.48 3.79
N ILE C 238 2.65 -38.21 4.15
CA ILE C 238 1.59 -37.24 3.98
C ILE C 238 1.22 -37.18 2.47
N ALA C 239 2.23 -37.04 1.63
CA ALA C 239 1.99 -36.95 0.20
C ALA C 239 1.23 -38.17 -0.24
N PHE C 240 1.64 -39.32 0.25
CA PHE C 240 1.07 -40.54 -0.27
C PHE C 240 -0.36 -40.72 0.23
N VAL C 241 -0.59 -40.52 1.53
CA VAL C 241 -1.97 -40.58 2.03
C VAL C 241 -2.92 -39.54 1.41
N ASN C 242 -2.47 -38.31 1.18
CA ASN C 242 -3.39 -37.33 0.56
C ASN C 242 -3.82 -37.83 -0.80
N ALA C 243 -2.83 -38.18 -1.59
CA ALA C 243 -3.14 -38.67 -2.93
C ALA C 243 -4.04 -39.89 -2.81
N PHE C 244 -3.73 -40.79 -1.87
CA PHE C 244 -4.53 -41.98 -1.79
C PHE C 244 -5.99 -41.63 -1.49
N LEU C 245 -6.22 -40.76 -0.50
CA LEU C 245 -7.60 -40.38 -0.14
C LEU C 245 -8.32 -39.71 -1.26
N HIS C 246 -7.63 -38.86 -2.00
CA HIS C 246 -8.28 -38.15 -3.08
C HIS C 246 -8.69 -39.12 -4.18
N SER C 247 -7.97 -40.22 -4.35
CA SER C 247 -8.20 -41.12 -5.48
C SER C 247 -9.41 -42.03 -5.29
N LYS C 248 -9.93 -42.10 -4.06
CA LYS C 248 -11.11 -42.91 -3.76
C LYS C 248 -10.89 -44.43 -3.95
N LYS C 249 -9.64 -44.85 -4.14
CA LYS C 249 -9.34 -46.26 -4.36
C LYS C 249 -9.42 -47.04 -3.04
N ASP C 250 -9.46 -48.38 -3.14
CA ASP C 250 -9.80 -49.22 -1.99
C ASP C 250 -8.61 -49.65 -1.16
N GLU C 251 -8.89 -50.41 -0.11
CA GLU C 251 -7.92 -51.04 0.76
C GLU C 251 -7.00 -52.03 0.05
N LYS C 252 -7.55 -52.87 -0.83
CA LYS C 252 -6.68 -53.80 -1.57
C LYS C 252 -5.61 -53.06 -2.36
N PHE C 253 -5.93 -51.87 -2.86
CA PHE C 253 -4.98 -51.07 -3.59
C PHE C 253 -3.98 -50.42 -2.63
N PHE C 254 -4.47 -49.92 -1.52
CA PHE C 254 -3.59 -49.26 -0.59
C PHE C 254 -2.48 -50.23 -0.15
N LYS C 255 -2.89 -51.42 0.25
CA LYS C 255 -1.98 -52.45 0.73
C LYS C 255 -0.97 -52.79 -0.38
N LYS C 256 -1.42 -52.74 -1.63
CA LYS C 256 -0.54 -52.99 -2.75
C LYS C 256 0.43 -51.82 -2.96
N ALA C 257 -0.02 -50.61 -2.63
CA ALA C 257 0.70 -49.43 -3.04
C ALA C 257 1.73 -49.13 -2.00
N LEU C 258 1.42 -49.46 -0.75
CA LEU C 258 2.38 -49.31 0.33
C LEU C 258 3.72 -49.86 -0.05
N LYS C 259 3.72 -50.94 -0.82
CA LYS C 259 4.95 -51.66 -1.04
C LYS C 259 5.75 -51.27 -2.27
N ASP C 260 5.24 -50.34 -3.07
CA ASP C 260 5.71 -50.13 -4.45
C ASP C 260 5.90 -48.66 -4.81
N GLU C 261 7.13 -48.17 -4.70
CA GLU C 261 7.47 -46.79 -5.10
C GLU C 261 6.85 -46.38 -6.46
N ASN C 262 6.88 -47.26 -7.43
CA ASN C 262 6.33 -46.90 -8.73
C ASN C 262 4.84 -46.57 -8.74
N LEU C 263 4.05 -47.39 -8.07
CA LEU C 263 2.65 -47.18 -7.99
C LEU C 263 2.32 -46.02 -7.04
N GLN C 264 3.12 -45.82 -6.01
CA GLN C 264 2.98 -44.56 -5.26
C GLN C 264 3.15 -43.36 -6.17
N LYS C 265 4.08 -43.41 -7.10
CA LYS C 265 4.30 -42.29 -8.03
C LYS C 265 3.13 -42.00 -8.96
N GLU C 266 2.61 -43.05 -9.62
CA GLU C 266 1.44 -42.95 -10.50
C GLU C 266 0.40 -42.15 -9.71
N LEU C 267 0.08 -42.66 -8.53
CA LEU C 267 -0.89 -42.05 -7.68
C LEU C 267 -0.58 -40.57 -7.37
N LEU C 268 0.70 -40.25 -7.17
CA LEU C 268 1.09 -38.87 -6.92
C LEU C 268 0.96 -37.97 -8.18
N LEU C 269 1.19 -38.51 -9.37
CA LEU C 269 1.06 -37.69 -10.55
C LEU C 269 -0.42 -37.39 -10.91
N ASN C 270 -1.29 -38.38 -10.69
CA ASN C 270 -2.69 -38.26 -11.03
C ASN C 270 -3.53 -37.49 -10.05
N PHE C 271 -3.07 -37.35 -8.81
CA PHE C 271 -3.95 -36.85 -7.78
C PHE C 271 -3.35 -35.76 -6.91
N LYS C 272 -2.96 -34.66 -7.55
CA LYS C 272 -2.45 -33.49 -6.81
C LYS C 272 -3.53 -32.48 -6.34
N GLY C 273 -3.03 -31.41 -5.71
CA GLY C 273 -3.86 -30.38 -5.10
C GLY C 273 -3.72 -30.48 -3.59
N LYS C 274 -4.69 -29.92 -2.87
CA LYS C 274 -4.66 -29.97 -1.40
C LYS C 274 -5.22 -31.31 -0.95
N GLY C 275 -4.63 -31.82 0.13
CA GLY C 275 -5.13 -33.05 0.69
C GLY C 275 -5.65 -32.72 2.06
N VAL C 276 -5.99 -33.75 2.80
CA VAL C 276 -6.57 -33.55 4.11
C VAL C 276 -5.49 -33.21 5.13
N TYR C 277 -4.26 -33.68 4.88
CA TYR C 277 -3.07 -33.31 5.71
C TYR C 277 -2.21 -32.19 5.13
N LEU C 278 -1.80 -31.24 5.98
CA LEU C 278 -0.83 -30.18 5.64
C LEU C 278 0.48 -30.84 5.23
N PRO C 279 1.13 -30.32 4.18
CA PRO C 279 2.22 -31.11 3.61
C PRO C 279 3.50 -31.14 4.44
N TYR C 280 3.68 -30.20 5.36
CA TYR C 280 4.93 -30.16 6.10
C TYR C 280 4.62 -30.29 7.55
N PRO C 281 5.51 -30.98 8.30
CA PRO C 281 5.39 -31.07 9.75
C PRO C 281 5.50 -29.68 10.36
N LEU C 282 4.73 -29.46 11.40
CA LEU C 282 4.59 -28.16 12.06
C LEU C 282 5.60 -28.08 13.18
N VAL C 283 6.21 -26.92 13.33
CA VAL C 283 7.12 -26.64 14.40
C VAL C 283 6.34 -26.62 15.73
N ALA C 284 6.84 -27.32 16.74
CA ALA C 284 6.16 -27.40 18.02
C ALA C 284 6.04 -26.04 18.70
N ASP C 285 7.04 -25.18 18.55
CA ASP C 285 7.05 -23.89 19.26
C ASP C 285 5.82 -23.01 19.03
N THR C 286 5.14 -23.16 17.90
CA THR C 286 4.07 -22.25 17.53
C THR C 286 2.77 -23.04 17.49
N ALA C 287 2.90 -24.37 17.41
CA ALA C 287 1.74 -25.23 17.18
C ALA C 287 0.63 -25.00 18.18
N PHE C 288 0.97 -24.66 19.43
CA PHE C 288 -0.04 -24.57 20.49
C PHE C 288 -0.36 -23.17 20.95
N THR C 289 -0.03 -22.18 20.14
CA THR C 289 -0.38 -20.80 20.45
C THR C 289 -1.75 -20.48 19.87
N LYS C 290 -2.35 -19.36 20.27
CA LYS C 290 -3.60 -18.92 19.62
C LYS C 290 -3.48 -18.92 18.08
N THR C 291 -2.49 -18.21 17.55
CA THR C 291 -2.17 -18.23 16.10
C THR C 291 -2.12 -19.65 15.49
N GLY C 292 -1.23 -20.49 16.00
CA GLY C 292 -1.16 -21.88 15.56
C GLY C 292 -2.49 -22.62 15.59
N LEU C 293 -3.16 -22.57 16.73
CA LEU C 293 -4.44 -23.27 16.84
C LEU C 293 -5.50 -22.78 15.84
N LYS C 294 -5.40 -21.53 15.41
CA LYS C 294 -6.30 -21.07 14.37
C LYS C 294 -5.84 -21.62 13.03
N ASN C 295 -4.54 -21.67 12.80
CA ASN C 295 -4.03 -22.35 11.59
C ASN C 295 -4.54 -23.77 11.55
N CYS C 296 -4.39 -24.50 12.65
CA CYS C 296 -4.64 -25.91 12.62
C CYS C 296 -4.82 -26.44 14.02
N ASN C 297 -5.97 -27.08 14.28
CA ASN C 297 -6.22 -27.60 15.62
C ASN C 297 -6.64 -29.06 15.63
N ARG C 298 -6.28 -29.74 14.55
CA ARG C 298 -6.43 -31.17 14.44
C ARG C 298 -5.03 -31.71 14.15
N LEU C 299 -4.36 -32.19 15.19
CA LEU C 299 -2.92 -32.46 15.12
C LEU C 299 -2.58 -33.94 15.24
N VAL C 300 -1.42 -34.35 14.72
CA VAL C 300 -0.93 -35.69 14.98
C VAL C 300 0.42 -35.56 15.65
N ALA C 301 0.57 -36.18 16.82
CA ALA C 301 1.88 -36.22 17.55
C ALA C 301 2.58 -37.55 17.41
N MSE C 302 3.89 -37.51 17.18
CA MSE C 302 4.68 -38.73 17.06
C MSE C 302 4.85 -39.41 18.43
O MSE C 302 5.09 -40.62 18.50
CB MSE C 302 6.03 -38.40 16.46
CG MSE C 302 6.06 -38.05 14.97
SE MSE C 302 4.96 -39.12 13.70
CE MSE C 302 3.45 -37.93 13.69
N TYR C 303 4.75 -38.65 19.55
CA TYR C 303 4.94 -39.28 20.84
C TYR C 303 4.13 -38.63 21.96
N HIS C 304 3.87 -39.42 23.01
CA HIS C 304 2.99 -39.09 24.14
C HIS C 304 3.13 -37.68 24.70
N ASP C 305 4.32 -37.31 25.15
CA ASP C 305 4.45 -36.04 25.90
C ASP C 305 4.31 -34.77 25.08
N LEU C 306 4.47 -34.85 23.77
CA LEU C 306 4.28 -33.66 22.95
C LEU C 306 2.78 -33.34 22.84
N ALA C 307 1.95 -34.39 22.88
CA ALA C 307 0.52 -34.20 22.95
C ALA C 307 0.10 -33.72 24.36
N LEU C 308 0.39 -34.52 25.38
CA LEU C 308 -0.12 -34.34 26.71
C LEU C 308 0.28 -33.06 27.41
N ALA C 309 1.54 -32.69 27.32
CA ALA C 309 2.05 -31.58 28.09
C ALA C 309 1.33 -30.28 27.80
N PRO C 310 1.18 -29.89 26.50
CA PRO C 310 0.43 -28.66 26.19
C PRO C 310 -1.09 -28.83 26.27
N LEU C 311 -1.57 -29.96 25.80
CA LEU C 311 -2.98 -30.25 25.95
C LEU C 311 -3.43 -29.96 27.39
N LYS C 312 -2.76 -30.63 28.35
CA LYS C 312 -3.11 -30.49 29.77
C LYS C 312 -2.87 -29.10 30.28
N ALA C 313 -1.91 -28.39 29.70
CA ALA C 313 -1.67 -27.02 30.09
C ALA C 313 -2.82 -26.10 29.69
N LEU C 314 -3.61 -26.49 28.70
CA LEU C 314 -4.68 -25.64 28.20
C LEU C 314 -6.06 -26.18 28.56
N TYR C 315 -6.27 -27.49 28.41
CA TYR C 315 -7.60 -28.11 28.51
C TYR C 315 -7.66 -29.24 29.56
N PHE C 316 -7.12 -28.92 30.72
CA PHE C 316 -7.08 -29.78 31.90
C PHE C 316 -8.42 -30.50 32.18
N ASP C 317 -9.53 -29.75 32.27
CA ASP C 317 -10.85 -30.30 32.66
C ASP C 317 -11.65 -30.95 31.54
N LYS C 318 -11.59 -30.37 30.32
CA LYS C 318 -12.53 -30.70 29.24
C LYS C 318 -12.07 -31.92 28.45
N SER C 319 -10.85 -32.32 28.71
CA SER C 319 -10.12 -33.18 27.81
C SER C 319 -10.56 -34.66 27.93
N ILE C 320 -10.84 -35.29 26.79
CA ILE C 320 -11.30 -36.69 26.73
C ILE C 320 -10.32 -37.60 25.98
N ASN C 321 -10.49 -38.93 26.10
CA ASN C 321 -9.75 -39.92 25.32
C ASN C 321 -10.72 -40.70 24.42
N VAL C 322 -10.50 -40.64 23.09
CA VAL C 322 -11.32 -41.38 22.15
C VAL C 322 -10.50 -42.54 21.61
N SER C 323 -11.04 -43.76 21.57
CA SER C 323 -10.35 -44.89 20.93
C SER C 323 -10.89 -45.12 19.52
N LEU C 324 -10.11 -44.75 18.51
CA LEU C 324 -10.58 -44.89 17.13
C LEU C 324 -10.20 -46.24 16.51
N ASN C 325 -10.85 -46.64 15.42
CA ASN C 325 -10.34 -47.76 14.65
C ASN C 325 -10.69 -49.11 15.25
N LEU C 326 -11.71 -49.12 16.12
CA LEU C 326 -12.25 -50.39 16.63
C LEU C 326 -13.66 -50.59 16.11
N PRO C 327 -14.21 -51.79 16.26
CA PRO C 327 -15.56 -51.95 15.69
C PRO C 327 -16.65 -51.38 16.60
N ILE C 328 -16.26 -50.75 17.71
CA ILE C 328 -17.20 -49.99 18.53
C ILE C 328 -16.67 -48.58 18.77
N ILE C 329 -17.59 -47.67 19.06
CA ILE C 329 -17.19 -46.40 19.57
C ILE C 329 -16.82 -46.58 21.05
N ARG C 330 -15.65 -46.10 21.43
CA ARG C 330 -15.29 -46.16 22.83
C ARG C 330 -14.69 -44.84 23.21
N VAL C 331 -15.25 -44.20 24.23
CA VAL C 331 -14.66 -42.97 24.80
C VAL C 331 -14.31 -43.16 26.26
N SER C 332 -13.59 -42.21 26.82
CA SER C 332 -13.05 -42.33 28.16
C SER C 332 -12.62 -40.99 28.72
N VAL C 333 -12.31 -40.93 30.00
CA VAL C 333 -11.77 -39.71 30.58
C VAL C 333 -10.59 -40.09 31.44
N ASP C 334 -9.69 -39.16 31.72
CA ASP C 334 -8.63 -39.54 32.63
C ASP C 334 -8.84 -39.21 34.07
N HIS C 335 -8.53 -40.21 34.89
CA HIS C 335 -8.36 -40.09 36.33
C HIS C 335 -7.73 -38.68 36.68
N GLY C 336 -8.57 -37.70 37.03
CA GLY C 336 -8.09 -36.30 37.23
C GLY C 336 -7.27 -35.88 38.48
N THR C 337 -7.49 -36.59 39.61
CA THR C 337 -6.80 -36.33 40.91
C THR C 337 -5.80 -37.44 41.31
N ALA C 338 -6.07 -38.09 42.44
CA ALA C 338 -5.33 -39.27 42.87
C ALA C 338 -6.33 -40.38 43.12
N PHE C 339 -5.97 -41.57 42.65
CA PHE C 339 -6.81 -42.74 42.88
C PHE C 339 -7.29 -42.83 44.35
N ASP C 340 -6.34 -42.69 45.26
CA ASP C 340 -6.52 -42.82 46.71
C ASP C 340 -7.54 -41.88 47.39
N LYS C 341 -7.79 -40.70 46.82
CA LYS C 341 -8.63 -39.68 47.47
C LYS C 341 -10.11 -39.70 46.98
N ALA C 342 -10.74 -40.88 47.10
CA ALA C 342 -12.15 -41.09 46.73
C ALA C 342 -13.06 -41.21 47.97
N TYR C 343 -14.37 -41.08 47.74
CA TYR C 343 -15.43 -41.16 48.77
C TYR C 343 -15.26 -40.27 50.01
N LYS C 344 -14.58 -39.14 49.82
CA LYS C 344 -14.21 -38.23 50.90
C LYS C 344 -14.78 -36.84 50.62
N ASN C 345 -15.80 -36.79 49.76
CA ASN C 345 -16.46 -35.52 49.41
C ASN C 345 -15.55 -34.40 48.91
N ALA C 346 -14.47 -34.75 48.21
CA ALA C 346 -13.63 -33.76 47.55
C ALA C 346 -14.40 -33.13 46.37
N LYS C 347 -13.97 -31.96 45.93
CA LYS C 347 -14.63 -31.38 44.76
C LYS C 347 -14.29 -32.25 43.55
N ILE C 348 -15.31 -32.80 42.93
CA ILE C 348 -15.12 -33.67 41.78
C ILE C 348 -15.36 -32.90 40.50
N ASN C 349 -14.56 -33.14 39.47
CA ASN C 349 -14.84 -32.49 38.19
C ASN C 349 -15.53 -33.36 37.14
N THR C 350 -16.74 -32.97 36.72
CA THR C 350 -17.48 -33.84 35.79
C THR C 350 -17.47 -33.40 34.34
N LYS C 351 -16.78 -32.30 34.07
CA LYS C 351 -16.72 -31.73 32.73
C LYS C 351 -16.37 -32.75 31.65
N SER C 352 -15.29 -33.49 31.88
CA SER C 352 -14.82 -34.40 30.85
C SER C 352 -15.74 -35.59 30.62
N TYR C 353 -16.35 -36.09 31.67
CA TYR C 353 -17.39 -37.09 31.52
C TYR C 353 -18.51 -36.70 30.53
N PHE C 354 -19.02 -35.49 30.66
CA PHE C 354 -20.02 -35.02 29.72
C PHE C 354 -19.50 -34.83 28.32
N GLU C 355 -18.24 -34.47 28.19
CA GLU C 355 -17.71 -34.19 26.87
C GLU C 355 -17.55 -35.50 26.18
N ALA C 356 -17.00 -36.47 26.91
CA ALA C 356 -16.80 -37.82 26.39
C ALA C 356 -18.14 -38.38 25.89
N ALA C 357 -19.18 -38.25 26.73
CA ALA C 357 -20.51 -38.64 26.34
C ALA C 357 -21.03 -37.88 25.10
N LYS C 358 -20.92 -36.55 25.10
CA LYS C 358 -21.43 -35.73 24.00
C LYS C 358 -20.73 -36.10 22.70
N PHE C 359 -19.43 -36.33 22.81
CA PHE C 359 -18.67 -36.74 21.65
C PHE C 359 -19.19 -38.04 21.07
N ALA C 360 -19.28 -39.08 21.89
CA ALA C 360 -19.81 -40.39 21.38
C ALA C 360 -21.24 -40.31 20.78
N ILE C 361 -22.13 -39.60 21.44
CA ILE C 361 -23.50 -39.46 20.97
C ILE C 361 -23.54 -38.83 19.59
N ASN C 362 -22.55 -38.00 19.31
CA ASN C 362 -22.55 -37.25 18.08
C ASN C 362 -22.13 -38.00 16.80
N LEU C 363 -21.47 -39.15 16.95
CA LEU C 363 -21.09 -40.01 15.81
C LEU C 363 -22.24 -40.85 15.24
N HIS C 364 -22.02 -41.43 14.06
CA HIS C 364 -23.00 -42.34 13.45
C HIS C 364 -22.66 -43.79 13.76
N SER C 365 -23.67 -44.67 13.67
CA SER C 365 -23.52 -46.09 13.99
C SER C 365 -22.39 -46.84 13.29
N LYS C 366 -22.09 -48.03 13.81
CA LYS C 366 -21.16 -48.96 13.17
C LYS C 366 -21.93 -50.19 12.63
N ALA D 3 20.12 4.38 41.30
CA ALA D 3 18.92 3.75 40.69
C ALA D 3 19.26 3.01 39.39
N MSE D 4 19.56 3.76 38.32
CA MSE D 4 19.60 3.25 36.94
C MSE D 4 20.82 2.36 36.60
O MSE D 4 21.97 2.77 36.74
CB MSE D 4 19.53 4.42 35.93
CG MSE D 4 18.27 5.31 36.06
SE MSE D 4 16.58 4.42 35.58
CE MSE D 4 15.91 3.93 37.36
N LYS D 5 20.54 1.14 36.13
CA LYS D 5 21.60 0.28 35.62
C LYS D 5 21.72 0.47 34.11
N LYS D 6 22.93 0.30 33.58
CA LYS D 6 23.13 0.43 32.13
C LYS D 6 22.96 -0.92 31.45
N LEU D 7 22.19 -0.92 30.35
CA LEU D 7 21.91 -2.10 29.56
C LEU D 7 22.45 -1.92 28.13
N ALA D 8 23.28 -2.84 27.66
CA ALA D 8 23.78 -2.79 26.31
C ALA D 8 22.80 -3.50 25.40
N ILE D 9 22.39 -2.89 24.31
CA ILE D 9 21.48 -3.55 23.39
C ILE D 9 22.07 -3.68 21.96
N SER D 10 22.34 -4.90 21.52
CA SER D 10 22.72 -5.18 20.15
C SER D 10 21.44 -5.26 19.30
N ILE D 11 21.55 -4.80 18.05
CA ILE D 11 20.35 -4.55 17.29
C ILE D 11 19.83 -5.73 16.47
N GLY D 12 20.56 -6.85 16.46
CA GLY D 12 20.20 -8.00 15.60
C GLY D 12 20.27 -7.63 14.13
N ASP D 13 19.48 -8.30 13.27
CA ASP D 13 19.55 -8.02 11.84
C ASP D 13 18.72 -6.77 11.50
N ILE D 14 19.35 -5.71 11.00
CA ILE D 14 18.62 -4.45 10.67
C ILE D 14 17.44 -4.60 9.66
N ASN D 15 17.30 -5.78 9.10
CA ASN D 15 16.29 -6.01 8.08
C ASN D 15 15.04 -6.62 8.68
N SER D 16 15.16 -6.97 9.96
CA SER D 16 14.05 -7.49 10.72
C SER D 16 13.35 -6.37 11.53
N ILE D 17 12.39 -6.81 12.36
CA ILE D 17 11.56 -5.98 13.24
C ILE D 17 12.28 -5.49 14.48
N GLY D 18 13.52 -5.91 14.69
CA GLY D 18 14.26 -5.48 15.89
C GLY D 18 14.31 -3.99 16.09
N LEU D 19 14.60 -3.26 15.02
CA LEU D 19 14.63 -1.80 15.10
C LEU D 19 13.29 -1.19 15.53
N GLU D 20 12.20 -1.69 14.94
CA GLU D 20 10.90 -1.20 15.32
C GLU D 20 10.68 -1.47 16.81
N ILE D 21 10.97 -2.68 17.26
CA ILE D 21 10.85 -2.96 18.68
C ILE D 21 11.69 -1.97 19.50
N LEU D 22 12.93 -1.75 19.10
CA LEU D 22 13.77 -0.84 19.90
C LEU D 22 13.22 0.58 19.91
N VAL D 23 12.97 1.14 18.74
CA VAL D 23 12.42 2.48 18.70
C VAL D 23 11.09 2.67 19.42
N ARG D 24 10.09 1.83 19.19
CA ARG D 24 8.79 2.06 19.82
C ARG D 24 8.86 1.95 21.35
N SER D 25 9.80 1.11 21.80
CA SER D 25 10.01 0.82 23.21
C SER D 25 10.83 1.86 23.96
N HIS D 26 11.63 2.65 23.26
CA HIS D 26 12.70 3.42 23.90
C HIS D 26 12.27 4.23 25.10
N GLU D 27 11.17 4.97 24.94
CA GLU D 27 10.73 5.89 25.96
C GLU D 27 10.31 5.18 27.25
N GLU D 28 9.53 4.10 27.13
CA GLU D 28 9.21 3.34 28.32
C GLU D 28 10.47 2.73 28.90
N LEU D 29 11.31 2.10 28.07
CA LEU D 29 12.55 1.48 28.56
C LEU D 29 13.46 2.45 29.36
N SER D 30 13.59 3.68 28.87
CA SER D 30 14.46 4.72 29.46
C SER D 30 14.17 5.00 30.92
N LYS D 31 12.90 4.87 31.31
CA LYS D 31 12.44 5.12 32.68
C LYS D 31 12.95 4.09 33.66
N ILE D 32 13.33 2.92 33.14
CA ILE D 32 13.71 1.82 34.02
C ILE D 32 15.20 1.42 33.98
N CYS D 33 15.96 1.96 33.02
CA CYS D 33 17.40 1.71 32.93
C CYS D 33 17.92 2.60 31.85
N THR D 34 19.23 2.56 31.62
CA THR D 34 19.87 3.47 30.66
C THR D 34 20.43 2.63 29.52
N PRO D 35 19.70 2.56 28.39
CA PRO D 35 20.11 1.71 27.31
C PRO D 35 21.15 2.36 26.46
N PHE D 36 22.04 1.55 25.95
CA PHE D 36 23.07 1.97 25.03
C PHE D 36 22.86 1.09 23.82
N TYR D 37 22.41 1.68 22.73
CA TYR D 37 22.13 0.93 21.53
C TYR D 37 23.34 0.84 20.65
N PHE D 38 23.73 -0.38 20.28
CA PHE D 38 24.90 -0.55 19.41
C PHE D 38 24.60 -0.41 17.93
N ILE D 39 24.66 0.84 17.48
CA ILE D 39 24.30 1.20 16.10
C ILE D 39 24.96 2.51 15.74
N HIS D 40 25.32 2.65 14.46
CA HIS D 40 25.86 3.90 13.92
C HIS D 40 24.74 4.88 13.53
N GLU D 41 25.02 6.17 13.73
CA GLU D 41 24.05 7.23 13.40
C GLU D 41 23.47 7.10 12.00
N SER D 42 24.35 6.88 11.02
CA SER D 42 23.96 6.75 9.61
C SER D 42 22.85 5.70 9.40
N LEU D 43 23.03 4.51 9.98
CA LEU D 43 22.07 3.42 9.88
C LEU D 43 20.82 3.61 10.71
N LEU D 44 20.98 4.14 11.92
CA LEU D 44 19.82 4.51 12.69
C LEU D 44 18.84 5.37 11.87
N ASN D 45 19.35 6.48 11.31
CA ASN D 45 18.52 7.42 10.52
C ASN D 45 17.83 6.75 9.34
N LYS D 46 18.54 5.81 8.71
CA LYS D 46 17.96 5.02 7.62
C LYS D 46 16.73 4.23 8.11
N ALA D 47 16.86 3.57 9.27
CA ALA D 47 15.75 2.86 9.88
C ALA D 47 14.59 3.79 10.34
N LEU D 48 14.92 4.89 11.00
CA LEU D 48 13.90 5.84 11.45
C LEU D 48 13.04 6.37 10.29
N LYS D 49 13.71 6.66 9.17
CA LYS D 49 13.02 7.15 7.97
C LYS D 49 12.13 6.05 7.42
N LEU D 50 12.64 4.83 7.37
CA LEU D 50 11.85 3.69 6.94
C LEU D 50 10.65 3.41 7.85
N LEU D 51 10.85 3.50 9.16
CA LEU D 51 9.76 3.31 10.12
C LEU D 51 8.79 4.46 10.21
N ASN D 52 9.20 5.65 9.74
CA ASN D 52 8.54 6.93 10.03
C ASN D 52 8.36 7.16 11.55
N LEU D 53 9.48 7.08 12.28
CA LEU D 53 9.47 7.25 13.73
C LEU D 53 10.61 8.15 14.18
N LYS D 54 10.42 8.81 15.32
CA LYS D 54 11.48 9.61 15.92
C LYS D 54 12.02 8.89 17.17
N LEU D 55 13.30 9.10 17.47
CA LEU D 55 13.95 8.58 18.68
C LEU D 55 14.50 9.76 19.49
N PHE D 56 13.95 10.03 20.68
CA PHE D 56 14.39 11.18 21.54
C PHE D 56 15.18 10.75 22.78
N ASN D 57 16.29 11.45 23.07
CA ASN D 57 17.13 11.25 24.27
C ASN D 57 17.67 9.84 24.41
N ALA D 58 18.33 9.37 23.36
CA ALA D 58 18.86 8.01 23.31
C ALA D 58 20.38 8.02 23.22
N LYS D 59 21.01 7.02 23.85
CA LYS D 59 22.46 6.85 23.74
C LYS D 59 22.76 5.76 22.71
N ILE D 60 23.52 6.08 21.67
CA ILE D 60 23.98 5.05 20.72
C ILE D 60 25.49 4.95 20.77
N VAL D 61 26.00 3.77 20.42
CA VAL D 61 27.43 3.49 20.47
C VAL D 61 27.90 2.97 19.12
N ALA D 62 28.77 3.74 18.48
CA ALA D 62 29.38 3.36 17.22
C ALA D 62 30.60 2.54 17.54
N PHE D 63 30.53 1.25 17.27
CA PHE D 63 31.62 0.34 17.56
C PHE D 63 32.57 0.36 16.36
N LYS D 64 33.85 0.06 16.57
CA LYS D 64 34.84 0.06 15.49
C LYS D 64 35.93 -0.96 15.79
N ASP D 65 36.50 -1.57 14.74
CA ASP D 65 37.56 -2.55 14.91
C ASP D 65 38.87 -1.79 15.17
N ASP D 66 39.51 -2.09 16.29
CA ASP D 66 40.77 -1.46 16.67
C ASP D 66 41.68 -2.52 17.30
N LYS D 67 42.83 -2.09 17.82
CA LYS D 67 43.69 -2.94 18.65
C LYS D 67 43.31 -2.78 20.12
N ASP D 68 43.12 -1.52 20.55
CA ASP D 68 42.87 -1.16 21.96
C ASP D 68 41.40 -1.16 22.32
N TYR D 69 41.07 -1.50 23.56
CA TYR D 69 39.76 -1.17 24.10
C TYR D 69 39.77 0.28 24.53
N GLU D 70 38.78 1.02 24.04
CA GLU D 70 38.64 2.45 24.31
C GLU D 70 37.15 2.79 24.15
N PHE D 71 36.64 3.59 25.07
CA PHE D 71 35.24 3.97 25.08
C PHE D 71 35.11 5.47 25.40
N ASN D 72 34.69 6.27 24.41
CA ASN D 72 34.58 7.71 24.62
C ASN D 72 33.23 8.24 24.20
N PHE D 73 32.74 9.25 24.92
CA PHE D 73 31.61 10.08 24.47
C PHE D 73 32.10 10.93 23.32
N ILE D 74 31.24 11.18 22.34
CA ILE D 74 31.65 11.99 21.19
C ILE D 74 30.89 13.30 21.11
N LYS D 75 29.56 13.27 21.08
CA LYS D 75 28.76 14.50 20.95
C LYS D 75 27.26 14.24 21.16
N LYS D 76 26.56 15.21 21.76
CA LYS D 76 25.10 15.29 21.66
C LYS D 76 24.73 15.86 20.28
N GLU D 77 23.48 15.67 19.86
CA GLU D 77 23.09 16.00 18.51
C GLU D 77 21.65 16.49 18.50
N ASN D 78 20.80 15.73 17.84
CA ASN D 78 19.36 15.89 17.93
CA ASN D 78 19.35 15.94 17.98
C ASN D 78 18.89 15.08 19.15
N SER D 79 19.20 15.59 20.36
CA SER D 79 18.92 14.87 21.63
C SER D 79 19.46 13.42 21.60
N LEU D 80 20.54 13.22 20.86
CA LEU D 80 21.06 11.92 20.59
C LEU D 80 22.50 11.89 21.05
N GLU D 81 22.77 11.21 22.16
CA GLU D 81 24.15 11.05 22.66
C GLU D 81 24.91 9.96 21.89
N ILE D 82 26.01 10.34 21.23
CA ILE D 82 26.82 9.38 20.50
C ILE D 82 28.15 9.07 21.18
N TYR D 83 28.38 7.79 21.43
CA TYR D 83 29.64 7.30 21.97
C TYR D 83 30.33 6.39 20.97
N SER D 84 31.57 6.06 21.27
CA SER D 84 32.34 5.17 20.43
C SER D 84 32.99 4.07 21.26
N PHE D 85 33.02 2.87 20.69
CA PHE D 85 33.68 1.75 21.31
C PHE D 85 34.61 1.11 20.31
N CYS D 86 35.92 1.31 20.50
CA CYS D 86 36.93 0.60 19.73
C CYS D 86 37.20 -0.73 20.43
N LEU D 87 37.46 -1.78 19.64
CA LEU D 87 37.78 -3.09 20.22
C LEU D 87 38.23 -4.03 19.11
N PRO D 88 39.02 -5.07 19.48
CA PRO D 88 39.48 -6.05 18.48
C PRO D 88 38.33 -6.95 18.06
N LEU D 89 37.70 -6.64 16.92
CA LEU D 89 36.57 -7.46 16.46
C LEU D 89 36.98 -8.55 15.49
N GLY D 90 37.99 -8.28 14.68
CA GLY D 90 38.47 -9.23 13.68
C GLY D 90 37.89 -9.00 12.29
N PHE D 91 37.04 -7.97 12.17
CA PHE D 91 36.29 -7.70 10.92
C PHE D 91 36.12 -6.21 10.75
N LYS D 92 36.39 -5.74 9.53
CA LYS D 92 36.25 -4.33 9.21
C LYS D 92 34.76 -3.95 9.30
N VAL D 93 34.43 -2.99 10.16
CA VAL D 93 33.02 -2.59 10.30
C VAL D 93 32.63 -1.71 9.12
N ASP D 94 31.58 -2.16 8.43
CA ASP D 94 31.01 -1.47 7.29
C ASP D 94 29.53 -1.18 7.55
N GLU D 95 29.20 0.10 7.74
CA GLU D 95 27.83 0.52 8.03
C GLU D 95 27.11 1.05 6.78
N ASN D 96 27.87 1.15 5.70
CA ASN D 96 27.37 1.70 4.44
C ASN D 96 26.70 0.67 3.55
N PHE D 97 25.44 0.37 3.89
CA PHE D 97 24.57 -0.46 3.07
C PHE D 97 23.14 -0.01 3.25
N GLU D 98 22.22 -0.54 2.47
CA GLU D 98 20.82 -0.11 2.56
C GLU D 98 20.02 -1.18 3.26
N ILE D 99 19.03 -0.75 4.03
CA ILE D 99 18.05 -1.64 4.62
C ILE D 99 17.23 -2.27 3.51
N GLN D 100 17.17 -3.60 3.48
CA GLN D 100 16.25 -4.26 2.59
C GLN D 100 15.32 -5.08 3.46
N ALA D 101 14.13 -4.50 3.67
CA ALA D 101 13.12 -5.05 4.51
C ALA D 101 12.89 -6.54 4.26
N GLY D 102 13.16 -7.32 5.30
CA GLY D 102 12.75 -8.70 5.39
C GLY D 102 13.56 -9.60 4.50
N GLU D 103 14.73 -9.15 4.11
CA GLU D 103 15.55 -9.91 3.19
C GLU D 103 16.87 -10.33 3.82
N ILE D 104 17.30 -11.55 3.52
CA ILE D 104 18.58 -12.07 3.98
C ILE D 104 19.69 -11.47 3.12
N ASP D 105 20.70 -10.92 3.77
CA ASP D 105 21.70 -10.09 3.13
C ASP D 105 23.00 -10.15 3.91
N ALA D 106 24.11 -10.38 3.21
CA ALA D 106 25.43 -10.51 3.82
C ALA D 106 25.83 -9.31 4.67
N LYS D 107 25.67 -8.12 4.11
CA LYS D 107 26.13 -6.93 4.81
C LYS D 107 25.37 -6.72 6.11
N SER D 108 24.04 -6.81 6.08
CA SER D 108 23.30 -6.55 7.32
C SER D 108 23.50 -7.66 8.35
N GLY D 109 23.76 -8.88 7.88
CA GLY D 109 24.10 -10.01 8.76
C GLY D 109 25.40 -9.81 9.53
N LEU D 110 26.43 -9.32 8.83
CA LEU D 110 27.75 -9.08 9.44
C LEU D 110 27.65 -7.93 10.44
N TYR D 111 27.03 -6.85 9.99
CA TYR D 111 26.78 -5.73 10.86
C TYR D 111 26.09 -6.19 12.16
N GLY D 112 25.07 -7.01 11.99
CA GLY D 112 24.33 -7.54 13.12
C GLY D 112 25.25 -8.33 14.01
N PHE D 113 26.04 -9.24 13.43
CA PHE D 113 26.98 -9.99 14.23
C PHE D 113 27.89 -9.05 15.07
N LEU D 114 28.47 -8.06 14.39
CA LEU D 114 29.38 -7.09 15.01
C LEU D 114 28.76 -6.23 16.09
N SER D 115 27.51 -5.81 15.90
CA SER D 115 26.77 -5.10 16.95
C SER D 115 26.74 -5.95 18.23
N PHE D 116 26.44 -7.23 18.06
CA PHE D 116 26.38 -8.23 19.11
C PHE D 116 27.74 -8.44 19.76
N LYS D 117 28.78 -8.63 18.93
CA LYS D 117 30.08 -8.90 19.52
C LYS D 117 30.53 -7.74 20.39
N ALA D 118 30.38 -6.55 19.83
CA ALA D 118 30.75 -5.32 20.51
C ALA D 118 29.98 -5.16 21.83
N ALA D 119 28.67 -5.32 21.78
CA ALA D 119 27.87 -5.14 22.96
C ALA D 119 28.27 -6.18 24.00
N SER D 120 28.70 -7.35 23.55
CA SER D 120 29.16 -8.39 24.47
C SER D 120 30.37 -7.94 25.24
N TYR D 121 31.36 -7.47 24.50
CA TYR D 121 32.61 -7.14 25.13
C TYR D 121 32.44 -5.87 25.96
N PHE D 122 31.48 -5.04 25.55
CA PHE D 122 31.15 -3.81 26.28
C PHE D 122 30.65 -4.13 27.71
N VAL D 123 29.77 -5.13 27.84
CA VAL D 123 29.34 -5.60 29.14
C VAL D 123 30.48 -6.32 29.84
N TYR D 124 31.31 -7.01 29.08
CA TYR D 124 32.41 -7.74 29.69
C TYR D 124 33.42 -6.79 30.33
N GLU D 125 33.57 -5.61 29.75
CA GLU D 125 34.50 -4.64 30.27
C GLU D 125 33.84 -3.72 31.31
N LYS D 126 32.71 -4.18 31.87
CA LYS D 126 32.04 -3.48 32.97
C LYS D 126 31.56 -2.06 32.62
N HIS D 127 31.35 -1.75 31.33
CA HIS D 127 30.74 -0.48 30.91
C HIS D 127 29.20 -0.56 30.96
N ALA D 128 28.67 -1.78 31.11
CA ALA D 128 27.23 -1.95 31.23
C ALA D 128 26.92 -3.14 32.11
N HIS D 129 25.68 -3.20 32.57
CA HIS D 129 25.32 -4.23 33.52
C HIS D 129 24.98 -5.57 32.86
N ALA D 130 24.61 -5.57 31.56
CA ALA D 130 24.03 -6.75 30.90
C ALA D 130 23.80 -6.56 29.41
N LEU D 131 23.83 -7.66 28.67
CA LEU D 131 23.56 -7.63 27.24
C LEU D 131 22.12 -8.05 26.97
N LEU D 132 21.42 -7.33 26.10
CA LEU D 132 20.14 -7.82 25.57
C LEU D 132 20.29 -7.83 24.08
N THR D 133 20.18 -9.02 23.51
CA THR D 133 20.39 -9.16 22.10
C THR D 133 19.05 -9.26 21.38
N LEU D 134 18.85 -8.37 20.41
CA LEU D 134 17.71 -8.50 19.52
C LEU D 134 18.05 -9.60 18.51
N PRO D 135 17.01 -10.24 17.94
CA PRO D 135 17.13 -11.43 17.11
C PRO D 135 17.89 -11.23 15.79
N ILE D 136 18.66 -12.25 15.42
CA ILE D 136 19.46 -12.30 14.19
C ILE D 136 18.92 -13.40 13.32
N HIS D 137 19.29 -13.38 12.04
CA HIS D 137 18.97 -14.48 11.15
C HIS D 137 20.24 -15.20 10.77
N LYS D 138 20.32 -16.48 11.12
CA LYS D 138 21.54 -17.30 10.92
C LYS D 138 21.93 -17.46 9.45
N LYS D 139 20.94 -17.46 8.55
CA LYS D 139 21.26 -17.58 7.13
C LYS D 139 22.02 -16.36 6.61
N ALA D 140 21.82 -15.21 7.23
CA ALA D 140 22.61 -14.03 6.91
C ALA D 140 24.03 -14.10 7.48
N TRP D 141 24.17 -14.68 8.68
CA TRP D 141 25.50 -14.99 9.22
C TRP D 141 26.27 -15.90 8.28
N GLU D 142 25.65 -17.02 7.89
CA GLU D 142 26.21 -17.94 6.91
C GLU D 142 26.74 -17.21 5.69
N ASP D 143 25.92 -16.36 5.06
CA ASP D 143 26.34 -15.66 3.81
C ASP D 143 27.46 -14.64 3.98
N ALA D 144 27.61 -14.09 5.18
CA ALA D 144 28.73 -13.20 5.41
C ALA D 144 30.04 -13.97 5.67
N GLY D 145 30.01 -15.30 5.67
CA GLY D 145 31.21 -16.11 5.87
C GLY D 145 31.39 -16.64 7.29
N LEU D 146 30.71 -16.02 8.26
CA LEU D 146 30.85 -16.37 9.68
C LEU D 146 30.65 -17.85 9.95
N LYS D 147 31.37 -18.36 10.93
CA LYS D 147 31.31 -19.79 11.23
C LYS D 147 30.19 -20.10 12.21
N TYR D 148 29.71 -19.07 12.93
CA TYR D 148 28.78 -19.26 14.04
C TYR D 148 27.37 -19.61 13.61
N LYS D 149 26.73 -20.45 14.42
CA LYS D 149 25.35 -20.85 14.18
C LYS D 149 24.34 -19.96 14.93
N GLY D 150 24.82 -18.91 15.59
CA GLY D 150 23.91 -18.09 16.38
C GLY D 150 24.61 -17.55 17.59
N HIS D 151 23.84 -16.90 18.45
CA HIS D 151 24.40 -16.23 19.58
C HIS D 151 25.18 -17.19 20.50
N THR D 152 24.58 -18.32 20.87
CA THR D 152 25.19 -19.22 21.87
C THR D 152 26.58 -19.72 21.45
N ASP D 153 26.66 -20.14 20.20
CA ASP D 153 27.84 -20.59 19.54
C ASP D 153 28.93 -19.52 19.60
N ALA D 154 28.53 -18.27 19.41
CA ALA D 154 29.50 -17.18 19.39
C ALA D 154 29.93 -16.86 20.80
N LEU D 155 28.98 -16.76 21.71
CA LEU D 155 29.32 -16.48 23.08
C LEU D 155 30.31 -17.52 23.63
N ARG D 156 30.14 -18.77 23.19
CA ARG D 156 31.05 -19.85 23.52
C ARG D 156 32.46 -19.55 23.00
N ASP D 157 32.57 -19.03 21.80
CA ASP D 157 33.88 -18.68 21.28
C ASP D 157 34.48 -17.52 22.06
N PHE D 158 33.73 -16.43 22.21
CA PHE D 158 34.23 -15.24 22.91
C PHE D 158 34.77 -15.56 24.30
N PHE D 159 34.01 -16.32 25.09
CA PHE D 159 34.24 -16.42 26.54
C PHE D 159 34.66 -17.79 27.06
N LYS D 160 34.67 -18.78 26.17
CA LYS D 160 35.08 -20.18 26.44
C LYS D 160 34.30 -20.86 27.55
N LYS D 161 33.00 -20.57 27.62
CA LYS D 161 32.08 -21.24 28.54
C LYS D 161 30.87 -21.70 27.76
N ASN D 162 30.29 -22.81 28.18
CA ASN D 162 29.07 -23.33 27.57
C ASN D 162 27.89 -22.80 28.36
N ALA D 163 27.11 -21.95 27.70
CA ALA D 163 26.01 -21.30 28.36
C ALA D 163 24.92 -22.34 28.53
N ILE D 164 24.06 -22.10 29.50
CA ILE D 164 22.91 -22.91 29.78
C ILE D 164 21.70 -22.07 29.48
N MSE D 165 20.86 -22.55 28.57
CA MSE D 165 19.72 -21.77 28.14
C MSE D 165 18.62 -21.98 29.15
O MSE D 165 18.38 -23.10 29.55
CB MSE D 165 19.24 -22.27 26.79
CG MSE D 165 18.06 -21.47 26.30
SE MSE D 165 18.52 -19.59 25.95
CE MSE D 165 19.87 -19.91 24.58
N MSE D 166 17.96 -20.91 29.58
CA MSE D 166 16.79 -21.01 30.43
C MSE D 166 15.70 -20.19 29.76
O MSE D 166 15.95 -19.08 29.34
CB MSE D 166 17.11 -20.49 31.83
CG MSE D 166 15.89 -20.33 32.71
SE MSE D 166 16.22 -19.87 34.55
CE MSE D 166 16.69 -17.98 34.40
N LEU D 167 14.48 -20.73 29.66
CA LEU D 167 13.36 -20.06 28.95
C LEU D 167 12.21 -19.78 29.87
N GLY D 168 11.47 -18.70 29.63
CA GLY D 168 10.23 -18.50 30.35
C GLY D 168 10.07 -17.11 30.89
N CYS D 169 9.38 -17.01 32.01
CA CYS D 169 9.19 -15.76 32.72
C CYS D 169 8.89 -16.09 34.19
N LYS D 170 8.59 -15.05 34.98
CA LYS D 170 8.42 -15.16 36.44
C LYS D 170 7.53 -16.32 36.86
N GLU D 171 6.51 -16.59 36.07
CA GLU D 171 5.49 -17.57 36.36
CA GLU D 171 5.54 -17.59 36.45
C GLU D 171 5.96 -19.00 36.09
N LEU D 172 7.00 -19.14 35.26
CA LEU D 172 7.50 -20.44 34.83
C LEU D 172 8.86 -20.31 34.19
N PHE D 173 9.93 -20.84 34.79
CA PHE D 173 11.24 -20.93 34.09
C PHE D 173 11.58 -22.40 33.81
N VAL D 174 12.15 -22.65 32.65
CA VAL D 174 12.54 -24.01 32.31
C VAL D 174 13.95 -23.95 31.77
N GLY D 175 14.88 -24.59 32.46
CA GLY D 175 16.22 -24.78 31.96
C GLY D 175 16.22 -25.92 30.96
N LEU D 176 17.11 -25.86 29.97
CA LEU D 176 17.14 -26.89 28.94
C LEU D 176 18.43 -27.64 29.01
N PHE D 177 18.34 -28.96 29.24
CA PHE D 177 19.53 -29.80 29.33
C PHE D 177 20.09 -30.03 27.92
N SER D 178 19.23 -30.07 26.92
CA SER D 178 19.73 -30.06 25.56
C SER D 178 18.87 -29.19 24.69
N GLU D 179 19.41 -28.71 23.56
CA GLU D 179 18.70 -27.72 22.74
C GLU D 179 18.53 -28.18 21.31
N HIS D 180 19.28 -27.62 20.38
CA HIS D 180 19.01 -27.97 19.01
C HIS D 180 19.75 -29.21 18.52
N ILE D 181 19.39 -30.35 19.10
CA ILE D 181 19.96 -31.62 18.66
C ILE D 181 18.79 -32.53 18.32
N PRO D 182 19.01 -33.53 17.47
CA PRO D 182 17.91 -34.40 17.05
C PRO D 182 17.39 -35.21 18.24
N LEU D 183 16.07 -35.30 18.39
CA LEU D 183 15.48 -36.00 19.55
C LEU D 183 15.97 -37.45 19.74
N ALA D 184 16.17 -38.22 18.65
CA ALA D 184 16.77 -39.56 18.77
C ALA D 184 18.13 -39.59 19.52
N LYS D 185 18.84 -38.47 19.50
CA LYS D 185 20.13 -38.39 20.14
C LYS D 185 20.12 -38.00 21.60
N VAL D 186 18.99 -37.55 22.12
CA VAL D 186 18.97 -37.02 23.49
C VAL D 186 19.24 -38.06 24.60
N SER D 187 18.72 -39.27 24.43
CA SER D 187 18.80 -40.24 25.49
C SER D 187 20.24 -40.57 25.86
N LYS D 188 21.13 -40.74 24.88
CA LYS D 188 22.50 -41.17 25.22
C LYS D 188 23.24 -40.04 25.90
N LYS D 189 22.70 -38.84 25.74
CA LYS D 189 23.25 -37.67 26.34
C LYS D 189 22.90 -37.62 27.83
N ILE D 190 21.87 -38.33 28.28
CA ILE D 190 21.50 -38.29 29.68
C ILE D 190 22.36 -39.22 30.50
N THR D 191 23.51 -38.73 30.96
CA THR D 191 24.43 -39.53 31.80
C THR D 191 24.60 -38.91 33.18
N PHE D 192 25.01 -39.76 34.10
CA PHE D 192 25.29 -39.28 35.44
C PHE D 192 26.26 -38.09 35.49
N LYS D 193 27.41 -38.16 34.82
CA LYS D 193 28.37 -37.05 34.81
CA LYS D 193 28.37 -37.04 34.81
C LYS D 193 27.74 -35.75 34.27
N ASN D 194 27.37 -35.76 32.99
CA ASN D 194 26.86 -34.56 32.35
C ASN D 194 25.71 -33.93 33.09
N LEU D 195 24.74 -34.75 33.47
CA LEU D 195 23.58 -34.26 34.19
C LEU D 195 23.95 -33.68 35.57
N SER D 196 24.85 -34.32 36.30
CA SER D 196 25.30 -33.72 37.55
C SER D 196 25.97 -32.36 37.34
N ILE D 197 26.95 -32.30 36.45
CA ILE D 197 27.57 -31.02 36.09
C ILE D 197 26.48 -30.02 35.76
N PHE D 198 25.51 -30.41 34.95
CA PHE D 198 24.45 -29.50 34.60
C PHE D 198 23.68 -29.02 35.83
N LEU D 199 23.21 -29.92 36.67
CA LEU D 199 22.37 -29.52 37.82
C LEU D 199 23.09 -28.65 38.82
N LYS D 200 24.40 -28.88 38.99
CA LYS D 200 25.20 -28.01 39.84
C LYS D 200 25.29 -26.58 39.26
N ASP D 201 25.74 -26.46 38.01
CA ASP D 201 25.92 -25.13 37.42
C ASP D 201 24.57 -24.42 37.35
N PHE D 202 23.50 -25.13 37.04
CA PHE D 202 22.21 -24.48 36.89
C PHE D 202 21.77 -23.91 38.21
N TYR D 203 22.06 -24.59 39.32
CA TYR D 203 21.73 -24.04 40.61
C TYR D 203 22.61 -22.83 40.94
N LYS D 204 23.91 -23.00 40.77
CA LYS D 204 24.86 -21.93 41.03
C LYS D 204 24.50 -20.63 40.26
N GLU D 205 23.88 -20.80 39.11
CA GLU D 205 23.56 -19.68 38.28
C GLU D 205 22.21 -19.07 38.60
N THR D 206 21.34 -19.75 39.35
CA THR D 206 20.02 -19.17 39.62
C THR D 206 19.68 -19.01 41.07
N HIS D 207 20.18 -19.91 41.91
CA HIS D 207 19.80 -19.94 43.33
C HIS D 207 18.31 -20.21 43.58
N PHE D 208 17.64 -20.86 42.62
CA PHE D 208 16.28 -21.32 42.87
C PHE D 208 16.29 -22.37 43.97
N LYS D 209 15.28 -22.34 44.84
CA LYS D 209 15.28 -23.20 46.02
C LYS D 209 14.51 -24.49 45.80
N LYS D 210 13.61 -24.48 44.82
CA LYS D 210 12.78 -25.64 44.58
C LYS D 210 12.62 -25.95 43.08
N MSE D 211 13.48 -26.85 42.57
CA MSE D 211 13.46 -27.20 41.16
C MSE D 211 13.03 -28.65 40.91
O MSE D 211 13.29 -29.54 41.73
CB MSE D 211 14.82 -26.94 40.51
CG MSE D 211 15.29 -25.51 40.61
SE MSE D 211 17.16 -25.32 40.20
CE MSE D 211 17.91 -25.78 41.91
N GLY D 212 12.38 -28.85 39.77
CA GLY D 212 11.95 -30.17 39.37
C GLY D 212 12.56 -30.53 38.04
N LEU D 213 12.80 -31.82 37.85
CA LEU D 213 13.23 -32.37 36.57
C LEU D 213 12.04 -33.03 35.90
N LEU D 214 11.87 -32.79 34.61
CA LEU D 214 10.80 -33.44 33.91
C LEU D 214 11.20 -34.85 33.43
N GLY D 215 10.30 -35.83 33.62
CA GLY D 215 10.52 -37.18 33.09
C GLY D 215 10.85 -37.12 31.62
N PHE D 216 11.74 -38.00 31.19
CA PHE D 216 12.10 -38.13 29.82
C PHE D 216 11.15 -39.07 29.08
N ASN D 217 10.80 -40.20 29.70
CA ASN D 217 9.78 -41.11 29.18
C ASN D 217 8.38 -40.66 29.61
N PRO D 218 7.36 -41.12 28.93
CA PRO D 218 6.01 -40.83 29.38
C PRO D 218 5.73 -41.22 30.85
N HIS D 219 4.97 -40.41 31.61
CA HIS D 219 4.62 -40.72 33.03
C HIS D 219 5.92 -41.03 33.79
N ALA D 220 6.98 -40.34 33.38
CA ALA D 220 8.29 -40.46 33.97
C ALA D 220 8.70 -41.91 34.17
N GLY D 221 8.45 -42.76 33.16
CA GLY D 221 8.86 -44.15 33.16
C GLY D 221 7.83 -45.08 33.81
N ASP D 222 6.86 -44.51 34.54
CA ASP D 222 5.83 -45.30 35.21
C ASP D 222 6.45 -46.42 36.06
N TYR D 223 7.22 -45.99 37.08
CA TYR D 223 7.90 -46.91 37.99
C TYR D 223 8.61 -48.02 37.25
N GLY D 224 9.44 -47.63 36.28
CA GLY D 224 10.20 -48.60 35.46
C GLY D 224 9.45 -49.41 34.39
N VAL D 225 8.18 -49.10 34.14
CA VAL D 225 7.40 -49.93 33.18
C VAL D 225 7.42 -49.42 31.74
N ILE D 226 7.72 -48.13 31.56
CA ILE D 226 7.87 -47.49 30.24
C ILE D 226 9.28 -46.94 30.17
N GLY D 227 10.24 -47.85 30.06
CA GLY D 227 11.63 -47.47 29.95
C GLY D 227 12.18 -47.30 31.35
N GLY D 228 12.29 -46.06 31.78
CA GLY D 228 12.70 -45.73 33.12
C GLY D 228 14.18 -45.65 33.38
N GLU D 229 15.03 -46.03 32.43
CA GLU D 229 16.49 -45.96 32.69
C GLU D 229 16.99 -44.51 32.89
N GLU D 230 16.54 -43.62 32.01
CA GLU D 230 16.87 -42.23 32.11
C GLU D 230 16.47 -41.64 33.48
N GLU D 231 15.31 -42.06 33.99
CA GLU D 231 14.85 -41.54 35.28
C GLU D 231 15.67 -42.06 36.46
N LYS D 232 16.33 -43.19 36.30
CA LYS D 232 17.18 -43.69 37.38
C LYS D 232 18.36 -42.77 37.49
N ILE D 233 18.95 -42.46 36.34
CA ILE D 233 20.09 -41.55 36.25
C ILE D 233 19.73 -40.16 36.78
N MSE D 234 18.57 -39.67 36.41
CA MSE D 234 18.11 -38.41 36.95
C MSE D 234 18.07 -38.45 38.46
O MSE D 234 18.58 -37.55 39.14
CB MSE D 234 16.73 -38.07 36.40
CG MSE D 234 16.80 -37.78 34.96
SE MSE D 234 15.11 -37.31 34.13
CE MSE D 234 15.45 -38.56 32.77
N GLU D 235 17.48 -39.52 38.99
CA GLU D 235 17.34 -39.64 40.43
C GLU D 235 18.68 -39.68 41.15
N LYS D 236 19.63 -40.37 40.54
CA LYS D 236 20.95 -40.49 41.09
C LYS D 236 21.70 -39.17 40.96
N ALA D 237 21.62 -38.50 39.82
CA ALA D 237 22.18 -37.12 39.75
C ALA D 237 21.52 -36.11 40.74
N ILE D 238 20.21 -36.05 40.77
CA ILE D 238 19.55 -35.23 41.76
C ILE D 238 20.08 -35.55 43.16
N ALA D 239 20.14 -36.83 43.52
CA ALA D 239 20.44 -37.11 44.93
C ALA D 239 21.87 -36.62 45.25
N PHE D 240 22.77 -36.88 44.33
CA PHE D 240 24.16 -36.53 44.48
C PHE D 240 24.38 -35.02 44.49
N VAL D 241 23.70 -34.29 43.60
CA VAL D 241 23.85 -32.83 43.62
C VAL D 241 23.22 -32.15 44.85
N ASN D 242 21.99 -32.51 45.19
CA ASN D 242 21.37 -32.04 46.43
C ASN D 242 22.39 -32.22 47.54
N ALA D 243 22.89 -33.43 47.71
CA ALA D 243 23.84 -33.65 48.79
C ALA D 243 25.11 -32.79 48.69
N PHE D 244 25.69 -32.63 47.50
CA PHE D 244 26.92 -31.86 47.40
C PHE D 244 26.70 -30.36 47.79
N LEU D 245 25.68 -29.73 47.21
CA LEU D 245 25.29 -28.36 47.53
C LEU D 245 25.12 -28.15 49.04
N HIS D 246 24.43 -29.06 49.72
CA HIS D 246 24.23 -28.92 51.15
CA HIS D 246 24.21 -28.94 51.16
C HIS D 246 25.54 -29.03 51.93
N SER D 247 26.49 -29.81 51.41
CA SER D 247 27.77 -30.02 52.10
C SER D 247 28.71 -28.81 52.04
N LYS D 248 28.41 -27.83 51.20
CA LYS D 248 29.30 -26.66 51.01
C LYS D 248 30.74 -27.01 50.57
N LYS D 249 31.03 -28.29 50.33
CA LYS D 249 32.27 -28.68 49.66
C LYS D 249 32.49 -27.96 48.31
N ASP D 250 33.75 -27.93 47.89
CA ASP D 250 34.21 -27.19 46.72
C ASP D 250 34.26 -28.05 45.42
N GLU D 251 34.63 -27.39 44.33
CA GLU D 251 34.60 -27.95 42.97
C GLU D 251 35.62 -29.03 42.75
N LYS D 252 36.78 -28.88 43.38
CA LYS D 252 37.84 -29.87 43.22
C LYS D 252 37.35 -31.21 43.73
N PHE D 253 36.56 -31.15 44.80
CA PHE D 253 35.95 -32.31 45.41
C PHE D 253 34.90 -32.94 44.52
N PHE D 254 34.09 -32.08 43.92
CA PHE D 254 32.98 -32.53 43.13
C PHE D 254 33.51 -33.35 41.95
N LYS D 255 34.62 -32.90 41.40
CA LYS D 255 35.24 -33.51 40.26
C LYS D 255 35.72 -34.92 40.62
N LYS D 256 36.24 -35.05 41.83
CA LYS D 256 36.73 -36.29 42.39
C LYS D 256 35.56 -37.22 42.72
N ALA D 257 34.58 -36.70 43.45
CA ALA D 257 33.37 -37.44 43.78
C ALA D 257 32.67 -38.01 42.58
N LEU D 258 32.65 -37.26 41.46
CA LEU D 258 31.95 -37.74 40.26
C LEU D 258 32.40 -39.12 39.79
N LYS D 259 33.62 -39.54 40.14
CA LYS D 259 34.14 -40.79 39.63
C LYS D 259 34.04 -41.90 40.65
N ASP D 260 33.80 -41.55 41.92
CA ASP D 260 33.89 -42.53 43.02
C ASP D 260 32.59 -42.80 43.75
N GLU D 261 31.96 -43.92 43.41
CA GLU D 261 30.71 -44.36 44.05
C GLU D 261 30.75 -44.32 45.59
N ASN D 262 31.89 -44.66 46.18
CA ASN D 262 32.06 -44.63 47.63
C ASN D 262 32.09 -43.22 48.21
N LEU D 263 32.71 -42.29 47.49
CA LEU D 263 32.65 -40.91 47.88
C LEU D 263 31.21 -40.41 47.77
N GLN D 264 30.54 -40.69 46.66
CA GLN D 264 29.13 -40.31 46.52
C GLN D 264 28.31 -40.81 47.69
N LYS D 265 28.53 -42.07 48.07
CA LYS D 265 27.74 -42.68 49.13
C LYS D 265 28.03 -41.99 50.48
N GLU D 266 29.30 -41.72 50.74
CA GLU D 266 29.71 -41.03 51.96
C GLU D 266 28.98 -39.71 52.02
N LEU D 267 29.00 -39.00 50.92
CA LEU D 267 28.26 -37.76 50.84
C LEU D 267 26.79 -37.95 51.16
N LEU D 268 26.17 -39.03 50.66
CA LEU D 268 24.73 -39.24 50.80
C LEU D 268 24.34 -39.61 52.23
N LEU D 269 25.20 -40.32 52.94
CA LEU D 269 24.92 -40.67 54.33
C LEU D 269 24.95 -39.45 55.25
N ASN D 270 25.78 -38.46 54.91
CA ASN D 270 25.97 -37.29 55.75
C ASN D 270 25.00 -36.17 55.50
N PHE D 271 24.27 -36.25 54.40
CA PHE D 271 23.27 -35.26 54.00
C PHE D 271 21.93 -35.41 54.74
N LYS D 272 21.81 -34.68 55.85
CA LYS D 272 20.51 -34.44 56.49
C LYS D 272 19.86 -33.14 55.97
N GLY D 273 18.92 -33.32 55.02
CA GLY D 273 18.08 -32.23 54.52
C GLY D 273 17.12 -32.59 53.38
N LYS D 274 16.43 -31.56 52.87
CA LYS D 274 15.71 -31.64 51.61
C LYS D 274 16.62 -30.87 50.69
N GLY D 275 16.78 -31.34 49.48
CA GLY D 275 17.64 -30.62 48.57
C GLY D 275 16.93 -29.42 47.95
N VAL D 276 17.57 -28.86 46.95
CA VAL D 276 16.96 -27.82 46.16
C VAL D 276 16.15 -28.42 44.97
N TYR D 277 16.55 -29.61 44.53
CA TYR D 277 15.78 -30.34 43.53
C TYR D 277 14.85 -31.35 44.15
N LEU D 278 13.63 -31.38 43.71
CA LEU D 278 12.74 -32.44 44.08
C LEU D 278 13.36 -33.79 43.72
N PRO D 279 13.13 -34.81 44.55
CA PRO D 279 13.81 -36.11 44.34
C PRO D 279 13.39 -36.94 43.13
N TYR D 280 12.20 -36.74 42.60
CA TYR D 280 11.72 -37.62 41.54
C TYR D 280 11.32 -36.82 40.34
N PRO D 281 11.55 -37.36 39.14
CA PRO D 281 11.17 -36.58 37.99
C PRO D 281 9.67 -36.38 38.01
N LEU D 282 9.23 -35.30 37.42
CA LEU D 282 7.84 -34.94 37.33
C LEU D 282 7.25 -35.54 36.06
N VAL D 283 5.99 -35.92 36.14
CA VAL D 283 5.27 -36.43 35.02
C VAL D 283 4.81 -35.23 34.20
N ALA D 284 5.04 -35.27 32.89
CA ALA D 284 4.73 -34.10 32.06
C ALA D 284 3.23 -33.79 32.03
N ASP D 285 2.38 -34.82 32.10
CA ASP D 285 0.93 -34.63 32.04
C ASP D 285 0.39 -33.62 33.04
N THR D 286 1.08 -33.46 34.18
CA THR D 286 0.52 -32.65 35.26
C THR D 286 1.38 -31.45 35.48
N ALA D 287 2.58 -31.46 34.91
CA ALA D 287 3.56 -30.49 35.34
C ALA D 287 3.19 -29.07 34.96
N PHE D 288 2.33 -28.89 33.96
CA PHE D 288 2.06 -27.53 33.44
C PHE D 288 0.61 -27.17 33.62
N THR D 289 -0.04 -27.74 34.63
CA THR D 289 -1.42 -27.45 34.91
C THR D 289 -1.40 -26.45 36.05
N LYS D 290 -2.58 -25.89 36.37
CA LYS D 290 -2.70 -24.94 37.47
C LYS D 290 -2.07 -25.53 38.72
N THR D 291 -2.59 -26.67 39.18
CA THR D 291 -2.05 -27.24 40.40
C THR D 291 -0.59 -27.70 40.20
N GLY D 292 -0.24 -28.05 38.97
CA GLY D 292 1.12 -28.45 38.71
C GLY D 292 2.14 -27.35 38.99
N LEU D 293 1.90 -26.17 38.41
CA LEU D 293 2.81 -25.04 38.54
C LEU D 293 2.86 -24.43 39.93
N LYS D 294 1.75 -24.54 40.66
CA LYS D 294 1.72 -24.12 42.05
C LYS D 294 2.63 -24.98 42.94
N ASN D 295 2.74 -26.27 42.65
CA ASN D 295 3.68 -27.15 43.36
C ASN D 295 5.13 -26.90 42.95
N CYS D 296 5.38 -26.83 41.65
CA CYS D 296 6.71 -26.49 41.12
C CYS D 296 6.62 -25.67 39.82
N ASN D 297 7.47 -24.64 39.70
CA ASN D 297 7.46 -23.71 38.56
C ASN D 297 8.84 -23.24 38.16
N ARG D 298 9.84 -23.97 38.63
CA ARG D 298 11.20 -23.87 38.14
C ARG D 298 11.59 -25.28 37.69
N LEU D 299 11.68 -25.50 36.37
CA LEU D 299 11.82 -26.83 35.84
C LEU D 299 13.07 -27.00 34.99
N VAL D 300 13.42 -28.25 34.72
CA VAL D 300 14.54 -28.58 33.87
C VAL D 300 14.00 -29.66 32.94
N ALA D 301 14.15 -29.43 31.64
CA ALA D 301 13.70 -30.39 30.69
C ALA D 301 14.88 -31.03 29.99
N MSE D 302 14.79 -32.33 29.77
CA MSE D 302 15.84 -33.05 29.11
C MSE D 302 15.95 -32.68 27.62
O MSE D 302 17.05 -32.71 27.07
CB MSE D 302 15.61 -34.55 29.30
CG MSE D 302 15.55 -34.96 30.77
SE MSE D 302 17.31 -34.63 31.57
CE MSE D 302 16.81 -33.14 32.71
N TYR D 303 14.83 -32.29 26.98
CA TYR D 303 14.84 -31.91 25.57
C TYR D 303 13.91 -30.73 25.19
N HIS D 304 14.08 -30.23 23.98
CA HIS D 304 13.75 -28.89 23.64
C HIS D 304 12.23 -28.70 23.52
N ASP D 305 11.54 -29.64 22.88
CA ASP D 305 10.13 -29.43 22.62
C ASP D 305 9.28 -29.54 23.85
N LEU D 306 9.76 -30.27 24.86
CA LEU D 306 9.00 -30.45 26.07
C LEU D 306 8.96 -29.15 26.86
N ALA D 307 9.92 -28.27 26.63
CA ALA D 307 9.87 -26.92 27.19
C ALA D 307 9.01 -26.03 26.28
N LEU D 308 9.44 -25.85 25.03
CA LEU D 308 8.78 -24.92 24.12
C LEU D 308 7.27 -25.13 24.00
N ALA D 309 6.83 -26.34 23.75
CA ALA D 309 5.45 -26.50 23.37
C ALA D 309 4.51 -25.97 24.46
N PRO D 310 4.69 -26.41 25.73
CA PRO D 310 3.74 -25.87 26.72
C PRO D 310 4.10 -24.46 27.16
N LEU D 311 5.39 -24.16 27.24
CA LEU D 311 5.83 -22.84 27.61
C LEU D 311 5.21 -21.84 26.65
N LYS D 312 5.31 -22.08 25.35
CA LYS D 312 4.66 -21.19 24.36
C LYS D 312 3.14 -21.25 24.38
N ALA D 313 2.54 -22.38 24.77
CA ALA D 313 1.10 -22.42 24.86
C ALA D 313 0.56 -21.48 25.95
N LEU D 314 1.33 -21.24 27.01
CA LEU D 314 0.86 -20.46 28.16
C LEU D 314 1.30 -18.99 28.19
N TYR D 315 2.49 -18.72 27.65
CA TYR D 315 3.20 -17.46 27.85
C TYR D 315 3.97 -17.06 26.57
N PHE D 316 3.24 -17.03 25.45
CA PHE D 316 3.80 -16.69 24.15
C PHE D 316 4.29 -15.23 24.14
N ASP D 317 3.52 -14.32 24.74
CA ASP D 317 3.86 -12.90 24.75
C ASP D 317 5.17 -12.61 25.49
N LYS D 318 5.28 -13.09 26.74
CA LYS D 318 6.29 -12.60 27.70
C LYS D 318 7.51 -13.50 27.94
N SER D 319 7.69 -14.49 27.10
CA SER D 319 8.69 -15.49 27.38
C SER D 319 10.02 -15.01 26.81
N ILE D 320 11.05 -15.00 27.66
CA ILE D 320 12.38 -14.57 27.30
C ILE D 320 13.35 -15.76 27.25
N ASN D 321 14.51 -15.59 26.63
CA ASN D 321 15.61 -16.55 26.72
C ASN D 321 16.73 -15.95 27.56
N VAL D 322 17.22 -16.70 28.54
CA VAL D 322 18.31 -16.22 29.42
C VAL D 322 19.51 -17.10 29.22
N SER D 323 20.68 -16.49 29.06
CA SER D 323 21.90 -17.28 28.91
C SER D 323 22.63 -17.33 30.22
N LEU D 324 22.53 -18.46 30.92
CA LEU D 324 23.27 -18.59 32.16
C LEU D 324 24.68 -19.11 31.94
N ASN D 325 25.55 -18.96 32.93
CA ASN D 325 26.84 -19.63 32.93
C ASN D 325 27.90 -18.91 32.11
N LEU D 326 27.64 -17.66 31.77
CA LEU D 326 28.63 -16.85 31.09
C LEU D 326 29.19 -15.82 32.06
N PRO D 327 30.35 -15.21 31.73
CA PRO D 327 30.92 -14.09 32.54
C PRO D 327 30.21 -12.74 32.39
N ILE D 328 29.25 -12.67 31.47
CA ILE D 328 28.28 -11.57 31.38
C ILE D 328 26.84 -12.07 31.54
N ILE D 329 25.93 -11.20 31.92
CA ILE D 329 24.50 -11.44 31.85
C ILE D 329 24.05 -11.15 30.40
N ARG D 330 23.40 -12.14 29.79
CA ARG D 330 22.88 -12.01 28.44
C ARG D 330 21.44 -12.54 28.45
N VAL D 331 20.49 -11.67 28.13
CA VAL D 331 19.13 -12.10 27.85
C VAL D 331 18.85 -11.93 26.38
N SER D 332 17.71 -12.41 25.91
CA SER D 332 17.36 -12.31 24.53
C SER D 332 15.87 -12.51 24.41
N VAL D 333 15.31 -12.29 23.22
CA VAL D 333 13.91 -12.60 22.99
C VAL D 333 13.75 -13.48 21.77
N ASP D 334 12.63 -14.18 21.69
CA ASP D 334 12.38 -15.04 20.51
C ASP D 334 11.96 -14.26 19.27
N HIS D 335 12.73 -14.44 18.18
CA HIS D 335 12.43 -13.81 16.86
C HIS D 335 10.92 -13.58 16.74
N GLY D 336 10.13 -14.66 16.79
CA GLY D 336 8.69 -14.56 17.10
C GLY D 336 7.63 -14.67 15.98
N THR D 337 7.51 -13.60 15.18
CA THR D 337 6.68 -13.59 13.94
C THR D 337 7.56 -14.03 12.72
N ALA D 338 7.00 -13.97 11.50
CA ALA D 338 7.81 -14.26 10.30
C ALA D 338 8.81 -13.11 9.96
N PHE D 339 10.10 -13.48 9.95
CA PHE D 339 11.21 -12.55 9.76
C PHE D 339 10.84 -11.43 8.77
N ASP D 340 10.27 -11.87 7.65
CA ASP D 340 9.81 -11.05 6.54
C ASP D 340 9.08 -9.79 6.98
N LYS D 341 7.94 -9.95 7.65
CA LYS D 341 7.01 -8.83 7.91
C LYS D 341 7.49 -7.63 8.81
N ALA D 342 8.59 -7.03 8.37
CA ALA D 342 9.23 -5.93 9.03
C ALA D 342 9.12 -4.68 8.15
N TYR D 343 9.01 -3.52 8.80
CA TYR D 343 8.84 -2.23 8.14
C TYR D 343 7.52 -2.18 7.38
N LYS D 344 6.47 -2.77 7.94
CA LYS D 344 5.15 -2.75 7.32
C LYS D 344 4.17 -2.09 8.28
N ASN D 345 4.64 -1.58 9.40
CA ASN D 345 3.73 -1.16 10.46
C ASN D 345 2.79 -2.29 10.90
N ALA D 346 3.32 -3.50 10.99
CA ALA D 346 2.54 -4.60 11.49
C ALA D 346 2.39 -4.45 13.00
N LYS D 347 1.46 -5.19 13.55
CA LYS D 347 1.27 -5.19 14.97
C LYS D 347 2.42 -6.03 15.56
N ILE D 348 3.18 -5.42 16.47
CA ILE D 348 4.36 -6.07 16.99
C ILE D 348 4.33 -6.10 18.50
N ASN D 349 4.48 -7.29 19.05
CA ASN D 349 4.47 -7.43 20.46
C ASN D 349 5.78 -7.05 21.14
N THR D 350 5.77 -6.09 22.04
CA THR D 350 7.01 -5.72 22.69
C THR D 350 7.17 -6.28 24.09
N LYS D 351 6.19 -7.06 24.55
CA LYS D 351 6.15 -7.49 25.95
C LYS D 351 7.42 -8.20 26.41
N SER D 352 8.00 -9.01 25.56
CA SER D 352 9.11 -9.80 26.01
C SER D 352 10.43 -9.03 26.02
N TYR D 353 10.50 -8.01 25.19
CA TYR D 353 11.62 -7.10 25.23
C TYR D 353 11.72 -6.43 26.59
N PHE D 354 10.55 -6.06 27.13
CA PHE D 354 10.52 -5.45 28.47
C PHE D 354 10.82 -6.45 29.56
N GLU D 355 10.26 -7.66 29.42
CA GLU D 355 10.47 -8.68 30.43
C GLU D 355 11.96 -9.05 30.45
N ALA D 356 12.59 -9.13 29.27
CA ALA D 356 14.01 -9.46 29.24
C ALA D 356 14.77 -8.34 29.91
N ALA D 357 14.42 -7.12 29.55
CA ALA D 357 15.04 -5.99 30.16
C ALA D 357 14.91 -6.07 31.67
N LYS D 358 13.70 -6.23 32.20
CA LYS D 358 13.48 -6.22 33.66
C LYS D 358 14.25 -7.36 34.37
N PHE D 359 14.34 -8.52 33.71
CA PHE D 359 15.03 -9.63 34.28
C PHE D 359 16.49 -9.27 34.53
N ALA D 360 17.14 -8.69 33.52
CA ALA D 360 18.55 -8.32 33.59
C ALA D 360 18.82 -7.23 34.62
N ILE D 361 17.88 -6.31 34.79
CA ILE D 361 18.01 -5.23 35.74
C ILE D 361 17.97 -5.75 37.16
N ASN D 362 17.12 -6.76 37.39
CA ASN D 362 16.89 -7.28 38.73
C ASN D 362 18.01 -8.17 39.26
N LEU D 363 18.87 -8.68 38.36
CA LEU D 363 20.04 -9.46 38.77
C LEU D 363 21.13 -8.59 39.40
N HIS D 364 22.02 -9.22 40.17
CA HIS D 364 23.15 -8.50 40.77
C HIS D 364 24.33 -8.46 39.78
N SER D 365 25.17 -7.43 39.90
CA SER D 365 26.39 -7.28 39.09
C SER D 365 27.29 -8.51 39.17
N LYS D 366 27.93 -8.81 38.04
CA LYS D 366 28.85 -9.93 37.94
C LYS D 366 30.27 -9.64 38.46
NI NI E . -10.17 24.73 -14.58
O1 UNL F . -7.90 24.99 -12.35
O2 UNL F . -10.13 22.35 -13.84
O3 UNL F . -8.87 23.10 -15.66
O4 UNL F . -9.56 21.07 -10.70
O5 UNL F . -17.45 17.74 -24.31
O6 UNL F . -19.08 18.47 -22.04
O7 UNL F . -17.68 19.23 -20.45
O8 UNL F . -17.94 16.94 -19.76
O9 UNL F . -15.99 17.98 -19.38
O10 UNL F . -16.44 18.69 -16.94
O11 UNL F . -16.56 16.85 -14.95
O12 UNL F . -15.41 18.23 -14.55
O13 UNL F . -14.13 18.87 -15.38
O14 UNL F . -13.95 20.29 -14.00
O15 UNL F . -12.70 19.44 -12.84
O16 UNL F . -12.19 20.80 -11.73
O17 UNL F . -10.18 20.66 -12.70
O18 UNL F . -15.44 23.42 -13.49
O19 UNL F . -8.02 23.53 -13.92
O20 UNL F . -14.61 21.63 -13.16
O1 UNL G . -4.94 41.47 -34.32
O2 UNL G . -1.29 41.29 -34.73
O3 UNL G . -1.98 39.38 -33.63
O4 UNL G . -2.40 43.23 -37.68
O5 UNL G . 10.31 38.64 -29.54
O6 UNL G . 10.38 40.75 -29.19
O7 UNL G . 8.84 41.15 -30.42
O8 UNL G . 9.38 41.50 -32.16
O9 UNL G . 7.16 40.42 -32.37
O10 UNL G . 7.52 41.77 -33.84
O11 UNL G . 5.91 43.01 -33.02
O12 UNL G . 6.55 43.73 -35.20
O13 UNL G . 4.54 44.40 -35.60
O14 UNL G . 4.01 42.75 -34.84
O15 UNL G . 2.31 43.71 -34.86
O16 UNL G . 1.71 43.00 -36.64
O17 UNL G . 0.11 44.05 -36.39
O18 UNL G . -0.57 41.79 -36.67
O19 UNL G . 0.56 45.94 -32.05
O20 UNL G . -3.64 39.91 -34.99
O UNL G . 1.43 44.76 -33.33
NI NI H . -2.61 41.21 -32.62
O1 UNL I . -2.05 -42.30 26.88
O2 UNL I . -3.10 -41.91 30.20
O3 UNL I . -2.06 -40.09 29.35
O4 UNL I . -4.98 -44.50 29.30
O5 UNL I . -1.32 -39.74 40.72
O6 UNL I . 0.32 -35.84 41.60
O7 UNL I . -1.45 -39.46 38.65
O8 UNL I . 1.28 -38.09 41.82
O9 UNL I . -3.35 -40.61 38.80
O10 UNL I . 0.41 -38.84 40.03
O11 UNL I . -1.86 -41.70 37.64
O12 UNL I . -3.63 -43.54 38.36
O13 UNL I . -3.32 -44.00 36.41
O14 UNL I . -3.48 -42.44 35.56
O15 UNL I . -3.10 -43.22 33.94
O16 UNL I . -3.63 -44.77 32.02
O17 UNL I . -4.63 -43.05 31.11
O18 UNL I . 0.13 -45.52 33.03
O19 UNL I . -3.16 -40.96 27.90
O20 UNL I . -1.32 -44.35 33.70
NI NI J . -0.61 -41.70 29.15
O1 UNL K . 16.75 -22.82 21.96
O2 UNL K . 14.92 -20.83 19.41
O3 UNL K . 13.30 -21.79 20.60
O4 UNL K . 17.80 -19.23 19.64
O5 UNL K . 4.88 -20.44 9.90
O6 UNL K . 6.87 -20.45 9.06
O7 UNL K . 8.80 -20.29 10.47
O8 UNL K . 9.24 -18.21 10.66
O9 UNL K . 9.60 -19.27 12.69
O10 UNL K . 11.55 -18.92 12.08
O11 UNL K . 13.30 -16.83 12.13
O12 UNL K . 13.90 -18.42 13.60
O13 UNL K . 14.29 -19.16 15.18
O14 UNL K . 16.00 -18.91 16.56
O15 UNL K . 15.99 -19.00 18.77
O16 UNL K . 16.84 -22.77 14.66
O17 UNL K . 14.98 -21.58 21.87
O18 UNL K . 15.50 -21.00 14.71
NI NI L . 14.79 -23.46 19.69
#